data_5EXH
# 
_entry.id   5EXH 
# 
_audit_conform.dict_name       mmcif_pdbx.dic 
_audit_conform.dict_version    5.379 
_audit_conform.dict_location   http://mmcif.pdb.org/dictionaries/ascii/mmcif_pdbx.dic 
# 
loop_
_database_2.database_id 
_database_2.database_code 
_database_2.pdbx_database_accession 
_database_2.pdbx_DOI 
PDB   5EXH         pdb_00005exh 10.2210/pdb5exh/pdb 
WWPDB D_1000215662 ?            ?                   
# 
_pdbx_database_status.status_code                     REL 
_pdbx_database_status.status_code_sf                  REL 
_pdbx_database_status.status_code_mr                  ? 
_pdbx_database_status.entry_id                        5EXH 
_pdbx_database_status.recvd_initial_deposition_date   2015-11-23 
_pdbx_database_status.SG_entry                        N 
_pdbx_database_status.deposit_site                    RCSB 
_pdbx_database_status.process_site                    RCSB 
_pdbx_database_status.status_code_cs                  ? 
_pdbx_database_status.methods_development_category    ? 
_pdbx_database_status.pdb_format_compatible           Y 
_pdbx_database_status.status_code_nmr_data            ? 
# 
_audit_author.name           'Song, J.' 
_audit_author.pdbx_ordinal   1 
# 
_citation.abstract                  ? 
_citation.abstract_id_CAS           ? 
_citation.book_id_ISBN              ? 
_citation.book_publisher            ? 
_citation.book_publisher_city       ? 
_citation.book_title                ? 
_citation.coordinate_linkage        ? 
_citation.country                   US 
_citation.database_id_Medline       ? 
_citation.details                   ? 
_citation.id                        primary 
_citation.journal_abbrev            'Cell Rep' 
_citation.journal_id_ASTM           ? 
_citation.journal_id_CSD            ? 
_citation.journal_id_ISSN           2211-1247 
_citation.journal_full              ? 
_citation.journal_issue             ? 
_citation.journal_volume            14 
_citation.language                  ? 
_citation.page_first                493 
_citation.page_last                 505 
_citation.title                     
'Tet3 Reads 5-Carboxylcytosine through Its CXXC Domain and Is a Potential Guardian against Neurodegeneration.' 
_citation.year                      2016 
_citation.database_id_CSD           ? 
_citation.pdbx_database_id_DOI      10.1016/j.celrep.2015.12.044 
_citation.pdbx_database_id_PubMed   26774490 
_citation.unpublished_flag          ? 
# 
loop_
_citation_author.citation_id 
_citation_author.name 
_citation_author.ordinal 
_citation_author.identifier_ORCID 
primary 'Jin, S.G.'     1  ? 
primary 'Zhang, Z.M.'   2  ? 
primary 'Dunwell, T.L.' 3  ? 
primary 'Harter, M.R.'  4  ? 
primary 'Wu, X.'        5  ? 
primary 'Johnson, J.'   6  ? 
primary 'Li, Z.'        7  ? 
primary 'Liu, J.'       8  ? 
primary 'Szabo, P.E.'   9  ? 
primary 'Lu, Q.'        10 ? 
primary 'Xu, G.L.'      11 ? 
primary 'Song, J.'      12 ? 
primary 'Pfeifer, G.P.' 13 ? 
# 
_cell.angle_alpha                  90.00 
_cell.angle_alpha_esd              ? 
_cell.angle_beta                   104.44 
_cell.angle_beta_esd               ? 
_cell.angle_gamma                  90.00 
_cell.angle_gamma_esd              ? 
_cell.entry_id                     5EXH 
_cell.details                      ? 
_cell.formula_units_Z              ? 
_cell.length_a                     74.959 
_cell.length_a_esd                 ? 
_cell.length_b                     27.230 
_cell.length_b_esd                 ? 
_cell.length_c                     47.060 
_cell.length_c_esd                 ? 
_cell.volume                       ? 
_cell.volume_esd                   ? 
_cell.Z_PDB                        8 
_cell.reciprocal_angle_alpha       ? 
_cell.reciprocal_angle_beta        ? 
_cell.reciprocal_angle_gamma       ? 
_cell.reciprocal_angle_alpha_esd   ? 
_cell.reciprocal_angle_beta_esd    ? 
_cell.reciprocal_angle_gamma_esd   ? 
_cell.reciprocal_length_a          ? 
_cell.reciprocal_length_b          ? 
_cell.reciprocal_length_c          ? 
_cell.reciprocal_length_a_esd      ? 
_cell.reciprocal_length_b_esd      ? 
_cell.reciprocal_length_c_esd      ? 
_cell.pdbx_unique_axis             ? 
# 
_symmetry.entry_id                         5EXH 
_symmetry.cell_setting                     ? 
_symmetry.Int_Tables_number                5 
_symmetry.space_group_name_Hall            ? 
_symmetry.space_group_name_H-M             'C 1 2 1' 
_symmetry.pdbx_full_space_group_name_H-M   ? 
# 
loop_
_entity.id 
_entity.type 
_entity.src_method 
_entity.pdbx_description 
_entity.formula_weight 
_entity.pdbx_number_of_molecules 
_entity.pdbx_ec 
_entity.pdbx_mutation 
_entity.pdbx_fragment 
_entity.details 
1 polymer     syn 
;DNA (5'-D(*GP*AP*AP*TP*CP*(1CC)P*GP*GP*AP*TP*TP*C)-3')
;
3706.414 2   ?         ? ?                                  ? 
2 polymer     man 'Methylcytosine dioxygenase TET3'                        5501.648 1   1.14.11.- ? 
'CXXC domain (UNP residues 51-96)' ? 
3 non-polymer syn 'ZINC ION'                                               65.409   2   ?         ? ? ? 
4 water       nat water                                                    18.015   230 ?         ? ? ? 
# 
_entity_name_com.entity_id   2 
_entity_name_com.name        'TET3 isoform 1,Tet methylcytosine deoxygenase 3 isoform' 
# 
loop_
_entity_poly.entity_id 
_entity_poly.type 
_entity_poly.nstd_linkage 
_entity_poly.nstd_monomer 
_entity_poly.pdbx_seq_one_letter_code 
_entity_poly.pdbx_seq_one_letter_code_can 
_entity_poly.pdbx_strand_id 
_entity_poly.pdbx_target_identifier 
1 polydeoxyribonucleotide no yes '(DG)(DA)(DA)(DT)(DC)(1CC)(DG)(DG)(DA)(DT)(DT)(DC)' GAATCXGGATTC A,B ? 
2 'polypeptide(L)'        no no  SRKKRKRCGTCDPCRRLENCGSCTSCTNRRTHQICKLRKCEVLKKKA     
SRKKRKRCGTCDPCRRLENCGSCTSCTNRRTHQICKLRKCEVLKKKA C   ? 
# 
loop_
_entity_poly_seq.entity_id 
_entity_poly_seq.num 
_entity_poly_seq.mon_id 
_entity_poly_seq.hetero 
1 1  DG  n 
1 2  DA  n 
1 3  DA  n 
1 4  DT  n 
1 5  DC  n 
1 6  1CC n 
1 7  DG  n 
1 8  DG  n 
1 9  DA  n 
1 10 DT  n 
1 11 DT  n 
1 12 DC  n 
2 1  SER n 
2 2  ARG n 
2 3  LYS n 
2 4  LYS n 
2 5  ARG n 
2 6  LYS n 
2 7  ARG n 
2 8  CYS n 
2 9  GLY n 
2 10 THR n 
2 11 CYS n 
2 12 ASP n 
2 13 PRO n 
2 14 CYS n 
2 15 ARG n 
2 16 ARG n 
2 17 LEU n 
2 18 GLU n 
2 19 ASN n 
2 20 CYS n 
2 21 GLY n 
2 22 SER n 
2 23 CYS n 
2 24 THR n 
2 25 SER n 
2 26 CYS n 
2 27 THR n 
2 28 ASN n 
2 29 ARG n 
2 30 ARG n 
2 31 THR n 
2 32 HIS n 
2 33 GLN n 
2 34 ILE n 
2 35 CYS n 
2 36 LYS n 
2 37 LEU n 
2 38 ARG n 
2 39 LYS n 
2 40 CYS n 
2 41 GLU n 
2 42 VAL n 
2 43 LEU n 
2 44 LYS n 
2 45 LYS n 
2 46 LYS n 
2 47 ALA n 
# 
_entity_src_gen.entity_id                          2 
_entity_src_gen.pdbx_src_id                        1 
_entity_src_gen.pdbx_alt_source_flag               sample 
_entity_src_gen.pdbx_seq_type                      'Biological sequence' 
_entity_src_gen.pdbx_beg_seq_num                   1 
_entity_src_gen.pdbx_end_seq_num                   47 
_entity_src_gen.gene_src_common_name               Mouse 
_entity_src_gen.gene_src_genus                     ? 
_entity_src_gen.pdbx_gene_src_gene                 Tet3 
_entity_src_gen.gene_src_species                   ? 
_entity_src_gen.gene_src_strain                    ? 
_entity_src_gen.gene_src_tissue                    ? 
_entity_src_gen.gene_src_tissue_fraction           ? 
_entity_src_gen.gene_src_details                   ? 
_entity_src_gen.pdbx_gene_src_fragment             ? 
_entity_src_gen.pdbx_gene_src_scientific_name      'Mus musculus' 
_entity_src_gen.pdbx_gene_src_ncbi_taxonomy_id     10090 
_entity_src_gen.pdbx_gene_src_variant              ? 
_entity_src_gen.pdbx_gene_src_cell_line            ? 
_entity_src_gen.pdbx_gene_src_atcc                 ? 
_entity_src_gen.pdbx_gene_src_organ                ? 
_entity_src_gen.pdbx_gene_src_organelle            ? 
_entity_src_gen.pdbx_gene_src_cell                 ? 
_entity_src_gen.pdbx_gene_src_cellular_location    ? 
_entity_src_gen.host_org_common_name               ? 
_entity_src_gen.pdbx_host_org_scientific_name      'Escherichia coli' 
_entity_src_gen.pdbx_host_org_ncbi_taxonomy_id     562 
_entity_src_gen.host_org_genus                     ? 
_entity_src_gen.pdbx_host_org_gene                 ? 
_entity_src_gen.pdbx_host_org_organ                ? 
_entity_src_gen.host_org_species                   ? 
_entity_src_gen.pdbx_host_org_tissue               ? 
_entity_src_gen.pdbx_host_org_tissue_fraction      ? 
_entity_src_gen.pdbx_host_org_strain               ? 
_entity_src_gen.pdbx_host_org_variant              ? 
_entity_src_gen.pdbx_host_org_cell_line            ? 
_entity_src_gen.pdbx_host_org_atcc                 ? 
_entity_src_gen.pdbx_host_org_culture_collection   ? 
_entity_src_gen.pdbx_host_org_cell                 ? 
_entity_src_gen.pdbx_host_org_organelle            ? 
_entity_src_gen.pdbx_host_org_cellular_location    ? 
_entity_src_gen.pdbx_host_org_vector_type          ? 
_entity_src_gen.pdbx_host_org_vector               ? 
_entity_src_gen.host_org_details                   ? 
_entity_src_gen.expression_system_id               ? 
_entity_src_gen.plasmid_name                       ? 
_entity_src_gen.plasmid_details                    ? 
_entity_src_gen.pdbx_description                   ? 
# 
_pdbx_entity_src_syn.entity_id              1 
_pdbx_entity_src_syn.pdbx_src_id            1 
_pdbx_entity_src_syn.pdbx_alt_source_flag   sample 
_pdbx_entity_src_syn.pdbx_beg_seq_num       1 
_pdbx_entity_src_syn.pdbx_end_seq_num       12 
_pdbx_entity_src_syn.organism_scientific    'synthetic construct' 
_pdbx_entity_src_syn.organism_common_name   ? 
_pdbx_entity_src_syn.ncbi_taxonomy_id       32630 
_pdbx_entity_src_syn.details                ? 
# 
loop_
_struct_ref.db_code 
_struct_ref.db_name 
_struct_ref.details 
_struct_ref.entity_id 
_struct_ref.id 
_struct_ref.seq_align 
_struct_ref.seq_dif 
_struct_ref.pdbx_db_accession 
_struct_ref.pdbx_db_isoform 
_struct_ref.pdbx_seq_one_letter_code 
_struct_ref.pdbx_align_begin 
_struct_ref.pdbx_align_end 
5EXH         PDB ? 1 1 ? ? 5EXH   ? ?                                              1  ? 
L0HN04_MOUSE UNP ? 2 2 ? ? L0HN04 ? RKKRKRCGTCDPCRRLENCGSCTSCTNRRTHQICKLRKCEVLKKKA 51 ? 
# 
loop_
_struct_ref_seq.align_id 
_struct_ref_seq.ref_id 
_struct_ref_seq.pdbx_PDB_id_code 
_struct_ref_seq.pdbx_strand_id 
_struct_ref_seq.seq_align_beg 
_struct_ref_seq.pdbx_seq_align_beg_ins_code 
_struct_ref_seq.seq_align_end 
_struct_ref_seq.pdbx_seq_align_end_ins_code 
_struct_ref_seq.pdbx_db_accession 
_struct_ref_seq.db_align_beg 
_struct_ref_seq.pdbx_db_align_beg_ins_code 
_struct_ref_seq.db_align_end 
_struct_ref_seq.pdbx_db_align_end_ins_code 
_struct_ref_seq.pdbx_auth_seq_align_beg 
_struct_ref_seq.pdbx_auth_seq_align_end 
1 1 5EXH A 1 ? 12 ? 5EXH   1  ? 12 ? 1  12 
2 1 5EXH B 1 ? 12 ? 5EXH   1  ? 12 ? 1  12 
3 2 5EXH C 2 ? 47 ? L0HN04 51 ? 96 ? 51 96 
# 
_struct_ref_seq_dif.align_id                     3 
_struct_ref_seq_dif.pdbx_pdb_id_code             5EXH 
_struct_ref_seq_dif.mon_id                       SER 
_struct_ref_seq_dif.pdbx_pdb_strand_id           C 
_struct_ref_seq_dif.seq_num                      1 
_struct_ref_seq_dif.pdbx_pdb_ins_code            ? 
_struct_ref_seq_dif.pdbx_seq_db_name             UNP 
_struct_ref_seq_dif.pdbx_seq_db_accession_code   L0HN04 
_struct_ref_seq_dif.db_mon_id                    ? 
_struct_ref_seq_dif.pdbx_seq_db_seq_num          ? 
_struct_ref_seq_dif.details                      'expression tag' 
_struct_ref_seq_dif.pdbx_auth_seq_num            50 
_struct_ref_seq_dif.pdbx_ordinal                 1 
# 
loop_
_chem_comp.id 
_chem_comp.type 
_chem_comp.mon_nstd_flag 
_chem_comp.name 
_chem_comp.pdbx_synonyms 
_chem_comp.formula 
_chem_comp.formula_weight 
1CC 'DNA linking'       n 
;5-carboxy-2'-deoxycytidine monophosphate
;
? 'C10 H14 N3 O9 P' 351.207 
ALA 'L-peptide linking' y ALANINE                                    ? 'C3 H7 N O2'      89.093  
ARG 'L-peptide linking' y ARGININE                                   ? 'C6 H15 N4 O2 1'  175.209 
ASN 'L-peptide linking' y ASPARAGINE                                 ? 'C4 H8 N2 O3'     132.118 
ASP 'L-peptide linking' y 'ASPARTIC ACID'                            ? 'C4 H7 N O4'      133.103 
CYS 'L-peptide linking' y CYSTEINE                                   ? 'C3 H7 N O2 S'    121.158 
DA  'DNA linking'       y "2'-DEOXYADENOSINE-5'-MONOPHOSPHATE"       ? 'C10 H14 N5 O6 P' 331.222 
DC  'DNA linking'       y "2'-DEOXYCYTIDINE-5'-MONOPHOSPHATE"        ? 'C9 H14 N3 O7 P'  307.197 
DG  'DNA linking'       y "2'-DEOXYGUANOSINE-5'-MONOPHOSPHATE"       ? 'C10 H14 N5 O7 P' 347.221 
DT  'DNA linking'       y "THYMIDINE-5'-MONOPHOSPHATE"               ? 'C10 H15 N2 O8 P' 322.208 
GLN 'L-peptide linking' y GLUTAMINE                                  ? 'C5 H10 N2 O3'    146.144 
GLU 'L-peptide linking' y 'GLUTAMIC ACID'                            ? 'C5 H9 N O4'      147.129 
GLY 'peptide linking'   y GLYCINE                                    ? 'C2 H5 N O2'      75.067  
HIS 'L-peptide linking' y HISTIDINE                                  ? 'C6 H10 N3 O2 1'  156.162 
HOH non-polymer         . WATER                                      ? 'H2 O'            18.015  
ILE 'L-peptide linking' y ISOLEUCINE                                 ? 'C6 H13 N O2'     131.173 
LEU 'L-peptide linking' y LEUCINE                                    ? 'C6 H13 N O2'     131.173 
LYS 'L-peptide linking' y LYSINE                                     ? 'C6 H15 N2 O2 1'  147.195 
PRO 'L-peptide linking' y PROLINE                                    ? 'C5 H9 N O2'      115.130 
SER 'L-peptide linking' y SERINE                                     ? 'C3 H7 N O3'      105.093 
THR 'L-peptide linking' y THREONINE                                  ? 'C4 H9 N O3'      119.119 
VAL 'L-peptide linking' y VALINE                                     ? 'C5 H11 N O2'     117.146 
ZN  non-polymer         . 'ZINC ION'                                 ? 'Zn 2'            65.409  
# 
_exptl.absorpt_coefficient_mu     ? 
_exptl.absorpt_correction_T_max   ? 
_exptl.absorpt_correction_T_min   ? 
_exptl.absorpt_correction_type    ? 
_exptl.absorpt_process_details    ? 
_exptl.entry_id                   5EXH 
_exptl.crystals_number            1 
_exptl.details                    ? 
_exptl.method                     'X-RAY DIFFRACTION' 
_exptl.method_details             ? 
# 
_exptl_crystal.colour                      ? 
_exptl_crystal.density_diffrn              ? 
_exptl_crystal.density_Matthews            1.80 
_exptl_crystal.density_method              ? 
_exptl_crystal.density_percent_sol         31.69 
_exptl_crystal.description                 ? 
_exptl_crystal.F_000                       ? 
_exptl_crystal.id                          1 
_exptl_crystal.preparation                 ? 
_exptl_crystal.size_max                    ? 
_exptl_crystal.size_mid                    ? 
_exptl_crystal.size_min                    ? 
_exptl_crystal.size_rad                    ? 
_exptl_crystal.colour_lustre               ? 
_exptl_crystal.colour_modifier             ? 
_exptl_crystal.colour_primary              ? 
_exptl_crystal.density_meas                ? 
_exptl_crystal.density_meas_esd            ? 
_exptl_crystal.density_meas_gt             ? 
_exptl_crystal.density_meas_lt             ? 
_exptl_crystal.density_meas_temp           ? 
_exptl_crystal.density_meas_temp_esd       ? 
_exptl_crystal.density_meas_temp_gt        ? 
_exptl_crystal.density_meas_temp_lt        ? 
_exptl_crystal.pdbx_crystal_image_url      ? 
_exptl_crystal.pdbx_crystal_image_format   ? 
_exptl_crystal.pdbx_mosaicity              ? 
_exptl_crystal.pdbx_mosaicity_esd          ? 
# 
_exptl_crystal_grow.apparatus       ? 
_exptl_crystal_grow.atmosphere      ? 
_exptl_crystal_grow.crystal_id      1 
_exptl_crystal_grow.details         ? 
_exptl_crystal_grow.method          'VAPOR DIFFUSION, HANGING DROP' 
_exptl_crystal_grow.method_ref      ? 
_exptl_crystal_grow.pH              7.5 
_exptl_crystal_grow.pressure        ? 
_exptl_crystal_grow.pressure_esd    ? 
_exptl_crystal_grow.seeding         ? 
_exptl_crystal_grow.seeding_ref     ? 
_exptl_crystal_grow.temp            293 
_exptl_crystal_grow.temp_details    ? 
_exptl_crystal_grow.temp_esd        ? 
_exptl_crystal_grow.time            ? 
_exptl_crystal_grow.pdbx_details    '0.1 M Hepes, pH 7.5, 50 mM, calcium chloride, 41% PEG200' 
_exptl_crystal_grow.pdbx_pH_range   ? 
# 
_diffrn.ambient_environment    ? 
_diffrn.ambient_temp           100 
_diffrn.ambient_temp_details   ? 
_diffrn.ambient_temp_esd       ? 
_diffrn.crystal_id             1 
_diffrn.crystal_support        ? 
_diffrn.crystal_treatment      ? 
_diffrn.details                ? 
_diffrn.id                     1 
_diffrn.ambient_pressure       ? 
_diffrn.ambient_pressure_esd   ? 
_diffrn.ambient_pressure_gt    ? 
_diffrn.ambient_pressure_lt    ? 
_diffrn.ambient_temp_gt        ? 
_diffrn.ambient_temp_lt        ? 
# 
_diffrn_detector.details                      ? 
_diffrn_detector.detector                     CCD 
_diffrn_detector.diffrn_id                    1 
_diffrn_detector.type                         'ADSC QUANTUM 315r' 
_diffrn_detector.area_resol_mean              ? 
_diffrn_detector.dtime                        ? 
_diffrn_detector.pdbx_frames_total            ? 
_diffrn_detector.pdbx_collection_time_total   ? 
_diffrn_detector.pdbx_collection_date         2013-02-05 
# 
_diffrn_radiation.collimation                      ? 
_diffrn_radiation.diffrn_id                        1 
_diffrn_radiation.filter_edge                      ? 
_diffrn_radiation.inhomogeneity                    ? 
_diffrn_radiation.monochromator                    ? 
_diffrn_radiation.polarisn_norm                    ? 
_diffrn_radiation.polarisn_ratio                   ? 
_diffrn_radiation.probe                            ? 
_diffrn_radiation.type                             ? 
_diffrn_radiation.xray_symbol                      ? 
_diffrn_radiation.wavelength_id                    1 
_diffrn_radiation.pdbx_monochromatic_or_laue_m_l   M 
_diffrn_radiation.pdbx_wavelength_list             ? 
_diffrn_radiation.pdbx_wavelength                  ? 
_diffrn_radiation.pdbx_diffrn_protocol             'SINGLE WAVELENGTH' 
_diffrn_radiation.pdbx_analyzer                    ? 
_diffrn_radiation.pdbx_scattering_type             x-ray 
# 
_diffrn_radiation_wavelength.id           1 
_diffrn_radiation_wavelength.wavelength   0.977 
_diffrn_radiation_wavelength.wt           1.0 
# 
_diffrn_source.current                     ? 
_diffrn_source.details                     ? 
_diffrn_source.diffrn_id                   1 
_diffrn_source.power                       ? 
_diffrn_source.size                        ? 
_diffrn_source.source                      SYNCHROTRON 
_diffrn_source.target                      ? 
_diffrn_source.type                        'ALS BEAMLINE 5.0.1' 
_diffrn_source.voltage                     ? 
_diffrn_source.take-off_angle              ? 
_diffrn_source.pdbx_wavelength_list        0.977 
_diffrn_source.pdbx_wavelength             ? 
_diffrn_source.pdbx_synchrotron_beamline   5.0.1 
_diffrn_source.pdbx_synchrotron_site       ALS 
# 
_reflns.B_iso_Wilson_estimate            ? 
_reflns.entry_id                         5EXH 
_reflns.data_reduction_details           ? 
_reflns.data_reduction_method            ? 
_reflns.d_resolution_high                1.30 
_reflns.d_resolution_low                 50 
_reflns.details                          ? 
_reflns.limit_h_max                      ? 
_reflns.limit_h_min                      ? 
_reflns.limit_k_max                      ? 
_reflns.limit_k_min                      ? 
_reflns.limit_l_max                      ? 
_reflns.limit_l_min                      ? 
_reflns.number_all                       ? 
_reflns.number_obs                       23079 
_reflns.observed_criterion               ? 
_reflns.observed_criterion_F_max         ? 
_reflns.observed_criterion_F_min         ? 
_reflns.observed_criterion_I_max         ? 
_reflns.observed_criterion_I_min         ? 
_reflns.observed_criterion_sigma_F       ? 
_reflns.observed_criterion_sigma_I       ? 
_reflns.percent_possible_obs             99.7 
_reflns.R_free_details                   ? 
_reflns.Rmerge_F_all                     ? 
_reflns.Rmerge_F_obs                     ? 
_reflns.Friedel_coverage                 ? 
_reflns.number_gt                        ? 
_reflns.threshold_expression             ? 
_reflns.pdbx_redundancy                  4.2 
_reflns.pdbx_Rmerge_I_obs                0.061 
_reflns.pdbx_Rmerge_I_all                ? 
_reflns.pdbx_Rsym_value                  ? 
_reflns.pdbx_netI_over_av_sigmaI         ? 
_reflns.pdbx_netI_over_sigmaI            25.0 
_reflns.pdbx_res_netI_over_av_sigmaI_2   ? 
_reflns.pdbx_res_netI_over_sigmaI_2      ? 
_reflns.pdbx_chi_squared                 ? 
_reflns.pdbx_scaling_rejects             ? 
_reflns.pdbx_d_res_high_opt              ? 
_reflns.pdbx_d_res_low_opt               ? 
_reflns.pdbx_d_res_opt_method            ? 
_reflns.phase_calculation_details        ? 
_reflns.pdbx_Rrim_I_all                  ? 
_reflns.pdbx_Rpim_I_all                  ? 
_reflns.pdbx_d_opt                       ? 
_reflns.pdbx_number_measured_all         ? 
_reflns.pdbx_diffrn_id                   1 
_reflns.pdbx_ordinal                     1 
_reflns.pdbx_CC_half                     ? 
_reflns.pdbx_R_split                     ? 
# 
_reflns_shell.d_res_high                  1.30 
_reflns_shell.d_res_low                   1.35 
_reflns_shell.meanI_over_sigI_all         ? 
_reflns_shell.meanI_over_sigI_obs         5.14 
_reflns_shell.number_measured_all         ? 
_reflns_shell.number_measured_obs         ? 
_reflns_shell.number_possible             ? 
_reflns_shell.number_unique_all           ? 
_reflns_shell.number_unique_obs           ? 
_reflns_shell.percent_possible_all        100 
_reflns_shell.percent_possible_obs        ? 
_reflns_shell.Rmerge_F_all                ? 
_reflns_shell.Rmerge_F_obs                ? 
_reflns_shell.Rmerge_I_all                ? 
_reflns_shell.Rmerge_I_obs                0.256 
_reflns_shell.meanI_over_sigI_gt          ? 
_reflns_shell.meanI_over_uI_all           ? 
_reflns_shell.meanI_over_uI_gt            ? 
_reflns_shell.number_measured_gt          ? 
_reflns_shell.number_unique_gt            ? 
_reflns_shell.percent_possible_gt         ? 
_reflns_shell.Rmerge_F_gt                 ? 
_reflns_shell.Rmerge_I_gt                 ? 
_reflns_shell.pdbx_redundancy             3.9 
_reflns_shell.pdbx_Rsym_value             ? 
_reflns_shell.pdbx_chi_squared            ? 
_reflns_shell.pdbx_netI_over_sigmaI_all   ? 
_reflns_shell.pdbx_netI_over_sigmaI_obs   ? 
_reflns_shell.pdbx_Rrim_I_all             ? 
_reflns_shell.pdbx_Rpim_I_all             ? 
_reflns_shell.pdbx_rejects                ? 
_reflns_shell.pdbx_ordinal                1 
_reflns_shell.pdbx_diffrn_id              1 
_reflns_shell.pdbx_CC_half                ? 
_reflns_shell.pdbx_R_split                ? 
# 
_refine.aniso_B[1][1]                            ? 
_refine.aniso_B[1][2]                            ? 
_refine.aniso_B[1][3]                            ? 
_refine.aniso_B[2][2]                            ? 
_refine.aniso_B[2][3]                            ? 
_refine.aniso_B[3][3]                            ? 
_refine.B_iso_max                                ? 
_refine.B_iso_mean                               ? 
_refine.B_iso_min                                ? 
_refine.correlation_coeff_Fo_to_Fc               ? 
_refine.correlation_coeff_Fo_to_Fc_free          ? 
_refine.details                                  ? 
_refine.diff_density_max                         ? 
_refine.diff_density_max_esd                     ? 
_refine.diff_density_min                         ? 
_refine.diff_density_min_esd                     ? 
_refine.diff_density_rms                         ? 
_refine.diff_density_rms_esd                     ? 
_refine.entry_id                                 5EXH 
_refine.pdbx_refine_id                           'X-RAY DIFFRACTION' 
_refine.ls_abs_structure_details                 ? 
_refine.ls_abs_structure_Flack                   ? 
_refine.ls_abs_structure_Flack_esd               ? 
_refine.ls_abs_structure_Rogers                  ? 
_refine.ls_abs_structure_Rogers_esd              ? 
_refine.ls_d_res_high                            1.30 
_refine.ls_d_res_low                             32.633 
_refine.ls_extinction_coef                       ? 
_refine.ls_extinction_coef_esd                   ? 
_refine.ls_extinction_expression                 ? 
_refine.ls_extinction_method                     ? 
_refine.ls_goodness_of_fit_all                   ? 
_refine.ls_goodness_of_fit_all_esd               ? 
_refine.ls_goodness_of_fit_obs                   ? 
_refine.ls_goodness_of_fit_obs_esd               ? 
_refine.ls_hydrogen_treatment                    ? 
_refine.ls_matrix_type                           ? 
_refine.ls_number_constraints                    ? 
_refine.ls_number_parameters                     ? 
_refine.ls_number_reflns_all                     ? 
_refine.ls_number_reflns_obs                     23064 
_refine.ls_number_reflns_R_free                  1180 
_refine.ls_number_reflns_R_work                  ? 
_refine.ls_number_restraints                     ? 
_refine.ls_percent_reflns_obs                    99.48 
_refine.ls_percent_reflns_R_free                 5.12 
_refine.ls_R_factor_all                          ? 
_refine.ls_R_factor_obs                          0.1690 
_refine.ls_R_factor_R_free                       0.1874 
_refine.ls_R_factor_R_free_error                 ? 
_refine.ls_R_factor_R_free_error_details         ? 
_refine.ls_R_factor_R_work                       0.1680 
_refine.ls_R_Fsqd_factor_obs                     ? 
_refine.ls_R_I_factor_obs                        ? 
_refine.ls_redundancy_reflns_all                 ? 
_refine.ls_redundancy_reflns_obs                 ? 
_refine.ls_restrained_S_all                      ? 
_refine.ls_restrained_S_obs                      ? 
_refine.ls_shift_over_esd_max                    ? 
_refine.ls_shift_over_esd_mean                   ? 
_refine.ls_structure_factor_coef                 ? 
_refine.ls_weighting_details                     ? 
_refine.ls_weighting_scheme                      ? 
_refine.ls_wR_factor_all                         ? 
_refine.ls_wR_factor_obs                         ? 
_refine.ls_wR_factor_R_free                      ? 
_refine.ls_wR_factor_R_work                      ? 
_refine.occupancy_max                            ? 
_refine.occupancy_min                            ? 
_refine.solvent_model_details                    'FLAT BULK SOLVENT MODEL' 
_refine.solvent_model_param_bsol                 ? 
_refine.solvent_model_param_ksol                 ? 
_refine.ls_R_factor_gt                           ? 
_refine.ls_goodness_of_fit_gt                    ? 
_refine.ls_goodness_of_fit_ref                   ? 
_refine.ls_shift_over_su_max                     ? 
_refine.ls_shift_over_su_max_lt                  ? 
_refine.ls_shift_over_su_mean                    ? 
_refine.ls_shift_over_su_mean_lt                 ? 
_refine.pdbx_ls_sigma_I                          ? 
_refine.pdbx_ls_sigma_F                          1.37 
_refine.pdbx_ls_sigma_Fsqd                       ? 
_refine.pdbx_data_cutoff_high_absF               ? 
_refine.pdbx_data_cutoff_high_rms_absF           ? 
_refine.pdbx_data_cutoff_low_absF                ? 
_refine.pdbx_isotropic_thermal_model             ? 
_refine.pdbx_ls_cross_valid_method               'FREE R-VALUE' 
_refine.pdbx_method_to_determine_struct          'MOLECULAR REPLACEMENT' 
_refine.pdbx_starting_model                      4HP1 
_refine.pdbx_stereochemistry_target_values       ML 
_refine.pdbx_R_Free_selection_details            ? 
_refine.pdbx_stereochem_target_val_spec_case     ? 
_refine.pdbx_overall_ESU_R                       ? 
_refine.pdbx_overall_ESU_R_Free                  ? 
_refine.pdbx_solvent_vdw_probe_radii             1.11 
_refine.pdbx_solvent_ion_probe_radii             ? 
_refine.pdbx_solvent_shrinkage_radii             0.90 
_refine.pdbx_real_space_R                        ? 
_refine.pdbx_density_correlation                 ? 
_refine.pdbx_pd_number_of_powder_patterns        ? 
_refine.pdbx_pd_number_of_points                 ? 
_refine.pdbx_pd_meas_number_of_points            ? 
_refine.pdbx_pd_proc_ls_prof_R_factor            ? 
_refine.pdbx_pd_proc_ls_prof_wR_factor           ? 
_refine.pdbx_pd_Marquardt_correlation_coeff      ? 
_refine.pdbx_pd_Fsqrd_R_factor                   ? 
_refine.pdbx_pd_ls_matrix_band_width             ? 
_refine.pdbx_overall_phase_error                 19.42 
_refine.pdbx_overall_SU_R_free_Cruickshank_DPI   ? 
_refine.pdbx_overall_SU_R_free_Blow_DPI          ? 
_refine.pdbx_overall_SU_R_Blow_DPI               ? 
_refine.pdbx_TLS_residual_ADP_flag               ? 
_refine.pdbx_diffrn_id                           1 
_refine.overall_SU_B                             ? 
_refine.overall_SU_ML                            0.11 
_refine.overall_SU_R_Cruickshank_DPI             ? 
_refine.overall_SU_R_free                        ? 
_refine.overall_FOM_free_R_set                   ? 
_refine.overall_FOM_work_R_set                   ? 
_refine.pdbx_average_fsc_overall                 ? 
_refine.pdbx_average_fsc_work                    ? 
_refine.pdbx_average_fsc_free                    ? 
# 
_refine_hist.pdbx_refine_id                   'X-RAY DIFFRACTION' 
_refine_hist.cycle_id                         LAST 
_refine_hist.pdbx_number_atoms_protein        353 
_refine_hist.pdbx_number_atoms_nucleic_acid   491 
_refine_hist.pdbx_number_atoms_ligand         2 
_refine_hist.number_atoms_solvent             230 
_refine_hist.number_atoms_total               1076 
_refine_hist.d_res_high                       1.30 
_refine_hist.d_res_low                        32.633 
# 
loop_
_refine_ls_restr.pdbx_refine_id 
_refine_ls_restr.criterion 
_refine_ls_restr.dev_ideal 
_refine_ls_restr.dev_ideal_target 
_refine_ls_restr.number 
_refine_ls_restr.rejects 
_refine_ls_restr.type 
_refine_ls_restr.weight 
_refine_ls_restr.pdbx_restraint_function 
'X-RAY DIFFRACTION' ? 0.007  ? 920  ? f_bond_d           ? ? 
'X-RAY DIFFRACTION' ? 1.523  ? 1332 ? f_angle_d          ? ? 
'X-RAY DIFFRACTION' ? 28.325 ? 396  ? f_dihedral_angle_d ? ? 
'X-RAY DIFFRACTION' ? 0.071  ? 147  ? f_chiral_restr     ? ? 
'X-RAY DIFFRACTION' ? 0.006  ? 87   ? f_plane_restr      ? ? 
# 
loop_
_refine_ls_shell.pdbx_refine_id 
_refine_ls_shell.d_res_high 
_refine_ls_shell.d_res_low 
_refine_ls_shell.number_reflns_all 
_refine_ls_shell.number_reflns_obs 
_refine_ls_shell.number_reflns_R_free 
_refine_ls_shell.number_reflns_R_work 
_refine_ls_shell.percent_reflns_obs 
_refine_ls_shell.percent_reflns_R_free 
_refine_ls_shell.R_factor_all 
_refine_ls_shell.R_factor_obs 
_refine_ls_shell.R_factor_R_free 
_refine_ls_shell.R_factor_R_free_error 
_refine_ls_shell.R_factor_R_work 
_refine_ls_shell.redundancy_reflns_all 
_refine_ls_shell.redundancy_reflns_obs 
_refine_ls_shell.wR_factor_all 
_refine_ls_shell.wR_factor_obs 
_refine_ls_shell.wR_factor_R_free 
_refine_ls_shell.wR_factor_R_work 
_refine_ls_shell.pdbx_total_number_of_bins_used 
_refine_ls_shell.pdbx_phase_error 
_refine_ls_shell.pdbx_fsc_work 
_refine_ls_shell.pdbx_fsc_free 
'X-RAY DIFFRACTION' 1.2956 1.3546  . . 128 2695 98.00  . . . 0.1899 . 0.2047 . . . . . . . . . . 
'X-RAY DIFFRACTION' 1.3546 1.4260  . . 136 2751 100.00 . . . 0.2242 . 0.1918 . . . . . . . . . . 
'X-RAY DIFFRACTION' 1.4260 1.5154  . . 146 2695 100.00 . . . 0.1833 . 0.1764 . . . . . . . . . . 
'X-RAY DIFFRACTION' 1.5154 1.6323  . . 148 2728 100.00 . . . 0.1945 . 0.1619 . . . . . . . . . . 
'X-RAY DIFFRACTION' 1.6323 1.7966  . . 143 2751 100.00 . . . 0.1778 . 0.1540 . . . . . . . . . . 
'X-RAY DIFFRACTION' 1.7966 2.0565  . . 170 2714 100.00 . . . 0.1781 . 0.1618 . . . . . . . . . . 
'X-RAY DIFFRACTION' 2.0565 2.5909  . . 155 2761 100.00 . . . 0.1965 . 0.1717 . . . . . . . . . . 
'X-RAY DIFFRACTION' 2.5909 32.6435 . . 154 2789 98.00  . . . 0.1840 . 0.1657 . . . . . . . . . . 
# 
_struct.entry_id                     5EXH 
_struct.title                        
'Crystal structure of mTET3-CXXC domain in complex with 5-carboxylcytosine DNA at 1.3 Angstroms resolution.' 
_struct.pdbx_model_details           ? 
_struct.pdbx_formula_weight          ? 
_struct.pdbx_formula_weight_method   ? 
_struct.pdbx_model_type_details      ? 
_struct.pdbx_CASP_flag               ? 
# 
_struct_keywords.entry_id        5EXH 
_struct_keywords.text            'mouse Tet3, complex, 5-carboxylcytosine, reader, OXIDOREDUCTASE-DNA complex' 
_struct_keywords.pdbx_keywords   OXIDOREDUCTASE/DNA 
# 
loop_
_struct_asym.id 
_struct_asym.pdbx_blank_PDB_chainid_flag 
_struct_asym.pdbx_modified 
_struct_asym.entity_id 
_struct_asym.details 
A N N 1 ? 
B N N 1 ? 
C N N 2 ? 
D N N 3 ? 
E N N 3 ? 
F N N 4 ? 
G N N 4 ? 
H N N 4 ? 
# 
loop_
_struct_conf.conf_type_id 
_struct_conf.id 
_struct_conf.pdbx_PDB_helix_id 
_struct_conf.beg_label_comp_id 
_struct_conf.beg_label_asym_id 
_struct_conf.beg_label_seq_id 
_struct_conf.pdbx_beg_PDB_ins_code 
_struct_conf.end_label_comp_id 
_struct_conf.end_label_asym_id 
_struct_conf.end_label_seq_id 
_struct_conf.pdbx_end_PDB_ins_code 
_struct_conf.beg_auth_comp_id 
_struct_conf.beg_auth_asym_id 
_struct_conf.beg_auth_seq_id 
_struct_conf.end_auth_comp_id 
_struct_conf.end_auth_asym_id 
_struct_conf.end_auth_seq_id 
_struct_conf.pdbx_PDB_helix_class 
_struct_conf.details 
_struct_conf.pdbx_PDB_helix_length 
HELX_P HELX_P1 AA1 CYS C 11 ? ARG C 16 ? CYS C 60 ARG C 65 1 ? 6 
HELX_P HELX_P2 AA2 CYS C 23 ? ASN C 28 ? CYS C 72 ASN C 77 1 ? 6 
HELX_P HELX_P3 AA3 GLU C 41 ? LYS C 45 ? GLU C 90 LYS C 94 5 ? 5 
# 
_struct_conf_type.id          HELX_P 
_struct_conf_type.criteria    ? 
_struct_conf_type.reference   ? 
# 
loop_
_struct_conn.id 
_struct_conn.conn_type_id 
_struct_conn.pdbx_leaving_atom_flag 
_struct_conn.pdbx_PDB_id 
_struct_conn.ptnr1_label_asym_id 
_struct_conn.ptnr1_label_comp_id 
_struct_conn.ptnr1_label_seq_id 
_struct_conn.ptnr1_label_atom_id 
_struct_conn.pdbx_ptnr1_label_alt_id 
_struct_conn.pdbx_ptnr1_PDB_ins_code 
_struct_conn.pdbx_ptnr1_standard_comp_id 
_struct_conn.ptnr1_symmetry 
_struct_conn.ptnr2_label_asym_id 
_struct_conn.ptnr2_label_comp_id 
_struct_conn.ptnr2_label_seq_id 
_struct_conn.ptnr2_label_atom_id 
_struct_conn.pdbx_ptnr2_label_alt_id 
_struct_conn.pdbx_ptnr2_PDB_ins_code 
_struct_conn.ptnr1_auth_asym_id 
_struct_conn.ptnr1_auth_comp_id 
_struct_conn.ptnr1_auth_seq_id 
_struct_conn.ptnr2_auth_asym_id 
_struct_conn.ptnr2_auth_comp_id 
_struct_conn.ptnr2_auth_seq_id 
_struct_conn.ptnr2_symmetry 
_struct_conn.pdbx_ptnr3_label_atom_id 
_struct_conn.pdbx_ptnr3_label_seq_id 
_struct_conn.pdbx_ptnr3_label_comp_id 
_struct_conn.pdbx_ptnr3_label_asym_id 
_struct_conn.pdbx_ptnr3_label_alt_id 
_struct_conn.pdbx_ptnr3_PDB_ins_code 
_struct_conn.details 
_struct_conn.pdbx_dist_value 
_struct_conn.pdbx_value_order 
_struct_conn.pdbx_role 
covale1  covale both ? A DC  5  "O3'" ? ? ? 1_555 A 1CC 6  P  ? ? A DC  5  A 1CC 6   1_555 ? ? ? ? ? ? ?            1.588 ? ? 
covale2  covale one  ? A 1CC 6  "O3'" ? ? ? 1_555 A DG  7  P  ? ? A 1CC 6  A DG  7   1_555 ? ? ? ? ? ? ?            1.627 ? ? 
covale3  covale both ? B DC  5  "O3'" ? ? ? 1_555 B 1CC 6  P  ? ? B DC  5  B 1CC 6   1_555 ? ? ? ? ? ? ?            1.586 ? ? 
covale4  covale one  ? B 1CC 6  "O3'" ? ? ? 1_555 B DG  7  P  ? ? B 1CC 6  B DG  7   1_555 ? ? ? ? ? ? ?            1.598 ? ? 
metalc1  metalc ?    ? C CYS 8  SG    ? ? ? 1_555 D ZN  .  ZN ? ? C CYS 57 C ZN  201 1_555 ? ? ? ? ? ? ?            2.313 ? ? 
metalc2  metalc ?    ? C CYS 11 SG    ? ? ? 1_555 D ZN  .  ZN ? ? C CYS 60 C ZN  201 1_555 ? ? ? ? ? ? ?            2.339 ? ? 
metalc3  metalc ?    ? C CYS 14 SG    ? ? ? 1_555 D ZN  .  ZN ? ? C CYS 63 C ZN  201 1_555 ? ? ? ? ? ? ?            2.363 ? ? 
metalc4  metalc ?    ? C CYS 20 SG    ? ? ? 1_555 E ZN  .  ZN ? ? C CYS 69 C ZN  202 1_555 ? ? ? ? ? ? ?            2.312 ? ? 
metalc5  metalc ?    ? C CYS 23 SG    ? ? ? 1_555 E ZN  .  ZN ? ? C CYS 72 C ZN  202 1_555 ? ? ? ? ? ? ?            2.349 ? ? 
metalc6  metalc ?    ? C CYS 26 SG    ? ? ? 1_555 E ZN  .  ZN ? ? C CYS 75 C ZN  202 1_555 ? ? ? ? ? ? ?            2.379 ? ? 
metalc7  metalc ?    ? C CYS 35 SG    ? ? ? 1_555 E ZN  .  ZN ? ? C CYS 84 C ZN  202 1_555 ? ? ? ? ? ? ?            2.330 ? ? 
metalc8  metalc ?    ? C CYS 40 SG    ? ? ? 1_555 D ZN  .  ZN ? ? C CYS 89 C ZN  201 1_555 ? ? ? ? ? ? ?            2.333 ? ? 
hydrog1  hydrog ?    ? A DG  1  N1    ? ? ? 1_555 B DC  12 N3 ? ? A DG  1  B DC  12  1_555 ? ? ? ? ? ? WATSON-CRICK ?     ? ? 
hydrog2  hydrog ?    ? A DG  1  N2    ? ? ? 1_555 B DC  12 O2 ? ? A DG  1  B DC  12  1_555 ? ? ? ? ? ? WATSON-CRICK ?     ? ? 
hydrog3  hydrog ?    ? A DG  1  O6    ? ? ? 1_555 B DC  12 N4 ? ? A DG  1  B DC  12  1_555 ? ? ? ? ? ? WATSON-CRICK ?     ? ? 
hydrog4  hydrog ?    ? A DA  2  N1    ? ? ? 1_555 B DT  11 N3 ? ? A DA  2  B DT  11  1_555 ? ? ? ? ? ? WATSON-CRICK ?     ? ? 
hydrog5  hydrog ?    ? A DA  2  N6    ? ? ? 1_555 B DT  11 O4 ? ? A DA  2  B DT  11  1_555 ? ? ? ? ? ? WATSON-CRICK ?     ? ? 
hydrog6  hydrog ?    ? A DA  3  N1    ? ? ? 1_555 B DT  10 N3 ? ? A DA  3  B DT  10  1_555 ? ? ? ? ? ? WATSON-CRICK ?     ? ? 
hydrog7  hydrog ?    ? A DA  3  N6    ? ? ? 1_555 B DT  10 O4 ? ? A DA  3  B DT  10  1_555 ? ? ? ? ? ? WATSON-CRICK ?     ? ? 
hydrog8  hydrog ?    ? A DT  4  N3    ? ? ? 1_555 B DA  9  N1 ? ? A DT  4  B DA  9   1_555 ? ? ? ? ? ? WATSON-CRICK ?     ? ? 
hydrog9  hydrog ?    ? A DT  4  O4    ? ? ? 1_555 B DA  9  N6 ? ? A DT  4  B DA  9   1_555 ? ? ? ? ? ? WATSON-CRICK ?     ? ? 
hydrog10 hydrog ?    ? A DC  5  N3    ? ? ? 1_555 B DG  8  N1 ? ? A DC  5  B DG  8   1_555 ? ? ? ? ? ? WATSON-CRICK ?     ? ? 
hydrog11 hydrog ?    ? A DC  5  N4    ? ? ? 1_555 B DG  8  O6 ? ? A DC  5  B DG  8   1_555 ? ? ? ? ? ? WATSON-CRICK ?     ? ? 
hydrog12 hydrog ?    ? A DC  5  O2    ? ? ? 1_555 B DG  8  N2 ? ? A DC  5  B DG  8   1_555 ? ? ? ? ? ? WATSON-CRICK ?     ? ? 
hydrog13 hydrog ?    ? A 1CC 6  N3    ? ? ? 1_555 B DG  7  N1 ? ? A 1CC 6  B DG  7   1_555 ? ? ? ? ? ? WATSON-CRICK ?     ? ? 
hydrog14 hydrog ?    ? A 1CC 6  N4    ? ? ? 1_555 B DG  7  O6 ? ? A 1CC 6  B DG  7   1_555 ? ? ? ? ? ? WATSON-CRICK ?     ? ? 
hydrog15 hydrog ?    ? A 1CC 6  O2    ? ? ? 1_555 B DG  7  N2 ? ? A 1CC 6  B DG  7   1_555 ? ? ? ? ? ? WATSON-CRICK ?     ? ? 
hydrog16 hydrog ?    ? A DG  7  N1    ? ? ? 1_555 B 1CC 6  N3 ? ? A DG  7  B 1CC 6   1_555 ? ? ? ? ? ? WATSON-CRICK ?     ? ? 
hydrog17 hydrog ?    ? A DG  7  N2    ? ? ? 1_555 B 1CC 6  O2 ? ? A DG  7  B 1CC 6   1_555 ? ? ? ? ? ? WATSON-CRICK ?     ? ? 
hydrog18 hydrog ?    ? A DG  7  O6    ? ? ? 1_555 B 1CC 6  N4 ? ? A DG  7  B 1CC 6   1_555 ? ? ? ? ? ? WATSON-CRICK ?     ? ? 
hydrog19 hydrog ?    ? A DG  8  N1    ? ? ? 1_555 B DC  5  N3 ? ? A DG  8  B DC  5   1_555 ? ? ? ? ? ? WATSON-CRICK ?     ? ? 
hydrog20 hydrog ?    ? A DG  8  N2    ? ? ? 1_555 B DC  5  O2 ? ? A DG  8  B DC  5   1_555 ? ? ? ? ? ? WATSON-CRICK ?     ? ? 
hydrog21 hydrog ?    ? A DG  8  O6    ? ? ? 1_555 B DC  5  N4 ? ? A DG  8  B DC  5   1_555 ? ? ? ? ? ? WATSON-CRICK ?     ? ? 
hydrog22 hydrog ?    ? A DA  9  N1    ? ? ? 1_555 B DT  4  N3 ? ? A DA  9  B DT  4   1_555 ? ? ? ? ? ? WATSON-CRICK ?     ? ? 
hydrog23 hydrog ?    ? A DA  9  N6    ? ? ? 1_555 B DT  4  O4 ? ? A DA  9  B DT  4   1_555 ? ? ? ? ? ? WATSON-CRICK ?     ? ? 
hydrog24 hydrog ?    ? A DT  10 N3    ? ? ? 1_555 B DA  3  N1 ? ? A DT  10 B DA  3   1_555 ? ? ? ? ? ? WATSON-CRICK ?     ? ? 
hydrog25 hydrog ?    ? A DT  10 O4    ? ? ? 1_555 B DA  3  N6 ? ? A DT  10 B DA  3   1_555 ? ? ? ? ? ? WATSON-CRICK ?     ? ? 
hydrog26 hydrog ?    ? A DT  11 N3    ? ? ? 1_555 B DA  2  N1 ? ? A DT  11 B DA  2   1_555 ? ? ? ? ? ? WATSON-CRICK ?     ? ? 
hydrog27 hydrog ?    ? A DT  11 O4    ? ? ? 1_555 B DA  2  N6 ? ? A DT  11 B DA  2   1_555 ? ? ? ? ? ? WATSON-CRICK ?     ? ? 
hydrog28 hydrog ?    ? A DC  12 N3    ? ? ? 1_555 B DG  1  N1 ? ? A DC  12 B DG  1   1_555 ? ? ? ? ? ? WATSON-CRICK ?     ? ? 
hydrog29 hydrog ?    ? A DC  12 N4    ? ? ? 1_555 B DG  1  O6 ? ? A DC  12 B DG  1   1_555 ? ? ? ? ? ? WATSON-CRICK ?     ? ? 
hydrog30 hydrog ?    ? A DC  12 O2    ? ? ? 1_555 B DG  1  N2 ? ? A DC  12 B DG  1   1_555 ? ? ? ? ? ? WATSON-CRICK ?     ? ? 
# 
loop_
_struct_conn_type.id 
_struct_conn_type.criteria 
_struct_conn_type.reference 
covale ? ? 
metalc ? ? 
hydrog ? ? 
# 
loop_
_struct_site.id 
_struct_site.pdbx_evidence_code 
_struct_site.pdbx_auth_asym_id 
_struct_site.pdbx_auth_comp_id 
_struct_site.pdbx_auth_seq_id 
_struct_site.pdbx_auth_ins_code 
_struct_site.pdbx_num_residues 
_struct_site.details 
AC1 Software C ZN 201 ? 4 'binding site for residue ZN C 201' 
AC2 Software C ZN 202 ? 4 'binding site for residue ZN C 202' 
# 
loop_
_struct_site_gen.id 
_struct_site_gen.site_id 
_struct_site_gen.pdbx_num_res 
_struct_site_gen.label_comp_id 
_struct_site_gen.label_asym_id 
_struct_site_gen.label_seq_id 
_struct_site_gen.pdbx_auth_ins_code 
_struct_site_gen.auth_comp_id 
_struct_site_gen.auth_asym_id 
_struct_site_gen.auth_seq_id 
_struct_site_gen.label_atom_id 
_struct_site_gen.label_alt_id 
_struct_site_gen.symmetry 
_struct_site_gen.details 
1 AC1 4 CYS C 8  ? CYS C 57 . ? 1_555 ? 
2 AC1 4 CYS C 11 ? CYS C 60 . ? 1_555 ? 
3 AC1 4 CYS C 14 ? CYS C 63 . ? 1_555 ? 
4 AC1 4 CYS C 40 ? CYS C 89 . ? 1_555 ? 
5 AC2 4 CYS C 20 ? CYS C 69 . ? 1_555 ? 
6 AC2 4 CYS C 23 ? CYS C 72 . ? 1_555 ? 
7 AC2 4 CYS C 26 ? CYS C 75 . ? 1_555 ? 
8 AC2 4 CYS C 35 ? CYS C 84 . ? 1_555 ? 
# 
_atom_sites.entry_id                    5EXH 
_atom_sites.fract_transf_matrix[1][1]   -0.00113963 
_atom_sites.fract_transf_matrix[1][2]   -0.00721614 
_atom_sites.fract_transf_matrix[1][3]   -0.01167977 
_atom_sites.fract_transf_matrix[2][1]   0.01917076 
_atom_sites.fract_transf_matrix[2][2]   0.02577657 
_atom_sites.fract_transf_matrix[2][3]   -0.01779615 
_atom_sites.fract_transf_matrix[3][1]   0.01758623 
_atom_sites.fract_transf_matrix[3][2]   -0.01312310 
_atom_sites.fract_transf_matrix[3][3]   -0.00006334 
_atom_sites.fract_transf_vector[1]      0.343723 
_atom_sites.fract_transf_vector[2]      -0.092362 
_atom_sites.fract_transf_vector[3]      0.419775 
# 
loop_
_atom_type.symbol 
C  
N  
O  
P  
S  
ZN 
# 
loop_
_atom_site.group_PDB 
_atom_site.id 
_atom_site.type_symbol 
_atom_site.label_atom_id 
_atom_site.label_alt_id 
_atom_site.label_comp_id 
_atom_site.label_asym_id 
_atom_site.label_entity_id 
_atom_site.label_seq_id 
_atom_site.pdbx_PDB_ins_code 
_atom_site.Cartn_x 
_atom_site.Cartn_y 
_atom_site.Cartn_z 
_atom_site.occupancy 
_atom_site.B_iso_or_equiv 
_atom_site.pdbx_formal_charge 
_atom_site.auth_seq_id 
_atom_site.auth_comp_id 
_atom_site.auth_asym_id 
_atom_site.auth_atom_id 
_atom_site.pdbx_PDB_model_num 
ATOM   1    O  "O5'" . DG  A 1 1  ? -21.914 -9.320  -1.515  1.00 25.03 ? 1   DG  A "O5'" 1 
ATOM   2    C  "C5'" . DG  A 1 1  ? -21.203 -8.646  -0.481  1.00 19.95 ? 1   DG  A "C5'" 1 
ATOM   3    C  "C4'" . DG  A 1 1  ? -19.721 -8.797  -0.748  1.00 16.87 ? 1   DG  A "C4'" 1 
ATOM   4    O  "O4'" . DG  A 1 1  ? -19.361 -8.165  -2.008  1.00 17.82 ? 1   DG  A "O4'" 1 
ATOM   5    C  "C3'" . DG  A 1 1  ? -18.772 -8.210  0.289   1.00 16.16 ? 1   DG  A "C3'" 1 
ATOM   6    O  "O3'" . DG  A 1 1  ? -17.619 -9.052  0.279   1.00 18.12 ? 1   DG  A "O3'" 1 
ATOM   7    C  "C2'" . DG  A 1 1  ? -18.548 -6.804  -0.264  1.00 15.36 ? 1   DG  A "C2'" 1 
ATOM   8    C  "C1'" . DG  A 1 1  ? -18.491 -7.076  -1.767  1.00 15.49 ? 1   DG  A "C1'" 1 
ATOM   9    N  N9    . DG  A 1 1  ? -18.895 -5.950  -2.610  1.00 14.38 ? 1   DG  A N9    1 
ATOM   10   C  C8    . DG  A 1 1  ? -19.964 -5.106  -2.449  1.00 17.97 ? 1   DG  A C8    1 
ATOM   11   N  N7    . DG  A 1 1  ? -20.041 -4.196  -3.387  1.00 16.09 ? 1   DG  A N7    1 
ATOM   12   C  C5    . DG  A 1 1  ? -18.957 -4.454  -4.212  1.00 12.87 ? 1   DG  A C5    1 
ATOM   13   C  C6    . DG  A 1 1  ? -18.519 -3.797  -5.389  1.00 14.02 ? 1   DG  A C6    1 
ATOM   14   O  O6    . DG  A 1 1  ? -19.030 -2.811  -5.949  1.00 13.91 ? 1   DG  A O6    1 
ATOM   15   N  N1    . DG  A 1 1  ? -17.372 -4.383  -5.906  1.00 12.92 ? 1   DG  A N1    1 
ATOM   16   C  C2    . DG  A 1 1  ? -16.732 -5.476  -5.371  1.00 12.05 ? 1   DG  A C2    1 
ATOM   17   N  N2    . DG  A 1 1  ? -15.636 -5.902  -6.009  1.00 13.47 ? 1   DG  A N2    1 
ATOM   18   N  N3    . DG  A 1 1  ? -17.137 -6.095  -4.268  1.00 11.83 ? 1   DG  A N3    1 
ATOM   19   C  C4    . DG  A 1 1  ? -18.241 -5.533  -3.746  1.00 13.35 ? 1   DG  A C4    1 
ATOM   20   P  P     . DA  A 1 2  ? -16.337 -8.754  1.207   1.00 15.43 ? 2   DA  A P     1 
ATOM   21   O  OP1   . DA  A 1 2  ? -16.017 -10.041 1.870   1.00 16.54 ? 2   DA  A OP1   1 
ATOM   22   O  OP2   . DA  A 1 2  ? -16.542 -7.549  2.023   1.00 17.92 ? 2   DA  A OP2   1 
ATOM   23   O  "O5'" . DA  A 1 2  ? -15.211 -8.401  0.148   1.00 15.63 ? 2   DA  A "O5'" 1 
ATOM   24   C  "C5'" . DA  A 1 2  ? -14.885 -9.364  -0.845  1.00 16.79 ? 2   DA  A "C5'" 1 
ATOM   25   C  "C4'" . DA  A 1 2  ? -13.597 -8.979  -1.543  1.00 15.62 ? 2   DA  A "C4'" 1 
ATOM   26   O  "O4'" . DA  A 1 2  ? -13.797 -7.863  -2.443  1.00 15.46 ? 2   DA  A "O4'" 1 
ATOM   27   C  "C3'" . DA  A 1 2  ? -12.505 -8.537  -0.586  1.00 14.53 ? 2   DA  A "C3'" 1 
ATOM   28   O  "O3'" . DA  A 1 2  ? -11.274 -8.963  -1.112  1.00 16.45 ? 2   DA  A "O3'" 1 
ATOM   29   C  "C2'" . DA  A 1 2  ? -12.624 -7.011  -0.557  1.00 14.09 ? 2   DA  A "C2'" 1 
ATOM   30   C  "C1'" . DA  A 1 2  ? -13.126 -6.695  -1.957  1.00 13.10 ? 2   DA  A "C1'" 1 
ATOM   31   N  N9    . DA  A 1 2  ? -14.106 -5.615  -2.026  1.00 13.25 ? 2   DA  A N9    1 
ATOM   32   C  C8    . DA  A 1 2  ? -15.196 -5.414  -1.231  1.00 13.45 ? 2   DA  A C8    1 
ATOM   33   N  N7    . DA  A 1 2  ? -15.920 -4.371  -1.567  1.00 12.50 ? 2   DA  A N7    1 
ATOM   34   C  C5    . DA  A 1 2  ? -15.267 -3.852  -2.674  1.00 11.54 ? 2   DA  A C5    1 
ATOM   35   C  C6    . DA  A 1 2  ? -15.542 -2.742  -3.497  1.00 10.94 ? 2   DA  A C6    1 
ATOM   36   N  N6    . DA  A 1 2  ? -16.592 -1.928  -3.323  1.00 13.40 ? 2   DA  A N6    1 
ATOM   37   N  N1    . DA  A 1 2  ? -14.679 -2.515  -4.507  1.00 11.74 ? 2   DA  A N1    1 
ATOM   38   C  C2    . DA  A 1 2  ? -13.638 -3.340  -4.678  1.00 12.04 ? 2   DA  A C2    1 
ATOM   39   N  N3    . DA  A 1 2  ? -13.286 -4.408  -3.959  1.00 11.89 ? 2   DA  A N3    1 
ATOM   40   C  C4    . DA  A 1 2  ? -14.152 -4.613  -2.966  1.00 10.91 ? 2   DA  A C4    1 
ATOM   41   P  P     . DA  A 1 3  ? -9.910  -8.630  -0.330  1.00 16.38 ? 3   DA  A P     1 
ATOM   42   O  OP1   . DA  A 1 3  ? -8.950  -9.703  -0.665  1.00 20.80 ? 3   DA  A OP1   1 
ATOM   43   O  OP2   . DA  A 1 3  ? -10.213 -8.381  1.095   1.00 17.75 ? 3   DA  A OP2   1 
ATOM   44   O  "O5'" . DA  A 1 3  ? -9.429  -7.248  -0.987  1.00 15.95 ? 3   DA  A "O5'" 1 
ATOM   45   C  "C5'" . DA  A 1 3  ? -9.179  -7.221  -2.378  1.00 15.10 ? 3   DA  A "C5'" 1 
ATOM   46   C  "C4'" . DA  A 1 3  ? -8.800  -5.824  -2.830  1.00 12.36 ? 3   DA  A "C4'" 1 
ATOM   47   O  "O4'" . DA  A 1 3  ? -9.951  -4.957  -2.724  1.00 11.99 ? 3   DA  A "O4'" 1 
ATOM   48   C  "C3'" . DA  A 1 3  ? -7.691  -5.157  -2.018  1.00 13.18 ? 3   DA  A "C3'" 1 
ATOM   49   O  "O3'" . DA  A 1 3  ? -6.735  -4.638  -2.951  1.00 12.86 ? 3   DA  A "O3'" 1 
ATOM   50   C  "C2'" . DA  A 1 3  ? -8.414  -4.071  -1.215  1.00 13.35 ? 3   DA  A "C2'" 1 
ATOM   51   C  "C1'" . DA  A 1 3  ? -9.542  -3.712  -2.168  1.00 11.65 ? 3   DA  A "C1'" 1 
ATOM   52   N  N9    . DA  A 1 3  ? -10.753 -3.160  -1.591  1.00 11.17 ? 3   DA  A N9    1 
ATOM   53   C  C8    . DA  A 1 3  ? -11.457 -3.637  -0.529  1.00 11.39 ? 3   DA  A C8    1 
ATOM   54   N  N7    . DA  A 1 3  ? -12.553 -2.964  -0.279  1.00 10.69 ? 3   DA  A N7    1 
ATOM   55   C  C5    . DA  A 1 3  ? -12.577 -1.990  -1.261  1.00 10.62 ? 3   DA  A C5    1 
ATOM   56   C  C6    . DA  A 1 3  ? -13.479 -0.951  -1.549  1.00 10.69 ? 3   DA  A C6    1 
ATOM   57   N  N6    . DA  A 1 3  ? -14.584 -0.722  -0.834  1.00 11.80 ? 3   DA  A N6    1 
ATOM   58   N  N1    . DA  A 1 3  ? -13.198 -0.165  -2.610  1.00 11.03 ? 3   DA  A N1    1 
ATOM   59   C  C2    . DA  A 1 3  ? -12.094 -0.393  -3.325  1.00 12.30 ? 3   DA  A C2    1 
ATOM   60   N  N3    . DA  A 1 3  ? -11.170 -1.339  -3.152  1.00 12.06 ? 3   DA  A N3    1 
ATOM   61   C  C4    . DA  A 1 3  ? -11.479 -2.101  -2.087  1.00 10.39 ? 3   DA  A C4    1 
ATOM   62   P  P     . DT  A 1 4  ? -5.336  -4.017  -2.450  1.00 11.71 ? 4   DT  A P     1 
ATOM   63   O  OP1   . DT  A 1 4  ? -4.395  -4.102  -3.582  1.00 12.00 ? 4   DT  A OP1   1 
ATOM   64   O  OP2   . DT  A 1 4  ? -4.969  -4.633  -1.161  1.00 12.87 ? 4   DT  A OP2   1 
ATOM   65   O  "O5'" . DT  A 1 4  ? -5.679  -2.488  -2.146  1.00 10.66 ? 4   DT  A "O5'" 1 
ATOM   66   C  "C5'" . DT  A 1 4  ? -5.983  -1.626  -3.232  1.00 11.60 ? 4   DT  A "C5'" 1 
ATOM   67   C  "C4'" . DT  A 1 4  ? -6.434  -0.289  -2.692  1.00 10.92 ? 4   DT  A "C4'" 1 
ATOM   68   O  "O4'" . DT  A 1 4  ? -7.750  -0.430  -2.092  1.00 10.23 ? 4   DT  A "O4'" 1 
ATOM   69   C  "C3'" . DT  A 1 4  ? -5.529  0.308   -1.605  1.00 9.47  ? 4   DT  A "C3'" 1 
ATOM   70   O  "O3'" . DT  A 1 4  ? -5.395  1.703   -1.814  1.00 10.09 ? 4   DT  A "O3'" 1 
ATOM   71   C  "C2'" . DT  A 1 4  ? -6.364  0.103   -0.340  1.00 10.11 ? 4   DT  A "C2'" 1 
ATOM   72   C  "C1'" . DT  A 1 4  ? -7.732  0.392   -0.958  1.00 9.15  ? 4   DT  A "C1'" 1 
ATOM   73   N  N1    . DT  A 1 4  ? -8.937  0.124   -0.128  1.00 10.05 ? 4   DT  A N1    1 
ATOM   74   C  C2    . DT  A 1 4  ? -10.025 0.939   -0.358  1.00 9.54  ? 4   DT  A C2    1 
ATOM   75   O  O2    . DT  A 1 4  ? -10.039 1.824   -1.197  1.00 10.24 ? 4   DT  A O2    1 
ATOM   76   N  N3    . DT  A 1 4  ? -11.111 0.673   0.425   1.00 9.76  ? 4   DT  A N3    1 
ATOM   77   C  C4    . DT  A 1 4  ? -11.210 -0.300  1.390   1.00 10.60 ? 4   DT  A C4    1 
ATOM   78   O  O4    . DT  A 1 4  ? -12.246 -0.435  2.032   1.00 11.52 ? 4   DT  A O4    1 
ATOM   79   C  C5    . DT  A 1 4  ? -10.041 -1.125  1.579   1.00 9.63  ? 4   DT  A C5    1 
ATOM   80   C  C7    . DT  A 1 4  ? -10.043 -2.215  2.603   1.00 13.92 ? 4   DT  A C7    1 
ATOM   81   C  C6    . DT  A 1 4  ? -8.965  -0.880  0.815   1.00 10.02 ? 4   DT  A C6    1 
ATOM   82   P  P     . DC  A 1 5  ? -4.005  2.384   -2.255  1.00 9.58  ? 5   DC  A P     1 
ATOM   83   O  OP1   . DC  A 1 5  ? -3.325  1.549   -3.260  1.00 10.81 ? 5   DC  A OP1   1 
ATOM   84   O  OP2   . DC  A 1 5  ? -3.256  2.770   -1.040  1.00 10.73 ? 5   DC  A OP2   1 
ATOM   85   O  "O5'" . DC  A 1 5  ? -4.504  3.757   -2.914  1.00 9.72  ? 5   DC  A "O5'" 1 
ATOM   86   C  "C5'" . DC  A 1 5  ? -5.310  3.776   -4.100  1.00 9.60  ? 5   DC  A "C5'" 1 
ATOM   87   C  "C4'" . DC  A 1 5  ? -6.195  5.008   -4.081  1.00 10.70 ? 5   DC  A "C4'" 1 
ATOM   88   O  "O4'" . DC  A 1 5  ? -7.299  4.817   -3.169  1.00 9.79  ? 5   DC  A "O4'" 1 
ATOM   89   C  "C3'" . DC  A 1 5  ? -5.509  6.283   -3.608  1.00 9.73  ? 5   DC  A "C3'" 1 
ATOM   90   O  "O3'" . DC  A 1 5  ? -6.019  7.362   -4.393  1.00 10.52 ? 5   DC  A "O3'" 1 
ATOM   91   C  "C2'" . DC  A 1 5  ? -5.912  6.425   -2.137  1.00 10.73 ? 5   DC  A "C2'" 1 
ATOM   92   C  "C1'" . DC  A 1 5  ? -7.312  5.824   -2.166  1.00 8.99  ? 5   DC  A "C1'" 1 
ATOM   93   N  N1    . DC  A 1 5  ? -7.776  5.111   -0.945  1.00 9.57  ? 5   DC  A N1    1 
ATOM   94   C  C2    . DC  A 1 5  ? -9.075  5.325   -0.472  1.00 9.18  ? 5   DC  A C2    1 
ATOM   95   O  O2    . DC  A 1 5  ? -9.797  6.156   -1.038  1.00 11.32 ? 5   DC  A O2    1 
ATOM   96   N  N3    . DC  A 1 5  ? -9.501  4.635   0.607   1.00 9.73  ? 5   DC  A N3    1 
ATOM   97   C  C4    . DC  A 1 5  ? -8.700  3.743   1.196   1.00 8.57  ? 5   DC  A C4    1 
ATOM   98   N  N4    . DC  A 1 5  ? -9.179  3.065   2.238   1.00 9.56  ? 5   DC  A N4    1 
ATOM   99   C  C5    . DC  A 1 5  ? -7.377  3.499   0.723   1.00 9.15  ? 5   DC  A C5    1 
ATOM   100  C  C6    . DC  A 1 5  ? -6.962  4.193   -0.339  1.00 10.95 ? 5   DC  A C6    1 
HETATM 101  P  P     . 1CC A 1 6  ? -5.345  8.798   -4.327  1.00 10.73 ? 6   1CC A P     1 
HETATM 102  O  OP1   . 1CC A 1 6  ? -5.693  9.503   -5.575  1.00 12.90 ? 6   1CC A OP1   1 
HETATM 103  O  OP2   . 1CC A 1 6  ? -3.941  8.702   -3.911  1.00 12.10 ? 6   1CC A OP2   1 
HETATM 104  O  "O5'" . 1CC A 1 6  ? -6.057  9.509   -3.092  1.00 13.26 ? 6   1CC A "O5'" 1 
HETATM 105  C  "C5'" . 1CC A 1 6  ? -7.452  9.721   -3.116  1.00 13.36 ? 6   1CC A "C5'" 1 
HETATM 106  C  "C4'" . 1CC A 1 6  ? -7.965  10.030  -1.725  1.00 12.91 ? 6   1CC A "C4'" 1 
HETATM 107  C  "C3'" . 1CC A 1 6  ? -7.283  11.154  -0.956  1.00 16.54 ? 6   1CC A "C3'" 1 
HETATM 108  C  "C2'" . 1CC A 1 6  ? -7.238  10.641  0.490   1.00 15.51 ? 6   1CC A "C2'" 1 
HETATM 109  C  "C1'" . 1CC A 1 6  ? -7.997  9.320   0.420   1.00 13.11 ? 6   1CC A "C1'" 1 
HETATM 110  O  "O4'" . 1CC A 1 6  ? -7.790  8.867   -0.889  1.00 12.32 ? 6   1CC A "O4'" 1 
HETATM 111  N  N1    . 1CC A 1 6  ? -7.542  8.218   1.309   1.00 10.62 ? 6   1CC A N1    1 
HETATM 112  C  C6    . 1CC A 1 6  ? -6.298  7.674   1.205   1.00 10.54 ? 6   1CC A C6    1 
HETATM 113  C  C5    . 1CC A 1 6  ? -5.942  6.672   2.021   1.00 10.19 ? 6   1CC A C5    1 
HETATM 114  C  C4    . 1CC A 1 6  ? -6.879  6.207   2.986   1.00 9.72  ? 6   1CC A C4    1 
HETATM 115  N  N4    . 1CC A 1 6  ? -6.569  5.211   3.816   1.00 10.65 ? 6   1CC A N4    1 
HETATM 116  N  N3    . 1CC A 1 6  ? -8.090  6.739   3.085   1.00 9.96  ? 6   1CC A N3    1 
HETATM 117  C  C2    . 1CC A 1 6  ? -8.444  7.747   2.262   1.00 10.81 ? 6   1CC A C2    1 
HETATM 118  O  O2    . 1CC A 1 6  ? -9.560  8.280   2.318   1.00 11.51 ? 6   1CC A O2    1 
HETATM 119  C  C21   . 1CC A 1 6  ? -4.549  6.081   1.895   1.00 12.62 ? 6   1CC A C21   1 
HETATM 120  O  O22   . 1CC A 1 6  ? -3.748  6.580   1.039   1.00 14.00 ? 6   1CC A O22   1 
HETATM 121  O  O23   . 1CC A 1 6  ? -4.204  5.117   2.653   1.00 12.68 ? 6   1CC A O23   1 
HETATM 122  O  "O3'" . 1CC A 1 6  ? -8.143  12.293  -1.148  1.00 16.18 ? 6   1CC A "O3'" 1 
ATOM   123  P  P     . DG  A 1 7  ? -7.717  13.778  -0.637  1.00 17.26 ? 7   DG  A P     1 
ATOM   124  O  OP1   . DG  A 1 7  ? -8.383  14.748  -1.546  1.00 20.86 ? 7   DG  A OP1   1 
ATOM   125  O  OP2   . DG  A 1 7  ? -6.252  13.814  -0.445  1.00 19.96 ? 7   DG  A OP2   1 
ATOM   126  O  "O5'" . DG  A 1 7  ? -8.393  13.884  0.794   1.00 19.05 ? 7   DG  A "O5'" 1 
ATOM   127  C  "C5'" . DG  A 1 7  ? -9.804  13.932  0.904   1.00 17.97 ? 7   DG  A "C5'" 1 
ATOM   128  C  "C4'" . DG  A 1 7  ? -10.182 13.836  2.367   1.00 19.91 ? 7   DG  A "C4'" 1 
ATOM   129  O  "O4'" . DG  A 1 7  ? -9.762  12.531  2.834   1.00 16.58 ? 7   DG  A "O4'" 1 
ATOM   130  C  "C3'" . DG  A 1 7  ? -9.506  14.835  3.303   1.00 19.51 ? 7   DG  A "C3'" 1 
ATOM   131  O  "O3'" . DG  A 1 7  ? -10.370 15.078  4.402   1.00 19.90 ? 7   DG  A "O3'" 1 
ATOM   132  C  "C2'" . DG  A 1 7  ? -8.305  14.055  3.817   1.00 18.11 ? 7   DG  A "C2'" 1 
ATOM   133  C  "C1'" . DG  A 1 7  ? -9.009  12.716  4.008   1.00 16.76 ? 7   DG  A "C1'" 1 
ATOM   134  N  N9    . DG  A 1 7  ? -8.113  11.596  4.253   1.00 14.86 ? 7   DG  A N9    1 
ATOM   135  C  C8    . DG  A 1 7  ? -6.854  11.378  3.760   1.00 16.86 ? 7   DG  A C8    1 
ATOM   136  N  N7    . DG  A 1 7  ? -6.323  10.275  4.208   1.00 16.60 ? 7   DG  A N7    1 
ATOM   137  C  C5    . DG  A 1 7  ? -7.297  9.731   5.037   1.00 14.97 ? 7   DG  A C5    1 
ATOM   138  C  C6    . DG  A 1 7  ? -7.285  8.544   5.804   1.00 10.49 ? 7   DG  A C6    1 
ATOM   139  O  O6    . DG  A 1 7  ? -6.371  7.712   5.886   1.00 13.62 ? 7   DG  A O6    1 
ATOM   140  N  N1    . DG  A 1 7  ? -8.477  8.389   6.508   1.00 12.48 ? 7   DG  A N1    1 
ATOM   141  C  C2    . DG  A 1 7  ? -9.532  9.261   6.480   1.00 12.79 ? 7   DG  A C2    1 
ATOM   142  N  N2    . DG  A 1 7  ? -10.605 8.953   7.227   1.00 14.83 ? 7   DG  A N2    1 
ATOM   143  N  N3    . DG  A 1 7  ? -9.558  10.371  5.756   1.00 14.51 ? 7   DG  A N3    1 
ATOM   144  C  C4    . DG  A 1 7  ? -8.403  10.541  5.076   1.00 14.32 ? 7   DG  A C4    1 
ATOM   145  P  P     . DG  A 1 8  ? -10.894 16.559  4.740   1.00 19.54 ? 8   DG  A P     1 
ATOM   146  O  OP1   . DG  A 1 8  ? -11.877 16.946  3.693   1.00 21.58 ? 8   DG  A OP1   1 
ATOM   147  O  OP2   . DG  A 1 8  ? -9.722  17.419  4.992   1.00 24.35 ? 8   DG  A OP2   1 
ATOM   148  O  "O5'" . DG  A 1 8  ? -11.649 16.361  6.136   1.00 22.62 ? 8   DG  A "O5'" 1 
ATOM   149  C  "C5'" . DG  A 1 8  ? -12.763 15.485  6.156   1.00 20.01 ? 8   DG  A "C5'" 1 
ATOM   150  C  "C4'" . DG  A 1 8  ? -12.943 14.852  7.526   1.00 21.49 ? 8   DG  A "C4'" 1 
ATOM   151  O  "O4'" . DG  A 1 8  ? -12.084 13.690  7.661   1.00 20.07 ? 8   DG  A "O4'" 1 
ATOM   152  C  "C3'" . DG  A 1 8  ? -12.652 15.750  8.721   1.00 23.05 ? 8   DG  A "C3'" 1 
ATOM   153  O  "O3'" . DG  A 1 8  ? -13.639 15.450  9.706   1.00 25.80 ? 8   DG  A "O3'" 1 
ATOM   154  C  "C2'" . DG  A 1 8  ? -11.239 15.322  9.122   1.00 21.63 ? 8   DG  A "C2'" 1 
ATOM   155  C  "C1'" . DG  A 1 8  ? -11.280 13.829  8.816   1.00 18.84 ? 8   DG  A "C1'" 1 
ATOM   156  N  N9    . DG  A 1 8  ? -9.997  13.214  8.484   1.00 17.39 ? 8   DG  A N9    1 
ATOM   157  C  C8    . DG  A 1 8  ? -9.072  13.615  7.549   1.00 17.02 ? 8   DG  A C8    1 
ATOM   158  N  N7    . DG  A 1 8  ? -8.024  12.841  7.481   1.00 16.85 ? 8   DG  A N7    1 
ATOM   159  C  C5    . DG  A 1 8  ? -8.270  11.855  8.428   1.00 15.12 ? 8   DG  A C5    1 
ATOM   160  C  C6    . DG  A 1 8  ? -7.489  10.736  8.810   1.00 13.68 ? 8   DG  A C6    1 
ATOM   161  O  O6    . DG  A 1 8  ? -6.392  10.386  8.359   1.00 13.46 ? 8   DG  A O6    1 
ATOM   162  N  N1    . DG  A 1 8  ? -8.099  9.993   9.817   1.00 13.58 ? 8   DG  A N1    1 
ATOM   163  C  C2    . DG  A 1 8  ? -9.319  10.296  10.368  1.00 14.60 ? 8   DG  A C2    1 
ATOM   164  N  N2    . DG  A 1 8  ? -9.764  9.469   11.324  1.00 15.23 ? 8   DG  A N2    1 
ATOM   165  N  N3    . DG  A 1 8  ? -10.067 11.336  10.015  1.00 14.07 ? 8   DG  A N3    1 
ATOM   166  C  C4    . DG  A 1 8  ? -9.477  12.070  9.047   1.00 15.11 ? 8   DG  A C4    1 
ATOM   167  P  P     . DA  A 1 9  ? -13.610 16.157  11.149  1.00 25.89 ? 9   DA  A P     1 
ATOM   168  O  OP1   . DA  A 1 9  ? -15.028 16.339  11.543  1.00 26.40 ? 9   DA  A OP1   1 
ATOM   169  O  OP2   . DA  A 1 9  ? -12.696 17.312  11.112  1.00 20.22 ? 9   DA  A OP2   1 
ATOM   170  O  "O5'" . DA  A 1 9  ? -12.943 15.067  12.101  1.00 24.22 ? 9   DA  A "O5'" 1 
ATOM   171  C  "C5'" . DA  A 1 9  ? -13.669 13.904  12.423  1.00 25.56 ? 9   DA  A "C5'" 1 
ATOM   172  C  "C4'" . DA  A 1 9  ? -13.018 13.233  13.615  1.00 22.87 ? 9   DA  A "C4'" 1 
ATOM   173  O  "O4'" . DA  A 1 9  ? -11.748 12.649  13.229  1.00 22.64 ? 9   DA  A "O4'" 1 
ATOM   174  C  "C3'" . DA  A 1 9  ? -12.744 14.135  14.812  1.00 22.02 ? 9   DA  A "C3'" 1 
ATOM   175  O  "O3'" . DA  A 1 9  ? -13.174 13.385  15.945  1.00 23.16 ? 9   DA  A "O3'" 1 
ATOM   176  C  "C2'" . DA  A 1 9  ? -11.236 14.398  14.747  1.00 19.96 ? 9   DA  A "C2'" 1 
ATOM   177  C  "C1'" . DA  A 1 9  ? -10.688 13.183  14.003  1.00 18.38 ? 9   DA  A "C1'" 1 
ATOM   178  N  N9    . DA  A 1 9  ? -9.613  13.444  13.044  1.00 16.52 ? 9   DA  A N9    1 
ATOM   179  C  C8    . DA  A 1 9  ? -9.548  14.433  12.103  1.00 16.98 ? 9   DA  A C8    1 
ATOM   180  N  N7    . DA  A 1 9  ? -8.461  14.389  11.368  1.00 16.61 ? 9   DA  A N7    1 
ATOM   181  C  C5    . DA  A 1 9  ? -7.773  13.292  11.850  1.00 12.96 ? 9   DA  A C5    1 
ATOM   182  C  C6    . DA  A 1 9  ? -6.542  12.706  11.495  1.00 13.09 ? 9   DA  A C6    1 
ATOM   183  N  N6    . DA  A 1 9  ? -5.754  13.166  10.515  1.00 12.57 ? 9   DA  A N6    1 
ATOM   184  N  N1    . DA  A 1 9  ? -6.148  11.612  12.175  1.00 12.64 ? 9   DA  A N1    1 
ATOM   185  C  C2    . DA  A 1 9  ? -6.923  11.140  13.156  1.00 13.36 ? 9   DA  A C2    1 
ATOM   186  N  N3    . DA  A 1 9  ? -8.095  11.608  13.581  1.00 14.26 ? 9   DA  A N3    1 
ATOM   187  C  C4    . DA  A 1 9  ? -8.470  12.690  12.878  1.00 14.94 ? 9   DA  A C4    1 
ATOM   188  P  P     . DT  A 1 10 ? -12.871 13.871  17.449  1.00 24.25 ? 10  DT  A P     1 
ATOM   189  O  OP1   . DT  A 1 10 ? -13.937 13.278  18.300  1.00 25.78 ? 10  DT  A OP1   1 
ATOM   190  O  OP2   . DT  A 1 10 ? -12.673 15.336  17.477  1.00 22.10 ? 10  DT  A OP2   1 
ATOM   191  O  "O5'" . DT  A 1 10 ? -11.473 13.172  17.787  1.00 21.33 ? 10  DT  A "O5'" 1 
ATOM   192  C  "C5'" . DT  A 1 10 ? -11.378 11.775  17.632  1.00 21.50 ? 10  DT  A "C5'" 1 
ATOM   193  C  "C4'" . DT  A 1 10 ? -9.965  11.303  17.919  1.00 19.02 ? 10  DT  A "C4'" 1 
ATOM   194  O  "O4'" . DT  A 1 10 ? -9.060  11.822  16.918  1.00 17.10 ? 10  DT  A "O4'" 1 
ATOM   195  C  "C3'" . DT  A 1 10 ? -9.399  11.719  19.273  1.00 19.46 ? 10  DT  A "C3'" 1 
ATOM   196  O  "O3'" . DT  A 1 10 ? -8.941  10.512  19.887  1.00 19.16 ? 10  DT  A "O3'" 1 
ATOM   197  C  "C2'" . DT  A 1 10 ? -8.287  12.720  18.921  1.00 18.20 ? 10  DT  A "C2'" 1 
ATOM   198  C  "C1'" . DT  A 1 10 ? -7.854  12.203  17.557  1.00 15.81 ? 10  DT  A "C1'" 1 
ATOM   199  N  N1    . DT  A 1 10 ? -7.229  13.136  16.578  1.00 14.19 ? 10  DT  A N1    1 
ATOM   200  C  C2    . DT  A 1 10 ? -6.023  12.780  16.000  1.00 12.40 ? 10  DT  A C2    1 
ATOM   201  O  O2    . DT  A 1 10 ? -5.422  11.762  16.291  1.00 13.48 ? 10  DT  A O2    1 
ATOM   202  N  N3    . DT  A 1 10 ? -5.538  13.663  15.074  1.00 12.34 ? 10  DT  A N3    1 
ATOM   203  C  C4    . DT  A 1 10 ? -6.133  14.839  14.667  1.00 13.70 ? 10  DT  A C4    1 
ATOM   204  O  O4    . DT  A 1 10 ? -5.626  15.562  13.816  1.00 14.98 ? 10  DT  A O4    1 
ATOM   205  C  C5    . DT  A 1 10 ? -7.389  15.151  15.303  1.00 14.39 ? 10  DT  A C5    1 
ATOM   206  C  C7    . DT  A 1 10 ? -8.114  16.407  14.931  1.00 18.04 ? 10  DT  A C7    1 
ATOM   207  C  C6    . DT  A 1 10 ? -7.882  14.294  16.211  1.00 15.26 ? 10  DT  A C6    1 
ATOM   208  P  P     . DT  A 1 11 ? -8.535  10.478  21.440  1.00 22.97 ? 11  DT  A P     1 
ATOM   209  O  OP1   . DT  A 1 11 ? -8.663  9.071   21.907  1.00 24.35 ? 11  DT  A OP1   1 
ATOM   210  O  OP2   . DT  A 1 11 ? -9.256  11.573  22.106  1.00 20.12 ? 11  DT  A OP2   1 
ATOM   211  O  "O5'" . DT  A 1 11 ? -6.998  10.892  21.426  1.00 19.48 ? 11  DT  A "O5'" 1 
ATOM   212  C  "C5'" . DT  A 1 11 ? -6.092  10.031  20.794  1.00 21.68 ? 11  DT  A "C5'" 1 
ATOM   213  C  "C4'" . DT  A 1 11 ? -4.792  10.771  20.675  1.00 17.61 ? 11  DT  A "C4'" 1 
ATOM   214  O  "O4'" . DT  A 1 11 ? -4.930  11.801  19.679  1.00 17.27 ? 11  DT  A "O4'" 1 
ATOM   215  C  "C3'" . DT  A 1 11 ? -4.383  11.493  21.952  1.00 16.80 ? 11  DT  A "C3'" 1 
ATOM   216  O  "O3'" . DT  A 1 11 ? -3.404  10.651  22.518  1.00 18.10 ? 11  DT  A "O3'" 1 
ATOM   217  C  "C2'" . DT  A 1 11 ? -3.859  12.852  21.471  1.00 16.30 ? 11  DT  A "C2'" 1 
ATOM   218  C  "C1'" . DT  A 1 11 ? -3.888  12.704  19.952  1.00 15.12 ? 11  DT  A "C1'" 1 
ATOM   219  N  N1    . DT  A 1 11 ? -4.174  13.921  19.156  1.00 14.09 ? 11  DT  A N1    1 
ATOM   220  C  C2    . DT  A 1 11 ? -3.329  14.204  18.108  1.00 13.21 ? 11  DT  A C2    1 
ATOM   221  O  O2    . DT  A 1 11 ? -2.359  13.524  17.829  1.00 14.22 ? 11  DT  A O2    1 
ATOM   222  N  N3    . DT  A 1 11 ? -3.660  15.323  17.392  1.00 11.93 ? 11  DT  A N3    1 
ATOM   223  C  C4    . DT  A 1 11 ? -4.727  16.164  17.630  1.00 14.20 ? 11  DT  A C4    1 
ATOM   224  O  O4    . DT  A 1 11 ? -4.945  17.159  16.938  1.00 14.95 ? 11  DT  A O4    1 
ATOM   225  C  C5    . DT  A 1 11 ? -5.567  15.802  18.742  1.00 13.10 ? 11  DT  A C5    1 
ATOM   226  C  C7    . DT  A 1 11 ? -6.756  16.640  19.088  1.00 15.78 ? 11  DT  A C7    1 
ATOM   227  C  C6    . DT  A 1 11 ? -5.267  14.705  19.443  1.00 14.36 ? 11  DT  A C6    1 
ATOM   228  P  P     . DC  A 1 12 ? -2.660  11.030  23.890  1.00 17.09 ? 12  DC  A P     1 
ATOM   229  O  OP1   . DC  A 1 12 ? -2.249  9.736   24.482  1.00 25.07 ? 12  DC  A OP1   1 
ATOM   230  O  OP2   . DC  A 1 12 ? -3.497  11.953  24.681  1.00 20.12 ? 12  DC  A OP2   1 
ATOM   231  O  "O5'" . DC  A 1 12 ? -1.361  11.798  23.394  1.00 18.99 ? 12  DC  A "O5'" 1 
ATOM   232  C  "C5'" . DC  A 1 12 ? -0.535  11.122  22.473  1.00 16.95 ? 12  DC  A "C5'" 1 
ATOM   233  C  "C4'" . DC  A 1 12 ? 0.374   12.113  21.787  1.00 18.66 ? 12  DC  A "C4'" 1 
ATOM   234  O  "O4'" . DC  A 1 12 ? -0.430  12.954  20.941  1.00 17.04 ? 12  DC  A "O4'" 1 
ATOM   235  C  "C3'" . DC  A 1 12 ? 1.084   13.089  22.708  1.00 17.91 ? 12  DC  A "C3'" 1 
ATOM   236  O  "O3'" . DC  A 1 12 ? 2.312   12.510  23.137  1.00 23.99 ? 12  DC  A "O3'" 1 
ATOM   237  C  "C2'" . DC  A 1 12 ? 1.291   14.312  21.810  1.00 19.25 ? 12  DC  A "C2'" 1 
ATOM   238  C  "C1'" . DC  A 1 12 ? 0.363   14.074  20.617  1.00 16.16 ? 12  DC  A "C1'" 1 
ATOM   239  N  N1    . DC  A 1 12 ? -0.527  15.216  20.298  1.00 13.96 ? 12  DC  A N1    1 
ATOM   240  C  C2    . DC  A 1 12 ? -0.254  15.983  19.158  1.00 13.75 ? 12  DC  A C2    1 
ATOM   241  O  O2    . DC  A 1 12 ? 0.718   15.685  18.457  1.00 14.18 ? 12  DC  A O2    1 
ATOM   242  N  N3    . DC  A 1 12 ? -1.052  17.036  18.868  1.00 13.04 ? 12  DC  A N3    1 
ATOM   243  C  C4    . DC  A 1 12 ? -2.091  17.318  19.651  1.00 14.09 ? 12  DC  A C4    1 
ATOM   244  N  N4    . DC  A 1 12 ? -2.845  18.371  19.308  1.00 13.88 ? 12  DC  A N4    1 
ATOM   245  C  C5    . DC  A 1 12 ? -2.387  16.555  20.826  1.00 14.23 ? 12  DC  A C5    1 
ATOM   246  C  C6    . DC  A 1 12 ? -1.585  15.520  21.103  1.00 13.99 ? 12  DC  A C6    1 
ATOM   247  C  "C5'" . DG  B 1 1  ? 1.918   23.955  11.538  1.00 18.64 ? 1   DG  B "C5'" 1 
ATOM   248  C  "C4'" . DG  B 1 1  ? 2.710   22.666  11.528  1.00 18.78 ? 1   DG  B "C4'" 1 
ATOM   249  O  "O4'" . DG  B 1 1  ? 2.424   21.885  12.713  1.00 17.46 ? 1   DG  B "O4'" 1 
ATOM   250  C  "C3'" . DG  B 1 1  ? 2.375   21.740  10.377  1.00 20.74 ? 1   DG  B "C3'" 1 
ATOM   251  O  "O3'" . DG  B 1 1  ? 3.519   20.941  10.125  1.00 18.94 ? 1   DG  B "O3'" 1 
ATOM   252  C  "C2'" . DG  B 1 1  ? 1.200   20.933  10.925  1.00 17.76 ? 1   DG  B "C2'" 1 
ATOM   253  C  "C1'" . DG  B 1 1  ? 1.601   20.775  12.391  1.00 18.01 ? 1   DG  B "C1'" 1 
ATOM   254  N  N9    . DG  B 1 1  ? 0.494   20.767  13.349  1.00 16.28 ? 1   DG  B N9    1 
ATOM   255  C  C8    . DG  B 1 1  ? -0.632  21.556  13.352  1.00 18.26 ? 1   DG  B C8    1 
ATOM   256  N  N7    . DG  B 1 1  ? -1.429  21.318  14.360  1.00 17.86 ? 1   DG  B N7    1 
ATOM   257  C  C5    . DG  B 1 1  ? -0.790  20.309  15.071  1.00 13.76 ? 1   DG  B C5    1 
ATOM   258  C  C6    . DG  B 1 1  ? -1.180  19.644  16.263  1.00 13.54 ? 1   DG  B C6    1 
ATOM   259  O  O6    . DG  B 1 1  ? -2.204  19.814  16.945  1.00 15.42 ? 1   DG  B O6    1 
ATOM   260  N  N1    . DG  B 1 1  ? -0.245  18.688  16.643  1.00 13.01 ? 1   DG  B N1    1 
ATOM   261  C  C2    . DG  B 1 1  ? 0.920   18.422  15.971  1.00 13.22 ? 1   DG  B C2    1 
ATOM   262  N  N2    . DG  B 1 1  ? 1.700   17.472  16.499  1.00 13.65 ? 1   DG  B N2    1 
ATOM   263  N  N3    . DG  B 1 1  ? 1.296   19.035  14.852  1.00 13.80 ? 1   DG  B N3    1 
ATOM   264  C  C4    . DG  B 1 1  ? 0.395   19.968  14.468  1.00 15.78 ? 1   DG  B C4    1 
ATOM   265  P  P     . DA  B 1 2  ? 3.545   19.939  8.869   1.00 20.30 ? 2   DA  B P     1 
ATOM   266  O  OP1   . DA  B 1 2  ? 4.930   19.958  8.345   1.00 24.09 ? 2   DA  B OP1   1 
ATOM   267  O  OP2   . DA  B 1 2  ? 2.394   20.218  7.980   1.00 27.68 ? 2   DA  B OP2   1 
ATOM   268  O  "O5'" . DA  B 1 2  ? 3.315   18.509  9.543   1.00 20.09 ? 2   DA  B "O5'" 1 
ATOM   269  C  "C5'" . DA  B 1 2  ? 4.269   18.025  10.471  1.00 18.14 ? 2   DA  B "C5'" 1 
ATOM   270  C  "C4'" . DA  B 1 2  ? 3.827   16.704  11.080  1.00 17.60 ? 2   DA  B "C4'" 1 
ATOM   271  O  "O4'" . DA  B 1 2  ? 2.740   16.926  12.015  1.00 15.64 ? 2   DA  B "O4'" 1 
ATOM   272  C  "C3'" . DA  B 1 2  ? 3.297   15.667  10.093  1.00 19.34 ? 2   DA  B "C3'" 1 
ATOM   273  O  "O3'" . DA  B 1 2  ? 3.587   14.400  10.636  1.00 18.58 ? 2   DA  B "O3'" 1 
ATOM   274  C  "C2'" . DA  B 1 2  ? 1.797   15.906  10.154  1.00 16.42 ? 2   DA  B "C2'" 1 
ATOM   275  C  "C1'" . DA  B 1 2  ? 1.675   16.067  11.663  1.00 15.82 ? 2   DA  B "C1'" 1 
ATOM   276  N  N9    . DA  B 1 2  ? 0.434   16.682  12.112  1.00 15.85 ? 2   DA  B N9    1 
ATOM   277  C  C8    . DA  B 1 2  ? -0.280  17.683  11.518  1.00 16.95 ? 2   DA  B C8    1 
ATOM   278  N  N7    . DA  B 1 2  ? -1.356  18.019  12.180  1.00 14.60 ? 2   DA  B N7    1 
ATOM   279  C  C5    . DA  B 1 2  ? -1.341  17.179  13.284  1.00 13.09 ? 2   DA  B C5    1 
ATOM   280  C  C6    . DA  B 1 2  ? -2.210  17.027  14.376  1.00 12.30 ? 2   DA  B C6    1 
ATOM   281  N  N6    . DA  B 1 2  ? -3.313  17.763  14.522  1.00 14.71 ? 2   DA  B N6    1 
ATOM   282  N  N1    . DA  B 1 2  ? -1.907  16.093  15.302  1.00 12.25 ? 2   DA  B N1    1 
ATOM   283  C  C2    . DA  B 1 2  ? -0.797  15.366  15.146  1.00 12.64 ? 2   DA  B C2    1 
ATOM   284  N  N3    . DA  B 1 2  ? 0.092   15.412  14.154  1.00 13.23 ? 2   DA  B N3    1 
ATOM   285  C  C4    . DA  B 1 2  ? -0.243  16.352  13.258  1.00 12.39 ? 2   DA  B C4    1 
ATOM   286  P  P     . DA  B 1 3  ? 4.414   13.310  9.801   1.00 18.84 ? 3   DA  B P     1 
ATOM   287  O  OP1   . DA  B 1 3  ? 5.852   13.640  9.952   1.00 25.60 ? 3   DA  B OP1   1 
ATOM   288  O  OP2   . DA  B 1 3  ? 3.811   13.205  8.460   1.00 24.99 ? 3   DA  B OP2   1 
ATOM   289  O  "O5'" . DA  B 1 3  ? 4.120   11.971  10.607  1.00 16.76 ? 3   DA  B "O5'" 1 
ATOM   290  C  "C5'" . DA  B 1 3  ? 4.682   11.823  11.892  1.00 17.23 ? 3   DA  B "C5'" 1 
ATOM   291  C  "C4'" . DA  B 1 3  ? 3.814   10.884  12.703  1.00 16.81 ? 3   DA  B "C4'" 1 
ATOM   292  O  "O4'" . DA  B 1 3  ? 2.573   11.540  13.072  1.00 15.98 ? 3   DA  B "O4'" 1 
ATOM   293  C  "C3'" . DA  B 1 3  ? 3.414   9.585   12.020  1.00 17.73 ? 3   DA  B "C3'" 1 
ATOM   294  O  "O3'" . DA  B 1 3  ? 3.462   8.610   13.047  1.00 20.77 ? 3   DA  B "O3'" 1 
ATOM   295  C  "C2'" . DA  B 1 3  ? 1.990   9.870   11.542  1.00 16.02 ? 3   DA  B "C2'" 1 
ATOM   296  C  "C1'" . DA  B 1 3  ? 1.460   10.773  12.652  1.00 16.57 ? 3   DA  B "C1'" 1 
ATOM   297  N  N9    . DA  B 1 3  ? 0.438   11.748  12.270  1.00 14.38 ? 3   DA  B N9    1 
ATOM   298  C  C8    . DA  B 1 3  ? 0.436   12.546  11.165  1.00 14.94 ? 3   DA  B C8    1 
ATOM   299  N  N7    . DA  B 1 3  ? -0.601  13.341  11.085  1.00 13.85 ? 3   DA  B N7    1 
ATOM   300  C  C5    . DA  B 1 3  ? -1.335  13.061  12.227  1.00 12.23 ? 3   DA  B C5    1 
ATOM   301  C  C6    . DA  B 1 3  ? -2.551  13.575  12.731  1.00 12.01 ? 3   DA  B C6    1 
ATOM   302  N  N6    . DA  B 1 3  ? -3.255  14.534  12.120  1.00 13.72 ? 3   DA  B N6    1 
ATOM   303  N  N1    . DA  B 1 3  ? -3.019  13.073  13.894  1.00 11.30 ? 3   DA  B N1    1 
ATOM   304  C  C2    . DA  B 1 3  ? -2.301  12.129  14.507  1.00 11.94 ? 3   DA  B C2    1 
ATOM   305  N  N3    . DA  B 1 3  ? -1.145  11.574  14.137  1.00 13.47 ? 3   DA  B N3    1 
ATOM   306  C  C4    . DA  B 1 3  ? -0.708  12.082  12.971  1.00 12.75 ? 3   DA  B C4    1 
ATOM   307  P  P     . DT  B 1 4  ? 3.409   7.043   12.705  1.00 21.07 ? 4   DT  B P     1 
ATOM   308  O  OP1   . DT  B 1 4  ? 4.410   6.366   13.568  1.00 28.02 ? 4   DT  B OP1   1 
ATOM   309  O  OP2   . DT  B 1 4  ? 3.472   6.881   11.239  1.00 23.74 ? 4   DT  B OP2   1 
ATOM   310  O  "O5'" . DT  B 1 4  ? 1.935   6.615   13.169  1.00 24.75 ? 4   DT  B "O5'" 1 
ATOM   311  C  "C5'" . DT  B 1 4  ? 1.532   6.777   14.524  1.00 24.38 ? 4   DT  B "C5'" 1 
ATOM   312  C  "C4'" . DT  B 1 4  ? 0.019   6.809   14.627  1.00 17.52 ? 4   DT  B "C4'" 1 
ATOM   313  O  "O4'" . DT  B 1 4  ? -0.475  8.026   14.018  1.00 15.31 ? 4   DT  B "O4'" 1 
ATOM   314  C  "C3'" . DT  B 1 4  ? -0.716  5.663   13.936  1.00 20.07 ? 4   DT  B "C3'" 1 
ATOM   315  O  "O3'" . DT  B 1 4  ? -1.392  4.840   14.872  1.00 17.22 ? 4   DT  B "O3'" 1 
ATOM   316  C  "C2'" . DT  B 1 4  ? -1.711  6.376   13.040  1.00 22.37 ? 4   DT  B "C2'" 1 
ATOM   317  C  "C1'" . DT  B 1 4  ? -1.811  7.748   13.675  1.00 21.04 ? 4   DT  B "C1'" 1 
ATOM   318  N  N1    . DT  B 1 4  ? -2.270  8.729   12.687  1.00 16.55 ? 4   DT  B N1    1 
ATOM   319  C  C2    . DT  B 1 4  ? -3.421  9.449   12.913  1.00 12.27 ? 4   DT  B C2    1 
ATOM   320  O  O2    . DT  B 1 4  ? -4.090  9.344   13.925  1.00 15.74 ? 4   DT  B O2    1 
ATOM   321  N  N3    . DT  B 1 4  ? -3.740  10.314  11.903  1.00 13.98 ? 4   DT  B N3    1 
ATOM   322  C  C4    . DT  B 1 4  ? -3.057  10.518  10.726  1.00 12.35 ? 4   DT  B C4    1 
ATOM   323  O  O4    . DT  B 1 4  ? -3.438  11.332  9.894   1.00 14.34 ? 4   DT  B O4    1 
ATOM   324  C  C5    . DT  B 1 4  ? -1.874  9.712   10.546  1.00 13.42 ? 4   DT  B C5    1 
ATOM   325  C  C7    . DT  B 1 4  ? -1.046  9.842   9.308   1.00 16.59 ? 4   DT  B C7    1 
ATOM   326  C  C6    . DT  B 1 4  ? -1.544  8.865   11.523  1.00 13.61 ? 4   DT  B C6    1 
ATOM   327  P  P     . DC  B 1 5  ? -2.247  3.562   14.390  1.00 14.73 ? 5   DC  B P     1 
ATOM   328  O  OP1   . DC  B 1 5  ? -1.816  2.455   15.259  1.00 14.67 ? 5   DC  B OP1   1 
ATOM   329  O  OP2   . DC  B 1 5  ? -2.221  3.390   12.922  1.00 15.26 ? 5   DC  B OP2   1 
ATOM   330  O  "O5'" . DC  B 1 5  ? -3.756  3.964   14.747  1.00 14.48 ? 5   DC  B "O5'" 1 
ATOM   331  C  "C5'" . DC  B 1 5  ? -4.131  4.443   16.034  1.00 15.14 ? 5   DC  B "C5'" 1 
ATOM   332  C  "C4'" . DC  B 1 5  ? -5.585  4.885   15.989  1.00 15.17 ? 5   DC  B "C4'" 1 
ATOM   333  O  "O4'" . DC  B 1 5  ? -5.699  6.038   15.115  1.00 13.78 ? 5   DC  B "O4'" 1 
ATOM   334  C  "C3'" . DC  B 1 5  ? -6.568  3.841   15.453  1.00 13.45 ? 5   DC  B "C3'" 1 
ATOM   335  O  "O3'" . DC  B 1 5  ? -7.789  3.929   16.178  1.00 12.79 ? 5   DC  B "O3'" 1 
ATOM   336  C  "C2'" . DC  B 1 5  ? -6.765  4.239   13.989  1.00 11.81 ? 5   DC  B "C2'" 1 
ATOM   337  C  "C1'" . DC  B 1 5  ? -6.607  5.753   14.060  1.00 12.83 ? 5   DC  B "C1'" 1 
ATOM   338  N  N1    . DC  B 1 5  ? -6.123  6.373   12.792  1.00 12.89 ? 5   DC  B N1    1 
ATOM   339  C  C2    . DC  B 1 5  ? -6.849  7.425   12.213  1.00 13.38 ? 5   DC  B C2    1 
ATOM   340  O  O2    . DC  B 1 5  ? -7.891  7.820   12.758  1.00 14.27 ? 5   DC  B O2    1 
ATOM   341  N  N3    . DC  B 1 5  ? -6.402  7.977   11.055  1.00 12.96 ? 5   DC  B N3    1 
ATOM   342  C  C4    . DC  B 1 5  ? -5.277  7.527   10.502  1.00 12.13 ? 5   DC  B C4    1 
ATOM   343  N  N4    . DC  B 1 5  ? -4.860  8.095   9.373   1.00 12.24 ? 5   DC  B N4    1 
ATOM   344  C  C5    . DC  B 1 5  ? -4.521  6.471   11.082  1.00 14.21 ? 5   DC  B C5    1 
ATOM   345  C  C6    . DC  B 1 5  ? -4.972  5.925   12.218  1.00 15.07 ? 5   DC  B C6    1 
HETATM 346  P  P     . 1CC B 1 6  ? -8.920  2.830   16.011  1.00 13.16 ? 6   1CC B P     1 
HETATM 347  O  OP1   . 1CC B 1 6  ? -9.757  2.933   17.238  1.00 16.28 ? 6   1CC B OP1   1 
HETATM 348  O  OP2   . 1CC B 1 6  ? -8.316  1.537   15.646  1.00 13.37 ? 6   1CC B OP2   1 
HETATM 349  O  "O5'" . 1CC B 1 6  ? -9.770  3.314   14.756  1.00 13.23 ? 6   1CC B "O5'" 1 
HETATM 350  C  "C5'" . 1CC B 1 6  ? -10.523 4.510   14.870  1.00 14.61 ? 6   1CC B "C5'" 1 
HETATM 351  C  "C4'" . 1CC B 1 6  ? -11.029 4.950   13.513  1.00 12.03 ? 6   1CC B "C4'" 1 
HETATM 352  C  "C3'" . 1CC B 1 6  ? -11.881 3.941   12.745  1.00 12.29 ? 6   1CC B "C3'" 1 
HETATM 353  C  "C2'" . 1CC B 1 6  ? -11.425 4.086   11.288  1.00 13.25 ? 6   1CC B "C2'" 1 
HETATM 354  C  "C1'" . 1CC B 1 6  ? -10.473 5.275   11.350  1.00 13.02 ? 6   1CC B "C1'" 1 
HETATM 355  O  "O4'" . 1CC B 1 6  ? -9.915  5.244   12.645  1.00 13.39 ? 6   1CC B "O4'" 1 
HETATM 356  N  N1    . 1CC B 1 6  ? -9.353  5.302   10.382  1.00 11.47 ? 6   1CC B N1    1 
HETATM 357  C  C6    . 1CC B 1 6  ? -8.239  4.542   10.593  1.00 13.43 ? 6   1CC B C6    1 
HETATM 358  C  C5    . 1CC B 1 6  ? -7.218  4.590   9.724   1.00 12.65 ? 6   1CC B C5    1 
HETATM 359  C  C4    . 1CC B 1 6  ? -7.323  5.459   8.599   1.00 12.20 ? 6   1CC B C4    1 
HETATM 360  N  N4    . 1CC B 1 6  ? -6.337  5.545   7.700   1.00 11.77 ? 6   1CC B N4    1 
HETATM 361  N  N3    . 1CC B 1 6  ? -8.408  6.204   8.405   1.00 11.66 ? 6   1CC B N3    1 
HETATM 362  C  C2    . 1CC B 1 6  ? -9.442  6.150   9.270   1.00 11.35 ? 6   1CC B C2    1 
HETATM 363  O  O2    . 1CC B 1 6  ? -10.468 6.827   9.114   1.00 14.08 ? 6   1CC B O2    1 
HETATM 364  C  C21   . 1CC B 1 6  ? -6.014  3.715   10.038  1.00 13.55 ? 6   1CC B C21   1 
HETATM 365  O  O22   . 1CC B 1 6  ? -6.018  3.023   11.096  1.00 14.75 ? 6   1CC B O22   1 
HETATM 366  O  O23   . 1CC B 1 6  ? -5.009  3.695   9.259   1.00 15.72 ? 6   1CC B O23   1 
HETATM 367  O  "O3'" . 1CC B 1 6  ? -13.246 4.337   12.963  1.00 14.50 ? 6   1CC B "O3'" 1 
ATOM   368  P  P     . DG  B 1 7  ? -14.472 3.379   12.594  1.00 13.78 ? 7   DG  B P     1 
ATOM   369  O  OP1   . DG  B 1 7  ? -15.560 3.758   13.534  1.00 18.47 ? 7   DG  B OP1   1 
ATOM   370  O  OP2   . DG  B 1 7  ? -14.031 1.978   12.509  1.00 15.59 ? 7   DG  B OP2   1 
ATOM   371  O  "O5'" . DG  B 1 7  ? -14.859 3.820   11.119  1.00 13.52 ? 7   DG  B "O5'" 1 
ATOM   372  C  "C5'" . DG  B 1 7  ? -15.365 5.126   10.916  1.00 14.54 ? 7   DG  B "C5'" 1 
ATOM   373  C  "C4'" . DG  B 1 7  ? -15.386 5.414   9.433   1.00 13.02 ? 7   DG  B "C4'" 1 
ATOM   374  O  "O4'" . DG  B 1 7  ? -14.027 5.425   8.933   1.00 11.57 ? 7   DG  B "O4'" 1 
ATOM   375  C  "C3'" . DG  B 1 7  ? -16.127 4.372   8.610   1.00 13.60 ? 7   DG  B "C3'" 1 
ATOM   376  O  "O3'" . DG  B 1 7  ? -16.751 5.088   7.571   1.00 13.41 ? 7   DG  B "O3'" 1 
ATOM   377  C  "C2'" . DG  B 1 7  ? -15.012 3.527   8.007   1.00 12.04 ? 7   DG  B "C2'" 1 
ATOM   378  C  "C1'" . DG  B 1 7  ? -14.013 4.649   7.758   1.00 12.18 ? 7   DG  B "C1'" 1 
ATOM   379  N  N9    . DG  B 1 7  ? -12.652 4.224   7.460   1.00 10.22 ? 7   DG  B N9    1 
ATOM   380  C  C8    . DG  B 1 7  ? -11.918 3.168   7.960   1.00 10.47 ? 7   DG  B C8    1 
ATOM   381  N  N7    . DG  B 1 7  ? -10.720 3.100   7.444   1.00 11.49 ? 7   DG  B N7    1 
ATOM   382  C  C5    . DG  B 1 7  ? -10.669 4.169   6.561   1.00 10.65 ? 7   DG  B C5    1 
ATOM   383  C  C6    . DG  B 1 7  ? -9.630  4.602   5.720   1.00 9.70  ? 7   DG  B C6    1 
ATOM   384  O  O6    . DG  B 1 7  ? -8.515  4.096   5.561   1.00 10.57 ? 7   DG  B O6    1 
ATOM   385  N  N1    . DG  B 1 7  ? -9.992  5.723   4.982   1.00 9.85  ? 7   DG  B N1    1 
ATOM   386  C  C2    . DG  B 1 7  ? -11.202 6.364   5.055   1.00 9.32  ? 7   DG  B C2    1 
ATOM   387  N  N2    . DG  B 1 7  ? -11.345 7.440   4.256   1.00 11.29 ? 7   DG  B N2    1 
ATOM   388  N  N3    . DG  B 1 7  ? -12.188 5.968   5.849   1.00 10.74 ? 7   DG  B N3    1 
ATOM   389  C  C4    . DG  B 1 7  ? -11.848 4.865   6.561   1.00 9.64  ? 7   DG  B C4    1 
ATOM   390  P  P     . DG  B 1 8  ? -18.337 5.014   7.344   1.00 16.39 ? 8   DG  B P     1 
ATOM   391  O  OP1   . DG  B 1 8  ? -19.005 5.583   8.539   1.00 22.79 ? 8   DG  B OP1   1 
ATOM   392  O  OP2   . DG  B 1 8  ? -18.638 3.633   6.925   1.00 21.59 ? 8   DG  B OP2   1 
ATOM   393  O  "O5'" . DG  B 1 8  ? -18.565 5.976   6.095   1.00 15.45 ? 8   DG  B "O5'" 1 
ATOM   394  C  "C5'" . DG  B 1 8  ? -18.351 7.356   6.260   1.00 14.86 ? 8   DG  B "C5'" 1 
ATOM   395  C  "C4'" . DG  B 1 8  ? -17.918 8.023   4.971   1.00 12.76 ? 8   DG  B "C4'" 1 
ATOM   396  O  "O4'" . DG  B 1 8  ? -16.580 7.592   4.609   1.00 11.57 ? 8   DG  B "O4'" 1 
ATOM   397  C  "C3'" . DG  B 1 8  ? -18.772 7.704   3.753   1.00 13.07 ? 8   DG  B "C3'" 1 
ATOM   398  O  "O3'" . DG  B 1 8  ? -18.774 8.858   2.911   1.00 13.22 ? 8   DG  B "O3'" 1 
ATOM   399  C  "C2'" . DG  B 1 8  ? -18.045 6.516   3.121   1.00 11.85 ? 8   DG  B "C2'" 1 
ATOM   400  C  "C1'" . DG  B 1 8  ? -16.597 6.923   3.356   1.00 11.74 ? 8   DG  B "C1'" 1 
ATOM   401  N  N9    . DG  B 1 8  ? -15.620 5.837   3.452   1.00 12.21 ? 8   DG  B N9    1 
ATOM   402  C  C8    . DG  B 1 8  ? -15.675 4.717   4.245   1.00 12.32 ? 8   DG  B C8    1 
ATOM   403  N  N7    . DG  B 1 8  ? -14.633 3.940   4.127   1.00 11.23 ? 8   DG  B N7    1 
ATOM   404  C  C5    . DG  B 1 8  ? -13.836 4.596   3.199   1.00 10.06 ? 8   DG  B C5    1 
ATOM   405  C  C6    . DG  B 1 8  ? -12.576 4.223   2.678   1.00 10.27 ? 8   DG  B C6    1 
ATOM   406  O  O6    . DG  B 1 8  ? -11.900 3.212   2.948   1.00 10.83 ? 8   DG  B O6    1 
ATOM   407  N  N1    . DG  B 1 8  ? -12.111 5.157   1.763   1.00 10.74 ? 8   DG  B N1    1 
ATOM   408  C  C2    . DG  B 1 8  ? -12.772 6.304   1.399   1.00 9.29  ? 8   DG  B C2    1 
ATOM   409  N  N2    . DG  B 1 8  ? -12.155 7.079   0.496   1.00 11.06 ? 8   DG  B N2    1 
ATOM   410  N  N3    . DG  B 1 8  ? -13.956 6.661   1.882   1.00 10.67 ? 8   DG  B N3    1 
ATOM   411  C  C4    . DG  B 1 8  ? -14.422 5.763   2.771   1.00 12.00 ? 8   DG  B C4    1 
ATOM   412  P  P     . DA  B 1 9  ? -19.643 8.901   1.563   1.00 15.44 ? 9   DA  B P     1 
ATOM   413  O  OP1   . DA  B 1 9  ? -20.019 10.315  1.315   1.00 16.51 ? 9   DA  B OP1   1 
ATOM   414  O  OP2   . DA  B 1 9  ? -20.678 7.847   1.592   1.00 15.40 ? 9   DA  B OP2   1 
ATOM   415  O  "O5'" . DA  B 1 9  ? -18.624 8.443   0.429   1.00 16.96 ? 9   DA  B "O5'" 1 
ATOM   416  C  "C5'" . DA  B 1 9  ? -17.542 9.270   0.061   1.00 17.42 ? 9   DA  B "C5'" 1 
ATOM   417  C  "C4'" . DA  B 1 9  ? -16.789 8.633   -1.093  1.00 18.86 ? 9   DA  B "C4'" 1 
ATOM   418  O  "O4'" . DA  B 1 9  ? -15.982 7.528   -0.608  1.00 19.54 ? 9   DA  B "O4'" 1 
ATOM   419  C  "C3'" . DA  B 1 9  ? -17.682 8.078   -2.202  1.00 19.86 ? 9   DA  B "C3'" 1 
ATOM   420  O  "O3'" . DA  B 1 9  ? -17.323 8.731   -3.420  1.00 22.27 ? 9   DA  B "O3'" 1 
ATOM   421  C  "C2'" . DA  B 1 9  ? -17.400 6.580   -2.220  1.00 17.02 ? 9   DA  B "C2'" 1 
ATOM   422  C  "C1'" . DA  B 1 9  ? -16.063 6.442   -1.510  1.00 15.37 ? 9   DA  B "C1'" 1 
ATOM   423  N  N9    . DA  B 1 9  ? -15.976 5.253   -0.683  1.00 14.02 ? 9   DA  B N9    1 
ATOM   424  C  C8    . DA  B 1 9  ? -16.914 4.802   0.198   1.00 14.36 ? 9   DA  B C8    1 
ATOM   425  N  N7    . DA  B 1 9  ? -16.571 3.712   0.832   1.00 14.41 ? 9   DA  B N7    1 
ATOM   426  C  C5    . DA  B 1 9  ? -15.301 3.433   0.347   1.00 11.65 ? 9   DA  B C5    1 
ATOM   427  C  C6    . DA  B 1 9  ? -14.376 2.406   0.629   1.00 11.87 ? 9   DA  B C6    1 
ATOM   428  N  N6    . DA  B 1 9  ? -14.603 1.437   1.516   1.00 12.31 ? 9   DA  B N6    1 
ATOM   429  N  N1    . DA  B 1 9  ? -13.202 2.424   -0.040  1.00 12.35 ? 9   DA  B N1    1 
ATOM   430  C  C2    . DA  B 1 9  ? -12.972 3.398   -0.926  1.00 10.87 ? 9   DA  B C2    1 
ATOM   431  N  N3    . DA  B 1 9  ? -13.766 4.418   -1.262  1.00 11.34 ? 9   DA  B N3    1 
ATOM   432  C  C4    . DA  B 1 9  ? -14.924 4.375   -0.588  1.00 11.74 ? 9   DA  B C4    1 
ATOM   433  P  P     . DT  B 1 10 ? -17.916 8.264   -4.844  1.00 21.08 ? 10  DT  B P     1 
ATOM   434  O  OP1   . DT  B 1 10 ? -18.096 9.512   -5.627  1.00 26.40 ? 10  DT  B OP1   1 
ATOM   435  O  OP2   . DT  B 1 10 ? -19.062 7.345   -4.671  1.00 20.63 ? 10  DT  B OP2   1 
ATOM   436  O  "O5'" . DT  B 1 10 ? -16.713 7.415   -5.472  1.00 19.46 ? 10  DT  B "O5'" 1 
ATOM   437  C  "C5'" . DT  B 1 10 ? -15.413 7.977   -5.516  1.00 18.24 ? 10  DT  B "C5'" 1 
ATOM   438  C  "C4'" . DT  B 1 10 ? -14.406 7.011   -6.121  1.00 19.82 ? 10  DT  B "C4'" 1 
ATOM   439  O  "O4'" . DT  B 1 10 ? -14.224 5.853   -5.267  1.00 16.08 ? 10  DT  B "O4'" 1 
ATOM   440  C  "C3'" . DT  B 1 10 ? -14.760 6.450   -7.492  1.00 18.98 ? 10  DT  B "C3'" 1 
ATOM   441  O  "O3'" . DT  B 1 10 ? -13.536 6.290   -8.193  1.00 21.92 ? 10  DT  B "O3'" 1 
ATOM   442  C  "C2'" . DT  B 1 10 ? -15.402 5.107   -7.145  1.00 16.98 ? 10  DT  B "C2'" 1 
ATOM   443  C  "C1'" . DT  B 1 10 ? -14.503 4.670   -5.996  1.00 14.56 ? 10  DT  B "C1'" 1 
ATOM   444  N  N1    . DT  B 1 10 ? -15.058 3.740   -4.976  1.00 13.01 ? 10  DT  B N1    1 
ATOM   445  C  C2    . DT  B 1 10 ? -14.235 2.735   -4.515  1.00 13.55 ? 10  DT  B C2    1 
ATOM   446  O  O2    . DT  B 1 10 ? -13.104 2.562   -4.924  1.00 14.35 ? 10  DT  B O2    1 
ATOM   447  N  N3    . DT  B 1 10 ? -14.786 1.935   -3.554  1.00 12.67 ? 10  DT  B N3    1 
ATOM   448  C  C4    . DT  B 1 10 ? -16.047 2.041   -3.018  1.00 12.73 ? 10  DT  B C4    1 
ATOM   449  O  O4    . DT  B 1 10 ? -16.440 1.276   -2.145  1.00 13.44 ? 10  DT  B O4    1 
ATOM   450  C  C5    . DT  B 1 10 ? -16.854 3.115   -3.535  1.00 14.37 ? 10  DT  B C5    1 
ATOM   451  C  C7    . DT  B 1 10 ? -18.241 3.303   -3.006  1.00 16.66 ? 10  DT  B C7    1 
ATOM   452  C  C6    . DT  B 1 10 ? -16.335 3.917   -4.475  1.00 14.98 ? 10  DT  B C6    1 
ATOM   453  P  P     . DT  B 1 11 ? -13.484 6.380   -9.797  1.00 24.82 ? 11  DT  B P     1 
ATOM   454  O  OP1   . DT  B 1 11 ? -12.305 7.214   -10.127 1.00 27.05 ? 11  DT  B OP1   1 
ATOM   455  O  OP2   . DT  B 1 11 ? -14.824 6.732   -10.309 1.00 24.69 ? 11  DT  B OP2   1 
ATOM   456  O  "O5'" . DT  B 1 11 ? -13.175 4.880   -10.245 1.00 18.76 ? 11  DT  B "O5'" 1 
ATOM   457  C  "C5'" . DT  B 1 11 ? -11.888 4.383   -9.984  1.00 22.23 ? 11  DT  B "C5'" 1 
ATOM   458  C  "C4'" . DT  B 1 11 ? -11.946 2.875   -9.938  1.00 16.58 ? 11  DT  B "C4'" 1 
ATOM   459  O  "O4'" . DT  B 1 11 ? -12.694 2.450   -8.782  1.00 15.12 ? 11  DT  B "O4'" 1 
ATOM   460  C  "C3'" . DT  B 1 11 ? -12.644 2.247   -11.137 1.00 16.71 ? 11  DT  B "C3'" 1 
ATOM   461  O  "O3'" . DT  B 1 11 ? -11.614 1.638   -11.883 1.00 17.04 ? 11  DT  B "O3'" 1 
ATOM   462  C  "C2'" . DT  B 1 11 ? -13.628 1.235   -10.547 1.00 16.44 ? 11  DT  B "C2'" 1 
ATOM   463  C  "C1'" . DT  B 1 11 ? -13.174 1.160   -9.092  1.00 17.32 ? 11  DT  B "C1'" 1 
ATOM   464  N  N1    . DT  B 1 11 ? -14.238 0.851   -8.100  1.00 14.67 ? 11  DT  B N1    1 
ATOM   465  C  C2    . DT  B 1 11 ? -13.996 -0.111  -7.137  1.00 12.54 ? 11  DT  B C2    1 
ATOM   466  O  O2    . DT  B 1 11 ? -12.947 -0.727  -7.053  1.00 15.80 ? 11  DT  B O2    1 
ATOM   467  N  N3    . DT  B 1 11 ? -15.029 -0.331  -6.271  1.00 12.76 ? 11  DT  B N3    1 
ATOM   468  C  C4    . DT  B 1 11 ? -16.247 0.317   -6.261  1.00 12.34 ? 11  DT  B C4    1 
ATOM   469  O  O4    . DT  B 1 11 ? -17.106 0.050   -5.424  1.00 13.16 ? 11  DT  B O4    1 
ATOM   470  C  C5    . DT  B 1 11 ? -16.442 1.311   -7.292  1.00 14.28 ? 11  DT  B C5    1 
ATOM   471  C  C7    . DT  B 1 11 ? -17.733 2.069   -7.385  1.00 15.57 ? 11  DT  B C7    1 
ATOM   472  C  C6    . DT  B 1 11 ? -15.439 1.529   -8.154  1.00 14.00 ? 11  DT  B C6    1 
ATOM   473  P  P     . DC  B 1 12 ? -11.936 0.912   -13.277 1.00 17.50 ? 12  DC  B P     1 
ATOM   474  O  OP1   . DC  B 1 12 ? -10.690 0.990   -14.070 1.00 21.91 ? 12  DC  B OP1   1 
ATOM   475  O  OP2   . DC  B 1 12 ? -13.213 1.431   -13.825 1.00 19.03 ? 12  DC  B OP2   1 
ATOM   476  O  "O5'" . DC  B 1 12 ? -12.161 -0.617  -12.876 1.00 16.38 ? 12  DC  B "O5'" 1 
ATOM   477  C  "C5'" . DC  B 1 12 ? -11.063 -1.336  -12.344 1.00 16.92 ? 12  DC  B "C5'" 1 
ATOM   478  C  "C4'" . DC  B 1 12 ? -11.543 -2.621  -11.702 1.00 19.91 ? 12  DC  B "C4'" 1 
ATOM   479  O  "O4'" . DC  B 1 12 ? -12.319 -2.290  -10.531 1.00 15.94 ? 12  DC  B "O4'" 1 
ATOM   480  C  "C3'" . DC  B 1 12 ? -12.534 -3.433  -12.515 1.00 17.85 ? 12  DC  B "C3'" 1 
ATOM   481  O  "O3'" . DC  B 1 12 ? -11.866 -4.204  -13.521 1.00 21.89 ? 12  DC  B "O3'" 1 
ATOM   482  C  "C2'" . DC  B 1 12 ? -13.178 -4.300  -11.437 1.00 18.16 ? 12  DC  B "C2'" 1 
ATOM   483  C  "C1'" . DC  B 1 12 ? -13.107 -3.412  -10.194 1.00 17.75 ? 12  DC  B "C1'" 1 
ATOM   484  N  N1    . DC  B 1 12 ? -14.421 -2.917  -9.728  1.00 13.96 ? 12  DC  B N1    1 
ATOM   485  C  C2    . DC  B 1 12 ? -14.980 -3.442  -8.554  1.00 14.51 ? 12  DC  B C2    1 
ATOM   486  O  O2    . DC  B 1 12 ? -14.364 -4.316  -7.930  1.00 14.97 ? 12  DC  B O2    1 
ATOM   487  N  N3    . DC  B 1 12 ? -16.187 -2.990  -8.148  1.00 12.97 ? 12  DC  B N3    1 
ATOM   488  C  C4    . DC  B 1 12 ? -16.825 -2.048  -8.842  1.00 13.32 ? 12  DC  B C4    1 
ATOM   489  N  N4    . DC  B 1 12 ? -18.012 -1.644  -8.378  1.00 14.86 ? 12  DC  B N4    1 
ATOM   490  C  C5    . DC  B 1 12 ? -16.276 -1.498  -10.041 1.00 13.33 ? 12  DC  B C5    1 
ATOM   491  C  C6    . DC  B 1 12 ? -15.082 -1.955  -10.443 1.00 13.65 ? 12  DC  B C6    1 
ATOM   492  N  N     . LYS C 2 3  ? -9.959  12.849  -9.950  1.00 24.22 ? 52  LYS C N     1 
ATOM   493  C  CA    . LYS C 2 3  ? -10.127 11.404  -10.040 1.00 22.19 ? 52  LYS C CA    1 
ATOM   494  C  C     . LYS C 2 3  ? -9.061  10.708  -9.207  1.00 23.02 ? 52  LYS C C     1 
ATOM   495  O  O     . LYS C 2 3  ? -7.916  11.166  -9.141  1.00 22.66 ? 52  LYS C O     1 
ATOM   496  C  CB    . LYS C 2 3  ? -10.028 10.943  -11.494 1.00 22.24 ? 52  LYS C CB    1 
ATOM   497  N  N     . LYS C 2 4  ? -9.416  9.596   -8.572  1.00 18.58 ? 53  LYS C N     1 
ATOM   498  C  CA    . LYS C 2 4  ? -8.420  8.932   -7.743  1.00 18.00 ? 53  LYS C CA    1 
ATOM   499  C  C     . LYS C 2 4  ? -7.374  8.194   -8.574  1.00 14.79 ? 53  LYS C C     1 
ATOM   500  O  O     . LYS C 2 4  ? -7.646  7.675   -9.672  1.00 15.44 ? 53  LYS C O     1 
ATOM   501  C  CB    . LYS C 2 4  ? -9.037  8.067   -6.642  1.00 24.32 ? 53  LYS C CB    1 
ATOM   502  C  CG    . LYS C 2 4  ? -9.579  6.728   -7.060  1.00 23.83 ? 53  LYS C CG    1 
ATOM   503  C  CD    . LYS C 2 4  ? -9.866  5.913   -5.807  1.00 23.50 ? 53  LYS C CD    1 
ATOM   504  C  CE    . LYS C 2 4  ? -10.663 4.662   -6.089  1.00 23.54 ? 53  LYS C CE    1 
ATOM   505  N  NZ    . LYS C 2 4  ? -10.925 3.950   -4.804  1.00 23.19 ? 53  LYS C NZ    1 
ATOM   506  N  N     . ARG C 2 5  ? -6.156  8.206   -8.044  1.00 13.63 ? 54  ARG C N     1 
ATOM   507  C  CA    . ARG C 2 5  ? -4.996  7.682   -8.743  1.00 12.70 ? 54  ARG C CA    1 
ATOM   508  C  C     . ARG C 2 5  ? -4.883  6.180   -8.577  1.00 11.01 ? 54  ARG C C     1 
ATOM   509  O  O     . ARG C 2 5  ? -5.450  5.602   -7.645  1.00 13.88 ? 54  ARG C O     1 
ATOM   510  C  CB    . ARG C 2 5  ? -3.729  8.375   -8.237  1.00 12.45 ? 54  ARG C CB    1 
ATOM   511  C  CG    . ARG C 2 5  ? -3.764  9.889   -8.455  1.00 14.18 ? 54  ARG C CG    1 
ATOM   512  C  CD    . ARG C 2 5  ? -2.590  10.576  -7.797  1.00 15.39 ? 54  ARG C CD    1 
ATOM   513  N  NE    . ARG C 2 5  ? -2.596  10.329  -6.360  1.00 12.94 ? 54  ARG C NE    1 
ATOM   514  C  CZ    . ARG C 2 5  ? -1.601  10.642  -5.533  1.00 13.99 ? 54  ARG C CZ    1 
ATOM   515  N  NH1   . ARG C 2 5  ? -1.704  10.352  -4.247  1.00 12.31 ? 54  ARG C NH1   1 
ATOM   516  N  NH2   . ARG C 2 5  ? -0.511  11.246  -5.986  1.00 17.45 ? 54  ARG C NH2   1 
ATOM   517  N  N     . LYS C 2 6  ? -4.161  5.555   -9.497  1.00 12.27 ? 55  LYS C N     1 
ATOM   518  C  CA    . LYS C 2 6  ? -3.929  4.119   -9.453  1.00 13.59 ? 55  LYS C CA    1 
ATOM   519  C  C     . LYS C 2 6  ? -2.481  3.873   -9.061  1.00 13.72 ? 55  LYS C C     1 
ATOM   520  O  O     . LYS C 2 6  ? -1.614  4.721   -9.303  1.00 13.89 ? 55  LYS C O     1 
ATOM   521  C  CB    . LYS C 2 6  ? -4.179  3.498   -10.830 1.00 13.73 ? 55  LYS C CB    1 
ATOM   522  C  CG    . LYS C 2 6  ? -5.413  4.004   -11.565 1.00 22.14 ? 55  LYS C CG    1 
ATOM   523  C  CD    . LYS C 2 6  ? -6.694  3.513   -10.932 1.00 22.31 ? 55  LYS C CD    1 
ATOM   524  C  CE    . LYS C 2 6  ? -7.852  3.511   -11.940 1.00 27.02 ? 55  LYS C CE    1 
ATOM   525  N  NZ    . LYS C 2 6  ? -7.683  2.488   -13.015 1.00 32.38 ? 55  LYS C NZ    1 
ATOM   526  N  N     . ARG C 2 7  ? -2.202  2.715   -8.471  1.00 11.72 ? 56  ARG C N     1 
ATOM   527  C  CA    A ARG C 2 7  ? -0.831  2.376   -8.102  0.43 12.63 ? 56  ARG C CA    1 
ATOM   528  C  CA    B ARG C 2 7  ? -0.835  2.360   -8.101  0.57 12.61 ? 56  ARG C CA    1 
ATOM   529  C  C     . ARG C 2 7  ? 0.063   2.333   -9.339  1.00 12.24 ? 56  ARG C C     1 
ATOM   530  O  O     . ARG C 2 7  ? -0.399  2.048   -10.454 1.00 13.05 ? 56  ARG C O     1 
ATOM   531  C  CB    A ARG C 2 7  ? -0.776  1.033   -7.380  0.43 11.75 ? 56  ARG C CB    1 
ATOM   532  C  CB    B ARG C 2 7  ? -0.797  1.020   -7.350  0.57 11.71 ? 56  ARG C CB    1 
ATOM   533  C  CG    A ARG C 2 7  ? -1.011  -0.151  -8.289  0.43 13.99 ? 56  ARG C CG    1 
ATOM   534  C  CG    B ARG C 2 7  ? -0.646  -0.234  -8.213  0.57 14.19 ? 56  ARG C CG    1 
ATOM   535  C  CD    A ARG C 2 7  ? -0.837  -1.458  -7.557  0.43 15.49 ? 56  ARG C CD    1 
ATOM   536  C  CD    B ARG C 2 7  ? -1.899  -0.573  -9.012  0.57 15.81 ? 56  ARG C CD    1 
ATOM   537  N  NE    A ARG C 2 7  ? -1.030  -2.584  -8.461  0.43 18.34 ? 56  ARG C NE    1 
ATOM   538  N  NE    B ARG C 2 7  ? -1.730  -1.832  -9.734  0.57 16.67 ? 56  ARG C NE    1 
ATOM   539  C  CZ    A ARG C 2 7  ? -0.178  -3.593  -8.599  0.43 18.00 ? 56  ARG C CZ    1 
ATOM   540  C  CZ    B ARG C 2 7  ? -1.032  -1.964  -10.860 0.57 16.46 ? 56  ARG C CZ    1 
ATOM   541  N  NH1   A ARG C 2 7  ? -0.448  -4.569  -9.451  0.43 22.09 ? 56  ARG C NH1   1 
ATOM   542  N  NH1   B ARG C 2 7  ? -0.928  -3.152  -11.443 0.57 14.93 ? 56  ARG C NH1   1 
ATOM   543  N  NH2   A ARG C 2 7  ? 0.938   -3.627  -7.886  0.43 16.47 ? 56  ARG C NH2   1 
ATOM   544  N  NH2   B ARG C 2 7  ? -0.434  -0.911  -11.402 0.57 14.44 ? 56  ARG C NH2   1 
ATOM   545  N  N     . CYS C 2 8  ? 1.343   2.622   -9.151  1.00 13.06 ? 57  CYS C N     1 
ATOM   546  C  CA    . CYS C 2 8  ? 2.249   2.718   -10.287 1.00 13.88 ? 57  CYS C CA    1 
ATOM   547  C  C     . CYS C 2 8  ? 2.566   1.353   -10.898 1.00 12.76 ? 57  CYS C C     1 
ATOM   548  O  O     . CYS C 2 8  ? 2.825   1.254   -12.105 1.00 15.47 ? 57  CYS C O     1 
ATOM   549  C  CB    . CYS C 2 8  ? 3.525   3.479   -9.905  1.00 14.42 ? 57  CYS C CB    1 
ATOM   550  S  SG    . CYS C 2 8  ? 4.814   2.511   -9.094  1.00 13.30 ? 57  CYS C SG    1 
ATOM   551  N  N     . GLY C 2 9  ? 2.529   0.304   -10.080 1.00 12.88 ? 58  GLY C N     1 
ATOM   552  C  CA    . GLY C 2 9  ? 2.761   -1.047  -10.558 1.00 14.21 ? 58  GLY C CA    1 
ATOM   553  C  C     . GLY C 2 9  ? 4.219   -1.455  -10.668 1.00 14.07 ? 58  GLY C C     1 
ATOM   554  O  O     . GLY C 2 9  ? 4.507   -2.639  -10.863 1.00 14.99 ? 58  GLY C O     1 
ATOM   555  N  N     . THR C 2 10 ? 5.135   -0.497  -10.531 1.00 12.55 ? 59  THR C N     1 
ATOM   556  C  CA    . THR C 2 10 ? 6.550   -0.775  -10.800 1.00 15.99 ? 59  THR C CA    1 
ATOM   557  C  C     . THR C 2 10 ? 7.498   -0.638  -9.614  1.00 15.13 ? 59  THR C C     1 
ATOM   558  O  O     . THR C 2 10 ? 8.588   -1.215  -9.635  1.00 16.27 ? 59  THR C O     1 
ATOM   559  C  CB    . THR C 2 10 ? 7.112   0.097   -11.951 1.00 20.52 ? 59  THR C CB    1 
ATOM   560  O  OG1   . THR C 2 10 ? 7.200   1.465   -11.539 1.00 22.44 ? 59  THR C OG1   1 
ATOM   561  C  CG2   . THR C 2 10 ? 6.234   0.014   -13.158 1.00 24.85 ? 59  THR C CG2   1 
ATOM   562  N  N     . CYS C 2 11 ? 7.115   0.138   -8.600  1.00 14.09 ? 60  CYS C N     1 
ATOM   563  C  CA    . CYS C 2 11 ? 7.969   0.301   -7.424  1.00 15.22 ? 60  CYS C CA    1 
ATOM   564  C  C     . CYS C 2 11 ? 8.021   -0.999  -6.626  1.00 14.72 ? 60  CYS C C     1 
ATOM   565  O  O     . CYS C 2 11 ? 7.197   -1.893  -6.831  1.00 15.53 ? 60  CYS C O     1 
ATOM   566  C  CB    . CYS C 2 11 ? 7.478   1.457   -6.542  1.00 13.56 ? 60  CYS C CB    1 
ATOM   567  S  SG    . CYS C 2 11 ? 5.904   1.180   -5.683  1.00 11.62 ? 60  CYS C SG    1 
ATOM   568  N  N     . ASP C 2 12 ? 8.997   -1.117  -5.731  1.00 14.93 ? 61  ASP C N     1 
ATOM   569  C  CA    . ASP C 2 12 ? 9.133   -2.352  -4.968  1.00 17.65 ? 61  ASP C CA    1 
ATOM   570  C  C     . ASP C 2 12 ? 7.875   -2.725  -4.156  1.00 16.00 ? 61  ASP C C     1 
ATOM   571  O  O     . ASP C 2 12 ? 7.443   -3.881  -4.188  1.00 14.72 ? 61  ASP C O     1 
ATOM   572  C  CB    . ASP C 2 12 ? 10.422  -2.366  -4.135  1.00 21.69 ? 61  ASP C CB    1 
ATOM   573  C  CG    . ASP C 2 12 ? 11.667  -2.542  -4.998  1.00 28.48 ? 61  ASP C CG    1 
ATOM   574  O  OD1   . ASP C 2 12 ? 11.877  -3.660  -5.519  1.00 34.35 ? 61  ASP C OD1   1 
ATOM   575  O  OD2   . ASP C 2 12 ? 12.431  -1.565  -5.156  1.00 32.54 ? 61  ASP C OD2   1 
ATOM   576  N  N     . PRO C 2 13 ? 7.260   -1.751  -3.452  1.00 13.44 ? 62  PRO C N     1 
ATOM   577  C  CA    . PRO C 2 13 ? 5.997   -2.076  -2.775  1.00 12.57 ? 62  PRO C CA    1 
ATOM   578  C  C     . PRO C 2 13 ? 4.912   -2.589  -3.734  1.00 11.52 ? 62  PRO C C     1 
ATOM   579  O  O     . PRO C 2 13 ? 4.223   -3.546  -3.396  1.00 12.22 ? 62  PRO C O     1 
ATOM   580  C  CB    . PRO C 2 13 ? 5.593   -0.740  -2.142  1.00 12.40 ? 62  PRO C CB    1 
ATOM   581  C  CG    . PRO C 2 13 ? 6.910   -0.081  -1.840  1.00 11.26 ? 62  PRO C CG    1 
ATOM   582  C  CD    . PRO C 2 13 ? 7.776   -0.436  -3.023  1.00 12.86 ? 62  PRO C CD    1 
ATOM   583  N  N     . CYS C 2 14 ? 4.779   -1.978  -4.909  1.00 11.85 ? 63  CYS C N     1 
ATOM   584  C  CA    . CYS C 2 14 ? 3.807   -2.439  -5.902  1.00 11.70 ? 63  CYS C CA    1 
ATOM   585  C  C     . CYS C 2 14 ? 4.062   -3.868  -6.406  1.00 13.87 ? 63  CYS C C     1 
ATOM   586  O  O     . CYS C 2 14 ? 3.139   -4.538  -6.886  1.00 15.22 ? 63  CYS C O     1 
ATOM   587  C  CB    . CYS C 2 14 ? 3.741   -1.474  -7.090  1.00 12.24 ? 63  CYS C CB    1 
ATOM   588  S  SG    . CYS C 2 14 ? 2.674   -0.046  -6.831  1.00 11.34 ? 63  CYS C SG    1 
ATOM   589  N  N     . ARG C 2 15 ? 5.306   -4.323  -6.305  1.00 13.50 ? 64  ARG C N     1 
ATOM   590  C  CA    . ARG C 2 15 ? 5.671   -5.645  -6.810  1.00 17.44 ? 64  ARG C CA    1 
ATOM   591  C  C     . ARG C 2 15 ? 5.544   -6.753  -5.765  1.00 16.38 ? 64  ARG C C     1 
ATOM   592  O  O     . ARG C 2 15 ? 5.619   -7.938  -6.105  1.00 17.04 ? 64  ARG C O     1 
ATOM   593  C  CB    . ARG C 2 15 ? 7.067   -5.609  -7.442  1.00 17.98 ? 64  ARG C CB    1 
ATOM   594  C  CG    . ARG C 2 15 ? 7.066   -4.840  -8.768  1.00 17.36 ? 64  ARG C CG    1 
ATOM   595  C  CD    . ARG C 2 15 ? 8.449   -4.705  -9.381  1.00 21.58 ? 64  ARG C CD    1 
ATOM   596  N  NE    . ARG C 2 15 ? 8.403   -3.947  -10.630 1.00 18.22 ? 64  ARG C NE    1 
ATOM   597  C  CZ    . ARG C 2 15 ? 8.216   -4.491  -11.830 1.00 17.04 ? 64  ARG C CZ    1 
ATOM   598  N  NH1   . ARG C 2 15 ? 8.185   -3.719  -12.907 1.00 18.21 ? 64  ARG C NH1   1 
ATOM   599  N  NH2   . ARG C 2 15 ? 8.064   -5.801  -11.953 1.00 18.13 ? 64  ARG C NH2   1 
ATOM   600  N  N     . ARG C 2 16 ? 5.328   -6.385  -4.504  1.00 14.94 ? 65  ARG C N     1 
ATOM   601  C  CA    . ARG C 2 16 ? 5.110   -7.392  -3.463  1.00 14.94 ? 65  ARG C CA    1 
ATOM   602  C  C     . ARG C 2 16 ? 3.858   -8.211  -3.744  1.00 16.88 ? 65  ARG C C     1 
ATOM   603  O  O     . ARG C 2 16 ? 2.838   -7.682  -4.185  1.00 16.13 ? 65  ARG C O     1 
ATOM   604  C  CB    . ARG C 2 16 ? 4.988   -6.749  -2.085  1.00 16.24 ? 65  ARG C CB    1 
ATOM   605  C  CG    . ARG C 2 16 ? 6.265   -6.174  -1.563  1.00 18.60 ? 65  ARG C CG    1 
ATOM   606  C  CD    . ARG C 2 16 ? 6.131   -5.798  -0.085  1.00 19.56 ? 65  ARG C CD    1 
ATOM   607  N  NE    . ARG C 2 16 ? 6.342   -6.937  0.804   1.00 18.78 ? 65  ARG C NE    1 
ATOM   608  C  CZ    . ARG C 2 16 ? 7.545   -7.379  1.162   1.00 20.20 ? 65  ARG C CZ    1 
ATOM   609  N  NH1   . ARG C 2 16 ? 8.634   -6.783  0.691   1.00 22.90 ? 65  ARG C NH1   1 
ATOM   610  N  NH2   . ARG C 2 16 ? 7.666   -8.421  1.975   1.00 21.43 ? 65  ARG C NH2   1 
ATOM   611  N  N     . LEU C 2 17 ? 3.930   -9.508  -3.471  1.00 15.35 ? 66  LEU C N     1 
ATOM   612  C  CA    . LEU C 2 17 ? 2.859   -10.409 -3.861  1.00 16.19 ? 66  LEU C CA    1 
ATOM   613  C  C     . LEU C 2 17 ? 1.777   -10.536 -2.806  1.00 16.71 ? 66  LEU C C     1 
ATOM   614  O  O     . LEU C 2 17 ? 0.633   -10.848 -3.124  1.00 20.02 ? 66  LEU C O     1 
ATOM   615  C  CB    . LEU C 2 17 ? 3.421   -11.795 -4.170  1.00 18.58 ? 66  LEU C CB    1 
ATOM   616  C  CG    . LEU C 2 17 ? 4.450   -11.857 -5.299  1.00 17.83 ? 66  LEU C CG    1 
ATOM   617  C  CD1   . LEU C 2 17 ? 4.815   -13.304 -5.594  1.00 21.36 ? 66  LEU C CD1   1 
ATOM   618  C  CD2   . LEU C 2 17 ? 3.917   -11.177 -6.548  1.00 19.65 ? 66  LEU C CD2   1 
ATOM   619  N  N     . GLU C 2 18 ? 2.145   -10.315 -1.546  1.00 16.14 ? 67  GLU C N     1 
ATOM   620  C  CA    . GLU C 2 18 ? 1.239   -10.602 -0.440  1.00 16.26 ? 67  GLU C CA    1 
ATOM   621  C  C     . GLU C 2 18 ? 1.245   -9.497  0.605   1.00 12.69 ? 67  GLU C C     1 
ATOM   622  O  O     . GLU C 2 18 ? 2.235   -8.786  0.753   1.00 14.43 ? 67  GLU C O     1 
ATOM   623  C  CB    . GLU C 2 18 ? 1.629   -11.927 0.230   1.00 21.05 ? 67  GLU C CB    1 
ATOM   624  C  CG    . GLU C 2 18 ? 1.896   -13.065 -0.742  1.00 25.79 ? 67  GLU C CG    1 
ATOM   625  C  CD    . GLU C 2 18 ? 1.822   -14.429 -0.093  1.00 31.71 ? 67  GLU C CD    1 
ATOM   626  O  OE1   . GLU C 2 18 ? 1.895   -14.509 1.152   1.00 30.69 ? 67  GLU C OE1   1 
ATOM   627  O  OE2   . GLU C 2 18 ? 1.690   -15.428 -0.833  1.00 36.17 ? 67  GLU C OE2   1 
ATOM   628  N  N     . ASN C 2 19 ? 0.135   -9.361  1.323   1.00 11.85 ? 68  ASN C N     1 
ATOM   629  C  CA    . ASN C 2 19 ? 0.130   -8.546  2.534   1.00 11.23 ? 68  ASN C CA    1 
ATOM   630  C  C     . ASN C 2 19 ? 1.118   -9.120  3.546   1.00 13.75 ? 68  ASN C C     1 
ATOM   631  O  O     . ASN C 2 19 ? 1.231   -10.344 3.678   1.00 13.93 ? 68  ASN C O     1 
ATOM   632  C  CB    . ASN C 2 19 ? -1.268  -8.500  3.140   1.00 11.13 ? 68  ASN C CB    1 
ATOM   633  C  CG    . ASN C 2 19 ? -2.246  -7.735  2.285   1.00 11.85 ? 68  ASN C CG    1 
ATOM   634  O  OD1   . ASN C 2 19 ? -1.909  -6.698  1.720   1.00 11.87 ? 68  ASN C OD1   1 
ATOM   635  N  ND2   . ASN C 2 19 ? -3.465  -8.255  2.170   1.00 15.02 ? 68  ASN C ND2   1 
ATOM   636  N  N     . CYS C 2 20 ? 1.831   -8.253  4.264   1.00 12.19 ? 69  CYS C N     1 
ATOM   637  C  CA    . CYS C 2 20 ? 2.882   -8.734  5.163   1.00 11.49 ? 69  CYS C CA    1 
ATOM   638  C  C     . CYS C 2 20 ? 2.328   -9.448  6.389   1.00 11.98 ? 69  CYS C C     1 
ATOM   639  O  O     . CYS C 2 20 ? 3.014   -10.292 6.983   1.00 14.43 ? 69  CYS C O     1 
ATOM   640  C  CB    . CYS C 2 20 ? 3.845   -7.612  5.574   1.00 11.50 ? 69  CYS C CB    1 
ATOM   641  S  SG    . CYS C 2 20 ? 3.247   -6.440  6.828   1.00 10.99 ? 69  CYS C SG    1 
ATOM   642  N  N     . GLY C 2 21 ? 1.109   -9.097  6.780   1.00 12.30 ? 70  GLY C N     1 
ATOM   643  C  CA    . GLY C 2 21 ? 0.447   -9.752  7.891   1.00 12.31 ? 70  GLY C CA    1 
ATOM   644  C  C     . GLY C 2 21 ? 0.789   -9.233  9.275   1.00 12.89 ? 70  GLY C C     1 
ATOM   645  O  O     . GLY C 2 21 ? 0.175   -9.666  10.258  1.00 18.17 ? 70  GLY C O     1 
ATOM   646  N  N     . SER C 2 22 ? 1.741   -8.309  9.379   1.00 11.20 ? 71  SER C N     1 
ATOM   647  C  CA    . SER C 2 22 ? 2.156   -7.864  10.708  1.00 11.76 ? 71  SER C CA    1 
ATOM   648  C  C     . SER C 2 22 ? 2.303   -6.353  10.904  1.00 10.52 ? 71  SER C C     1 
ATOM   649  O  O     . SER C 2 22 ? 2.420   -5.900  12.041  1.00 10.96 ? 71  SER C O     1 
ATOM   650  C  CB    . SER C 2 22 ? 3.437   -8.575  11.134  1.00 16.62 ? 71  SER C CB    1 
ATOM   651  O  OG    . SER C 2 22 ? 4.487   -8.260  10.247  1.00 17.37 ? 71  SER C OG    1 
ATOM   652  N  N     . CYS C 2 23 ? 2.289   -5.570  9.823   1.00 10.42 ? 72  CYS C N     1 
ATOM   653  C  CA    . CYS C 2 23 ? 2.349   -4.119  9.969   1.00 10.29 ? 72  CYS C CA    1 
ATOM   654  C  C     . CYS C 2 23 ? 1.049   -3.574  10.564  1.00 9.54  ? 72  CYS C C     1 
ATOM   655  O  O     . CYS C 2 23 ? 0.068   -4.308  10.739  1.00 9.77  ? 72  CYS C O     1 
ATOM   656  C  CB    . CYS C 2 23 ? 2.617   -3.456  8.620   1.00 9.69  ? 72  CYS C CB    1 
ATOM   657  S  SG    . CYS C 2 23 ? 1.201   -3.431  7.525   1.00 9.64  ? 72  CYS C SG    1 
ATOM   658  N  N     . THR C 2 24 ? 1.038   -2.281  10.855  1.00 9.34  ? 73  THR C N     1 
ATOM   659  C  CA    . THR C 2 24 ? -0.137  -1.664  11.452  1.00 10.86 ? 73  THR C CA    1 
ATOM   660  C  C     . THR C 2 24 ? -1.391  -1.862  10.594  1.00 10.02 ? 73  THR C C     1 
ATOM   661  O  O     . THR C 2 24 ? -2.464  -2.169  11.107  1.00 11.41 ? 73  THR C O     1 
ATOM   662  C  CB    . THR C 2 24 ? 0.081   -0.167  11.693  1.00 12.34 ? 73  THR C CB    1 
ATOM   663  O  OG1   . THR C 2 24 ? 1.422   0.062   12.155  1.00 12.85 ? 73  THR C OG1   1 
ATOM   664  C  CG2   . THR C 2 24 ? -0.926  0.349   12.703  1.00 16.55 ? 73  THR C CG2   1 
ATOM   665  N  N     . SER C 2 25 ? -1.263  -1.695  9.285   1.00 9.50  ? 74  SER C N     1 
ATOM   666  C  CA    . SER C 2 25 ? -2.422  -1.837  8.404   1.00 10.21 ? 74  SER C CA    1 
ATOM   667  C  C     . SER C 2 25 ? -2.929  -3.272  8.354   1.00 11.27 ? 74  SER C C     1 
ATOM   668  O  O     . SER C 2 25 ? -4.137  -3.508  8.258   1.00 13.78 ? 74  SER C O     1 
ATOM   669  C  CB    . SER C 2 25 ? -2.085  -1.378  6.987   1.00 13.68 ? 74  SER C CB    1 
ATOM   670  O  OG    . SER C 2 25 ? -1.769  -0.009  6.957   1.00 13.87 ? 74  SER C OG    1 
ATOM   671  N  N     . CYS C 2 26 ? -2.000  -4.225  8.409   1.00 10.00 ? 75  CYS C N     1 
ATOM   672  C  CA    . CYS C 2 26 ? -2.346  -5.646  8.397   1.00 11.84 ? 75  CYS C CA    1 
ATOM   673  C  C     . CYS C 2 26 ? -2.860  -6.125  9.755   1.00 13.39 ? 75  CYS C C     1 
ATOM   674  O  O     . CYS C 2 26 ? -3.403  -7.228  9.864   1.00 18.47 ? 75  CYS C O     1 
ATOM   675  C  CB    . CYS C 2 26 ? -1.144  -6.500  7.981   1.00 12.62 ? 75  CYS C CB    1 
ATOM   676  S  SG    . CYS C 2 26 ? -0.740  -6.382  6.240   1.00 10.18 ? 75  CYS C SG    1 
ATOM   677  N  N     . THR C 2 27 ? -2.696  -5.288  10.777  1.00 10.92 ? 76  THR C N     1 
ATOM   678  C  CA    . THR C 2 27 ? -2.968  -5.652  12.174  1.00 13.70 ? 76  THR C CA    1 
ATOM   679  C  C     . THR C 2 27 ? -4.260  -5.005  12.700  1.00 11.53 ? 76  THR C C     1 
ATOM   680  O  O     . THR C 2 27 ? -5.116  -5.666  13.297  1.00 12.54 ? 76  THR C O     1 
ATOM   681  C  CB    . THR C 2 27 ? -1.768  -5.264  13.104  1.00 9.68  ? 76  THR C CB    1 
ATOM   682  O  OG1   . THR C 2 27 ? -0.591  -5.961  12.677  1.00 13.98 ? 76  THR C OG1   1 
ATOM   683  C  CG2   . THR C 2 27 ? -2.063  -5.638  14.541  1.00 14.17 ? 76  THR C CG2   1 
ATOM   684  N  N     . ASN C 2 28 ? -4.376  -3.698  12.507  1.00 11.02 ? 77  ASN C N     1 
ATOM   685  C  CA    . ASN C 2 28 ? -5.502  -2.937  13.032  1.00 11.13 ? 77  ASN C CA    1 
ATOM   686  C  C     . ASN C 2 28 ? -6.818  -3.430  12.431  1.00 10.00 ? 77  ASN C C     1 
ATOM   687  O  O     . ASN C 2 28 ? -6.908  -3.623  11.219  1.00 10.25 ? 77  ASN C O     1 
ATOM   688  C  CB    . ASN C 2 28 ? -5.272  -1.458  12.723  1.00 10.96 ? 77  ASN C CB    1 
ATOM   689  C  CG    . ASN C 2 28 ? -6.391  -0.583  13.214  1.00 11.26 ? 77  ASN C CG    1 
ATOM   690  O  OD1   . ASN C 2 28 ? -7.473  -0.574  12.637  1.00 12.36 ? 77  ASN C OD1   1 
ATOM   691  N  ND2   . ASN C 2 28 ? -6.138  0.175   14.272  1.00 12.18 ? 77  ASN C ND2   1 
ATOM   692  N  N     . ARG C 2 29 ? -7.830  -3.641  13.266  1.00 10.24 ? 78  ARG C N     1 
ATOM   693  C  CA    . ARG C 2 29 ? -9.053  -4.284  12.795  1.00 10.86 ? 78  ARG C CA    1 
ATOM   694  C  C     . ARG C 2 29 ? -10.036 -3.338  12.111  1.00 10.66 ? 78  ARG C C     1 
ATOM   695  O  O     . ARG C 2 29 ? -10.936 -3.791  11.406  1.00 13.99 ? 78  ARG C O     1 
ATOM   696  C  CB    . ARG C 2 29 ? -9.722  -5.041  13.941  1.00 12.73 ? 78  ARG C CB    1 
ATOM   697  C  CG    . ARG C 2 29 ? -8.862  -6.192  14.457  1.00 13.65 ? 78  ARG C CG    1 
ATOM   698  C  CD    . ARG C 2 29 ? -9.410  -6.798  15.732  1.00 16.62 ? 78  ARG C CD    1 
ATOM   699  N  NE    . ARG C 2 29 ? -9.345  -5.862  16.848  1.00 18.01 ? 78  ARG C NE    1 
ATOM   700  C  CZ    . ARG C 2 29 ? -9.679  -6.180  18.095  1.00 22.92 ? 78  ARG C CZ    1 
ATOM   701  N  NH1   . ARG C 2 29 ? -10.105 -7.408  18.366  1.00 23.77 ? 78  ARG C NH1   1 
ATOM   702  N  NH2   . ARG C 2 29 ? -9.592  -5.279  19.062  1.00 23.85 ? 78  ARG C NH2   1 
ATOM   703  N  N     . ARG C 2 30 ? -9.854  -2.035  12.269  1.00 10.21 ? 79  ARG C N     1 
ATOM   704  C  CA    . ARG C 2 30 ? -10.810 -1.070  11.724  1.00 11.56 ? 79  ARG C CA    1 
ATOM   705  C  C     . ARG C 2 30 ? -10.308 -0.337  10.486  1.00 10.69 ? 79  ARG C C     1 
ATOM   706  O  O     . ARG C 2 30 ? -11.091 0.280   9.779   1.00 13.23 ? 79  ARG C O     1 
ATOM   707  C  CB    . ARG C 2 30 ? -11.247 -0.078  12.804  1.00 11.63 ? 79  ARG C CB    1 
ATOM   708  C  CG    . ARG C 2 30 ? -12.254 -0.682  13.777  1.00 15.36 ? 79  ARG C CG    1 
ATOM   709  C  CD    . ARG C 2 30 ? -12.629 0.261   14.906  1.00 17.45 ? 79  ARG C CD    1 
ATOM   710  N  NE    . ARG C 2 30 ? -13.664 -0.332  15.751  1.00 22.08 ? 79  ARG C NE    1 
ATOM   711  C  CZ    . ARG C 2 30 ? -14.971 -0.246  15.511  1.00 20.75 ? 79  ARG C CZ    1 
ATOM   712  N  NH1   . ARG C 2 30 ? -15.424 0.417   14.453  1.00 20.01 ? 79  ARG C NH1   1 
ATOM   713  N  NH2   . ARG C 2 30 ? -15.834 -0.825  16.334  1.00 25.70 ? 79  ARG C NH2   1 
ATOM   714  N  N     . THR C 2 31 ? -9.013  -0.425  10.206  1.00 10.71 ? 80  THR C N     1 
ATOM   715  C  CA    . THR C 2 31 ? -8.419  0.335   9.104   1.00 11.43 ? 80  THR C CA    1 
ATOM   716  C  C     . THR C 2 31 ? -8.780  -0.196  7.712   1.00 9.92  ? 80  THR C C     1 
ATOM   717  O  O     . THR C 2 31 ? -8.902  -1.404  7.513   1.00 11.79 ? 80  THR C O     1 
ATOM   718  C  CB    . THR C 2 31 ? -6.879  0.392   9.245   1.00 11.80 ? 80  THR C CB    1 
ATOM   719  O  OG1   . THR C 2 31 ? -6.348  1.257   8.232   1.00 12.92 ? 80  THR C OG1   1 
ATOM   720  C  CG2   . THR C 2 31 ? -6.259  -0.999  9.095   1.00 15.42 ? 80  THR C CG2   1 
ATOM   721  N  N     . HIS C 2 32 ? -8.924  0.717   6.758   1.00 10.05 ? 81  HIS C N     1 
ATOM   722  C  CA    . HIS C 2 32 ? -9.051  0.362   5.347   1.00 8.63  ? 81  HIS C CA    1 
ATOM   723  C  C     . HIS C 2 32 ? -7.779  0.705   4.570   1.00 9.45  ? 81  HIS C C     1 
ATOM   724  O  O     . HIS C 2 32 ? -7.779  0.737   3.335   1.00 9.59  ? 81  HIS C O     1 
ATOM   725  C  CB    . HIS C 2 32 ? -10.229 1.088   4.694   1.00 9.46  ? 81  HIS C CB    1 
ATOM   726  C  CG    . HIS C 2 32 ? -11.560 0.772   5.298   1.00 11.12 ? 81  HIS C CG    1 
ATOM   727  N  ND1   . HIS C 2 32 ? -12.708 1.442   4.935   1.00 10.81 ? 81  HIS C ND1   1 
ATOM   728  C  CD2   . HIS C 2 32 ? -11.932 -0.118  6.249   1.00 12.20 ? 81  HIS C CD2   1 
ATOM   729  C  CE1   . HIS C 2 32 ? -13.730 0.970   5.626   1.00 11.97 ? 81  HIS C CE1   1 
ATOM   730  N  NE2   . HIS C 2 32 ? -13.286 0.020   6.429   1.00 12.98 ? 81  HIS C NE2   1 
ATOM   731  N  N     . GLN C 2 33 ? -6.700  0.969   5.295   1.00 9.32  ? 82  GLN C N     1 
ATOM   732  C  CA    . GLN C 2 33 ? -5.441  1.338   4.667   1.00 9.36  ? 82  GLN C CA    1 
ATOM   733  C  C     . GLN C 2 33 ? -4.679  0.102   4.186   1.00 10.49 ? 82  GLN C C     1 
ATOM   734  O  O     . GLN C 2 33 ? -4.681  -0.934  4.862   1.00 10.81 ? 82  GLN C O     1 
ATOM   735  C  CB    . GLN C 2 33 ? -4.606  2.124   5.675   1.00 11.89 ? 82  GLN C CB    1 
ATOM   736  C  CG    . GLN C 2 33 ? -3.361  2.783   5.134   1.00 13.36 ? 82  GLN C CG    1 
ATOM   737  C  CD    . GLN C 2 33 ? -2.775  3.742   6.143   1.00 14.67 ? 82  GLN C CD    1 
ATOM   738  O  OE1   . GLN C 2 33 ? -3.495  4.529   6.756   1.00 17.73 ? 82  GLN C OE1   1 
ATOM   739  N  NE2   . GLN C 2 33 ? -1.473  3.666   6.339   1.00 15.42 ? 82  GLN C NE2   1 
ATOM   740  N  N     . ILE C 2 34 ? -4.025  0.206   3.034   1.00 9.75  ? 83  ILE C N     1 
ATOM   741  C  CA    . ILE C 2 34 ? -3.236  -0.898  2.488   1.00 10.05 ? 83  ILE C CA    1 
ATOM   742  C  C     . ILE C 2 34 ? -2.026  -1.202  3.377   1.00 9.49  ? 83  ILE C C     1 
ATOM   743  O  O     . ILE C 2 34 ? -1.503  -0.311  4.066   1.00 9.22  ? 83  ILE C O     1 
ATOM   744  C  CB    . ILE C 2 34 ? -2.758  -0.577  1.048   1.00 9.36  ? 83  ILE C CB    1 
ATOM   745  C  CG1   . ILE C 2 34 ? -2.345  -1.846  0.296   1.00 10.86 ? 83  ILE C CG1   1 
ATOM   746  C  CG2   . ILE C 2 34 ? -1.650  0.461   1.061   1.00 9.42  ? 83  ILE C CG2   1 
ATOM   747  C  CD1   . ILE C 2 34 ? -1.904  -1.592  -1.142  1.00 10.23 ? 83  ILE C CD1   1 
ATOM   748  N  N     . CYS C 2 35 ? -1.600  -2.471  3.367   1.00 9.17  ? 84  CYS C N     1 
ATOM   749  C  CA    . CYS C 2 35 ? -0.351  -2.920  3.981   1.00 9.66  ? 84  CYS C CA    1 
ATOM   750  C  C     . CYS C 2 35 ? 0.744   -1.885  3.758   1.00 8.08  ? 84  CYS C C     1 
ATOM   751  O  O     . CYS C 2 35 ? 0.976   -1.443  2.636   1.00 9.40  ? 84  CYS C O     1 
ATOM   752  C  CB    . CYS C 2 35 ? 0.069   -4.256  3.367   1.00 8.42  ? 84  CYS C CB    1 
ATOM   753  S  SG    . CYS C 2 35 ? 1.696   -4.855  3.841   1.00 10.06 ? 84  CYS C SG    1 
ATOM   754  N  N     . LYS C 2 36 ? 1.415   -1.492  4.833   1.00 8.89  ? 85  LYS C N     1 
ATOM   755  C  CA    . LYS C 2 36 ? 2.451   -0.477  4.741   1.00 11.21 ? 85  LYS C CA    1 
ATOM   756  C  C     . LYS C 2 36 ? 3.562   -0.876  3.787   1.00 9.13  ? 85  LYS C C     1 
ATOM   757  O  O     . LYS C 2 36 ? 4.146   -0.027  3.125   1.00 11.05 ? 85  LYS C O     1 
ATOM   758  C  CB    . LYS C 2 36 ? 3.019   -0.162  6.124   1.00 10.73 ? 85  LYS C CB    1 
ATOM   759  C  CG    . LYS C 2 36 ? 1.970   0.436   7.043   1.00 14.00 ? 85  LYS C CG    1 
ATOM   760  C  CD    . LYS C 2 36 ? 2.553   0.963   8.338   1.00 18.92 ? 85  LYS C CD    1 
ATOM   761  C  CE    . LYS C 2 36 ? 1.510   1.790   9.075   1.00 22.56 ? 85  LYS C CE    1 
ATOM   762  N  NZ    . LYS C 2 36 ? 1.984   2.216   10.423  1.00 27.47 ? 85  LYS C NZ    1 
ATOM   763  N  N     . LEU C 2 37 ? 3.836   -2.174  3.706   1.00 8.72  ? 86  LEU C N     1 
ATOM   764  C  CA    . LEU C 2 37 ? 4.910   -2.664  2.847   1.00 11.09 ? 86  LEU C CA    1 
ATOM   765  C  C     . LEU C 2 37 ? 4.514   -2.684  1.369   1.00 10.66 ? 86  LEU C C     1 
ATOM   766  O  O     . LEU C 2 37 ? 5.370   -2.781  0.484   1.00 11.31 ? 86  LEU C O     1 
ATOM   767  C  CB    . LEU C 2 37 ? 5.378   -4.046  3.303   1.00 11.92 ? 86  LEU C CB    1 
ATOM   768  C  CG    . LEU C 2 37 ? 6.310   -4.066  4.530   1.00 16.31 ? 86  LEU C CG    1 
ATOM   769  C  CD1   . LEU C 2 37 ? 7.613   -3.379  4.200   1.00 24.23 ? 86  LEU C CD1   1 
ATOM   770  C  CD2   . LEU C 2 37 ? 5.726   -3.443  5.794   1.00 18.93 ? 86  LEU C CD2   1 
ATOM   771  N  N     . ARG C 2 38 ? 3.213   -2.558  1.104   1.00 8.81  ? 87  ARG C N     1 
ATOM   772  C  CA    . ARG C 2 38 ? 2.694   -2.565  -0.262  1.00 9.12  ? 87  ARG C CA    1 
ATOM   773  C  C     . ARG C 2 38 ? 2.336   -1.164  -0.777  1.00 9.74  ? 87  ARG C C     1 
ATOM   774  O  O     . ARG C 2 38 ? 2.138   -0.989  -1.978  1.00 10.96 ? 87  ARG C O     1 
ATOM   775  C  CB    . ARG C 2 38 ? 1.479   -3.498  -0.384  1.00 10.12 ? 87  ARG C CB    1 
ATOM   776  C  CG    . ARG C 2 38 ? 1.814   -4.973  -0.165  1.00 10.53 ? 87  ARG C CG    1 
ATOM   777  C  CD    . ARG C 2 38 ? 0.612   -5.874  -0.426  1.00 11.77 ? 87  ARG C CD    1 
ATOM   778  N  NE    . ARG C 2 38 ? 0.006   -5.522  -1.704  1.00 11.27 ? 87  ARG C NE    1 
ATOM   779  C  CZ    . ARG C 2 38 ? -1.293  -5.332  -1.907  1.00 11.07 ? 87  ARG C CZ    1 
ATOM   780  N  NH1   . ARG C 2 38 ? -2.171  -5.528  -0.932  1.00 10.98 ? 87  ARG C NH1   1 
ATOM   781  N  NH2   . ARG C 2 38 ? -1.706  -4.963  -3.112  1.00 11.21 ? 87  ARG C NH2   1 
ATOM   782  N  N     . LYS C 2 39 ? 2.232   -0.171  0.107   1.00 9.74  ? 88  LYS C N     1 
ATOM   783  C  CA    . LYS C 2 39 ? 1.782   1.151   -0.329  1.00 9.04  ? 88  LYS C CA    1 
ATOM   784  C  C     . LYS C 2 39 ? 2.698   1.701   -1.423  1.00 9.19  ? 88  LYS C C     1 
ATOM   785  O  O     . LYS C 2 39 ? 3.921   1.765   -1.235  1.00 10.35 ? 88  LYS C O     1 
ATOM   786  C  CB    . LYS C 2 39 ? 1.731   2.121   0.857   1.00 9.68  ? 88  LYS C CB    1 
ATOM   787  C  CG    . LYS C 2 39 ? 1.316   3.553   0.491   1.00 9.32  ? 88  LYS C CG    1 
ATOM   788  C  CD    . LYS C 2 39 ? -0.154  3.664   0.077   1.00 9.04  ? 88  LYS C CD    1 
ATOM   789  C  CE    . LYS C 2 39 ? -0.531  5.079   -0.329  1.00 9.80  ? 88  LYS C CE    1 
ATOM   790  N  NZ    . LYS C 2 39 ? -1.999  5.247   -0.550  1.00 10.35 ? 88  LYS C NZ    1 
ATOM   791  N  N     . CYS C 2 40 ? 2.111   2.084   -2.555  1.00 9.04  ? 89  CYS C N     1 
ATOM   792  C  CA    . CYS C 2 40 ? 2.868   2.579   -3.695  1.00 8.98  ? 89  CYS C CA    1 
ATOM   793  C  C     . CYS C 2 40 ? 3.643   3.846   -3.339  1.00 9.11  ? 89  CYS C C     1 
ATOM   794  O  O     . CYS C 2 40 ? 3.090   4.783   -2.763  1.00 10.47 ? 89  CYS C O     1 
ATOM   795  C  CB    . CYS C 2 40 ? 1.906   2.857   -4.843  1.00 9.06  ? 89  CYS C CB    1 
ATOM   796  S  SG    . CYS C 2 40 ? 2.705   3.574   -6.285  1.00 10.95 ? 89  CYS C SG    1 
ATOM   797  N  N     . GLU C 2 41 ? 4.925   3.873   -3.693  1.00 9.89  ? 90  GLU C N     1 
ATOM   798  C  CA    . GLU C 2 41 ? 5.755   5.038   -3.404  1.00 10.22 ? 90  GLU C CA    1 
ATOM   799  C  C     . GLU C 2 41 ? 5.220   6.298   -4.086  1.00 12.55 ? 90  GLU C C     1 
ATOM   800  O  O     . GLU C 2 41 ? 5.292   7.399   -3.521  1.00 12.52 ? 90  GLU C O     1 
ATOM   801  C  CB    . GLU C 2 41 ? 7.210   4.807   -3.822  1.00 12.77 ? 90  GLU C CB    1 
ATOM   802  C  CG    . GLU C 2 41 ? 7.878   3.544   -3.255  1.00 11.79 ? 90  GLU C CG    1 
ATOM   803  C  CD    . GLU C 2 41 ? 8.191   3.588   -1.760  1.00 11.81 ? 90  GLU C CD    1 
ATOM   804  O  OE1   . GLU C 2 41 ? 7.690   4.481   -1.045  1.00 12.61 ? 90  GLU C OE1   1 
ATOM   805  O  OE2   . GLU C 2 41 ? 8.956   2.705   -1.297  1.00 12.98 ? 90  GLU C OE2   1 
ATOM   806  N  N     . VAL C 2 42 ? 4.693   6.143   -5.301  1.00 11.24 ? 91  VAL C N     1 
ATOM   807  C  CA    . VAL C 2 42 ? 4.179   7.287   -6.049  1.00 13.11 ? 91  VAL C CA    1 
ATOM   808  C  C     . VAL C 2 42 ? 2.937   7.869   -5.366  1.00 11.28 ? 91  VAL C C     1 
ATOM   809  O  O     . VAL C 2 42 ? 2.745   9.090   -5.323  1.00 14.39 ? 91  VAL C O     1 
ATOM   810  C  CB    . VAL C 2 42 ? 3.866   6.897   -7.510  1.00 14.18 ? 91  VAL C CB    1 
ATOM   811  C  CG1   . VAL C 2 42 ? 3.224   8.060   -8.264  1.00 15.91 ? 91  VAL C CG1   1 
ATOM   812  C  CG2   . VAL C 2 42 ? 5.133   6.419   -8.222  1.00 14.95 ? 91  VAL C CG2   1 
ATOM   813  N  N     . LEU C 2 43 ? 2.115   6.986   -4.810  1.00 10.71 ? 92  LEU C N     1 
ATOM   814  C  CA    . LEU C 2 43 ? 0.870   7.380   -4.160  1.00 11.12 ? 92  LEU C CA    1 
ATOM   815  C  C     . LEU C 2 43 ? 1.099   8.023   -2.796  1.00 12.23 ? 92  LEU C C     1 
ATOM   816  O  O     . LEU C 2 43 ? 0.152   8.503   -2.173  1.00 11.02 ? 92  LEU C O     1 
ATOM   817  C  CB    . LEU C 2 43 ? -0.068  6.175   -4.039  1.00 11.13 ? 92  LEU C CB    1 
ATOM   818  C  CG    . LEU C 2 43 ? -0.607  5.619   -5.357  1.00 10.41 ? 92  LEU C CG    1 
ATOM   819  C  CD1   . LEU C 2 43 ? -1.604  4.495   -5.077  1.00 11.64 ? 92  LEU C CD1   1 
ATOM   820  C  CD2   . LEU C 2 43 ? -1.246  6.715   -6.199  1.00 12.37 ? 92  LEU C CD2   1 
ATOM   821  N  N     . LYS C 2 44 ? 2.348   8.032   -2.325  1.00 11.77 ? 93  LYS C N     1 
ATOM   822  C  CA    . LYS C 2 44 ? 2.682   8.721   -1.074  1.00 12.20 ? 93  LYS C CA    1 
ATOM   823  C  C     . LYS C 2 44 ? 2.795   10.238  -1.272  1.00 12.05 ? 93  LYS C C     1 
ATOM   824  O  O     . LYS C 2 44 ? 2.806   10.993  -0.290  1.00 14.78 ? 93  LYS C O     1 
ATOM   825  C  CB    . LYS C 2 44 ? 3.946   8.136   -0.423  1.00 11.33 ? 93  LYS C CB    1 
ATOM   826  C  CG    . LYS C 2 44 ? 3.759   6.680   0.009   1.00 10.64 ? 93  LYS C CG    1 
ATOM   827  C  CD    . LYS C 2 44 ? 5.031   6.043   0.559   1.00 10.71 ? 93  LYS C CD    1 
ATOM   828  C  CE    . LYS C 2 44 ? 4.834   4.547   0.740   1.00 9.76  ? 93  LYS C CE    1 
ATOM   829  N  NZ    . LYS C 2 44 ? 6.085   3.889   1.220   1.00 11.55 ? 93  LYS C NZ    1 
ATOM   830  N  N     . LYS C 2 45 ? 2.881   10.683  -2.526  1.00 13.82 ? 94  LYS C N     1 
ATOM   831  C  CA    . LYS C 2 45 ? 2.787   12.113  -2.833  1.00 15.70 ? 94  LYS C CA    1 
ATOM   832  C  C     . LYS C 2 45 ? 1.333   12.559  -2.679  1.00 15.85 ? 94  LYS C C     1 
ATOM   833  O  O     . LYS C 2 45 ? 0.412   11.804  -3.002  1.00 17.07 ? 94  LYS C O     1 
ATOM   834  C  CB    . LYS C 2 45 ? 3.258   12.406  -4.263  1.00 19.65 ? 94  LYS C CB    1 
ATOM   835  C  CG    . LYS C 2 45 ? 4.772   12.384  -4.492  1.00 22.85 ? 94  LYS C CG    1 
ATOM   836  C  CD    . LYS C 2 45 ? 5.355   13.799  -4.462  1.00 21.31 ? 94  LYS C CD    1 
ATOM   837  C  CE    . LYS C 2 45 ? 6.711   13.888  -5.174  1.00 23.00 ? 94  LYS C CE    1 
ATOM   838  N  NZ    . LYS C 2 45 ? 7.899   13.983  -4.257  1.00 21.38 ? 94  LYS C NZ    1 
ATOM   839  N  N     . LYS C 2 46 ? 1.127   13.773  -2.176  1.00 15.22 ? 95  LYS C N     1 
ATOM   840  C  CA    . LYS C 2 46 ? -0.218  14.289  -1.914  1.00 18.50 ? 95  LYS C CA    1 
ATOM   841  C  C     . LYS C 2 46 ? -1.039  14.371  -3.184  1.00 18.59 ? 95  LYS C C     1 
ATOM   842  O  O     . LYS C 2 46 ? -0.579  14.892  -4.203  1.00 18.51 ? 95  LYS C O     1 
ATOM   843  C  CB    . LYS C 2 46 ? -0.148  15.675  -1.261  1.00 16.10 ? 95  LYS C CB    1 
ATOM   844  C  CG    . LYS C 2 46 ? -1.501  16.381  -1.080  1.00 18.27 ? 95  LYS C CG    1 
ATOM   845  C  CD    . LYS C 2 46 ? -2.257  15.853  0.135   1.00 20.87 ? 95  LYS C CD    1 
ATOM   846  C  CE    . LYS C 2 46 ? -3.625  16.523  0.277   1.00 19.45 ? 95  LYS C CE    1 
ATOM   847  N  NZ    . LYS C 2 46 ? -4.553  16.175  -0.851  1.00 20.69 ? 95  LYS C NZ    1 
ATOM   848  N  N     . ALA C 2 47 ? -2.262  13.851  -3.109  1.00 19.06 ? 96  ALA C N     1 
ATOM   849  C  CA    . ALA C 2 47 ? -3.193  13.880  -4.229  1.00 21.87 ? 96  ALA C CA    1 
ATOM   850  C  C     . ALA C 2 47 ? -3.647  15.306  -4.530  1.00 23.99 ? 96  ALA C C     1 
ATOM   851  O  O     . ALA C 2 47 ? -3.885  16.099  -3.613  1.00 22.40 ? 96  ALA C O     1 
ATOM   852  C  CB    . ALA C 2 47 ? -4.390  12.998  -3.930  1.00 20.53 ? 96  ALA C CB    1 
HETATM 853  ZN ZN    . ZN  D 3 .  ? 4.089   1.839   -7.004  1.00 12.04 ? 201 ZN  C ZN    1 
HETATM 854  ZN ZN    . ZN  E 3 .  ? 1.372   -5.295  6.105   1.00 10.33 ? 202 ZN  C ZN    1 
HETATM 855  O  O     . HOH F 4 .  ? -5.771  12.605  25.337  1.00 28.08 ? 101 HOH A O     1 
HETATM 856  O  O     . HOH F 4 .  ? -0.316  8.194   24.439  1.00 25.70 ? 102 HOH A O     1 
HETATM 857  O  O     . HOH F 4 .  ? -11.279 13.076  22.038  1.00 29.96 ? 103 HOH A O     1 
HETATM 858  O  O     . HOH F 4 .  ? -12.001 11.890  5.884   1.00 25.32 ? 104 HOH A O     1 
HETATM 859  O  O     . HOH F 4 .  ? -13.810 -10.614 3.016   1.00 23.32 ? 105 HOH A O     1 
HETATM 860  O  O     . HOH F 4 .  ? -16.625 18.320  11.295  1.00 26.38 ? 106 HOH A O     1 
HETATM 861  O  O     . HOH F 4 .  ? -13.483 18.947  3.502   1.00 27.91 ? 107 HOH A O     1 
HETATM 862  O  O     . HOH F 4 .  ? -9.675  -11.398 -2.540  1.00 39.61 ? 108 HOH A O     1 
HETATM 863  O  O     . HOH F 4 .  ? -8.777  19.442  3.572   1.00 18.25 ? 109 HOH A O     1 
HETATM 864  O  O     . HOH F 4 .  ? -18.136 -5.709  3.065   1.00 22.76 ? 110 HOH A O     1 
HETATM 865  O  O     . HOH F 4 .  ? -7.810  12.785  23.975  1.00 29.67 ? 111 HOH A O     1 
HETATM 866  O  O     . HOH F 4 .  ? -7.334  16.123  -3.578  1.00 35.07 ? 112 HOH A O     1 
HETATM 867  O  O     . HOH F 4 .  ? -3.918  0.113   -5.436  1.00 14.30 ? 113 HOH A O     1 
HETATM 868  O  O     . HOH F 4 .  ? -6.335  -9.157  -0.789  1.00 26.21 ? 114 HOH A O     1 
HETATM 869  O  O     . HOH F 4 .  ? -6.785  11.737  -6.576  1.00 19.57 ? 115 HOH A O     1 
HETATM 870  O  O     . HOH F 4 .  ? -23.188 -7.881  -3.388  1.00 24.92 ? 116 HOH A O     1 
HETATM 871  O  O     . HOH F 4 .  ? -7.217  17.056  5.889   1.00 27.83 ? 117 HOH A O     1 
HETATM 872  O  O     . HOH F 4 .  ? -17.611 -12.165 1.298   1.00 15.17 ? 118 HOH A O     1 
HETATM 873  O  O     . HOH F 4 .  ? -4.304  2.607   1.463   1.00 8.99  ? 119 HOH A O     1 
HETATM 874  O  O     . HOH F 4 .  ? -6.167  19.588  16.844  1.00 25.22 ? 120 HOH A O     1 
HETATM 875  O  O     . HOH F 4 .  ? -2.490  7.679   -1.847  1.00 12.68 ? 121 HOH A O     1 
HETATM 876  O  O     . HOH F 4 .  ? -5.024  13.193  1.911   1.00 28.10 ? 122 HOH A O     1 
HETATM 877  O  O     . HOH F 4 .  ? -7.770  16.532  9.826   1.00 32.50 ? 123 HOH A O     1 
HETATM 878  O  O     . HOH F 4 .  ? -14.172 -6.389  2.729   1.00 19.79 ? 124 HOH A O     1 
HETATM 879  O  O     . HOH F 4 .  ? -6.059  17.728  12.195  1.00 25.07 ? 125 HOH A O     1 
HETATM 880  O  O     . HOH F 4 .  ? -11.366 10.331  2.091   1.00 22.27 ? 126 HOH A O     1 
HETATM 881  O  O     . HOH F 4 .  ? -21.725 -2.247  -5.793  1.00 27.44 ? 127 HOH A O     1 
HETATM 882  O  O     . HOH F 4 .  ? -12.136 -8.419  3.075   1.00 19.04 ? 128 HOH A O     1 
HETATM 883  O  O     . HOH F 4 .  ? -1.494  4.580   2.895   1.00 14.81 ? 129 HOH A O     1 
HETATM 884  O  O     . HOH F 4 .  ? -13.484 -2.089  3.888   1.00 16.52 ? 130 HOH A O     1 
HETATM 885  O  O     . HOH F 4 .  ? -5.593  13.638  6.400   1.00 25.90 ? 131 HOH A O     1 
HETATM 886  O  O     . HOH F 4 .  ? -5.723  -3.374  1.201   1.00 14.93 ? 132 HOH A O     1 
HETATM 887  O  O     . HOH F 4 .  ? -21.607 -1.975  -2.791  1.00 30.15 ? 133 HOH A O     1 
HETATM 888  O  O     . HOH F 4 .  ? -17.791 -2.708  -0.319  1.00 25.23 ? 134 HOH A O     1 
HETATM 889  O  O     . HOH F 4 .  ? -9.211  -0.939  -5.113  1.00 23.11 ? 135 HOH A O     1 
HETATM 890  O  O     . HOH F 4 .  ? -3.901  10.304  2.786   1.00 25.74 ? 136 HOH A O     1 
HETATM 891  O  O     . HOH F 4 .  ? -0.531  1.290   -3.120  1.00 10.41 ? 137 HOH A O     1 
HETATM 892  O  O     . HOH F 4 .  ? -1.649  8.373   1.581   1.00 29.60 ? 138 HOH A O     1 
HETATM 893  O  O     . HOH F 4 .  ? 1.594   13.259  17.319  1.00 26.67 ? 139 HOH A O     1 
HETATM 894  O  O     . HOH F 4 .  ? -3.212  -2.568  -5.639  1.00 16.68 ? 140 HOH A O     1 
HETATM 895  O  O     . HOH F 4 .  ? -10.108 -5.667  1.874   1.00 16.37 ? 141 HOH A O     1 
HETATM 896  O  O     . HOH F 4 .  ? -14.159 -3.919  1.851   1.00 16.11 ? 142 HOH A O     1 
HETATM 897  O  O     . HOH F 4 .  ? -2.340  12.449  27.245  1.00 16.23 ? 143 HOH A O     1 
HETATM 898  O  O     . HOH F 4 .  ? -5.507  -6.847  0.565   1.00 16.82 ? 144 HOH A O     1 
HETATM 899  O  O     . HOH F 4 .  ? -14.893 10.810  17.200  1.00 31.85 ? 145 HOH A O     1 
HETATM 900  O  O     . HOH F 4 .  ? -10.556 8.099   -3.056  1.00 27.53 ? 146 HOH A O     1 
HETATM 901  O  O     . HOH F 4 .  ? -13.850 -8.200  -5.361  1.00 20.59 ? 147 HOH A O     1 
HETATM 902  O  O     . HOH F 4 .  ? -3.502  7.674   5.164   1.00 30.09 ? 148 HOH A O     1 
HETATM 903  O  O     . HOH F 4 .  ? -11.046 -5.457  -5.612  1.00 20.89 ? 149 HOH A O     1 
HETATM 904  O  O     . HOH F 4 .  ? -9.542  -12.166 0.914   1.00 32.12 ? 150 HOH A O     1 
HETATM 905  O  O     . HOH F 4 .  ? -13.507 17.071  19.764  1.00 23.60 ? 151 HOH A O     1 
HETATM 906  O  O     . HOH F 4 .  ? -9.948  15.901  18.641  1.00 23.39 ? 152 HOH A O     1 
HETATM 907  O  O     . HOH F 4 .  ? -13.030 10.717  10.285  1.00 33.11 ? 153 HOH A O     1 
HETATM 908  O  O     . HOH F 4 .  ? -5.962  -4.905  -6.066  1.00 28.82 ? 154 HOH A O     1 
HETATM 909  O  O     . HOH F 4 .  ? -4.890  19.530  21.249  1.00 25.62 ? 155 HOH A O     1 
HETATM 910  O  O     . HOH F 4 .  ? -5.026  15.500  8.660   1.00 36.30 ? 156 HOH A O     1 
HETATM 911  O  O     . HOH F 4 .  ? -10.635 19.390  7.163   1.00 31.24 ? 157 HOH A O     1 
HETATM 912  O  O     . HOH F 4 .  ? -0.271  11.196  18.310  1.00 28.30 ? 158 HOH A O     1 
HETATM 913  O  O     . HOH F 4 .  ? -10.424 13.323  -3.525  1.00 27.53 ? 159 HOH A O     1 
HETATM 914  O  O     . HOH F 4 .  ? -16.450 -2.424  1.163   1.00 29.23 ? 160 HOH A O     1 
HETATM 915  O  O     . HOH F 4 .  ? -4.045  9.790   -0.531  1.00 23.04 ? 161 HOH A O     1 
HETATM 916  O  O     . HOH F 4 .  ? 1.555   10.437  25.569  1.00 22.39 ? 162 HOH A O     1 
HETATM 917  O  O     . HOH F 4 .  ? -8.106  6.943   19.214  1.00 33.04 ? 163 HOH A O     1 
HETATM 918  O  O     . HOH F 4 .  ? -9.169  9.889   25.253  1.00 30.04 ? 164 HOH A O     1 
HETATM 919  O  O     . HOH F 4 .  ? -13.175 11.685  21.349  1.00 41.07 ? 165 HOH A O     1 
HETATM 920  O  O     . HOH F 4 .  ? -7.674  1.942   -5.259  1.00 23.74 ? 166 HOH A O     1 
HETATM 921  O  O     . HOH F 4 .  ? -3.912  7.112   22.449  1.00 34.50 ? 167 HOH A O     1 
HETATM 922  O  O     . HOH F 4 .  ? -12.806 7.946   12.586  1.00 32.80 ? 168 HOH A O     1 
HETATM 923  O  O     . HOH F 4 .  ? -9.265  -3.321  -5.910  1.00 30.39 ? 169 HOH A O     1 
HETATM 924  O  O     . HOH F 4 .  ? -8.914  5.584   20.678  1.00 28.64 ? 170 HOH A O     1 
HETATM 925  O  O     . HOH F 4 .  ? -7.232  14.879  22.171  1.00 25.54 ? 171 HOH A O     1 
HETATM 926  O  O     . HOH F 4 .  ? -13.652 12.584  3.312   1.00 34.62 ? 172 HOH A O     1 
HETATM 927  O  O     . HOH F 4 .  ? -6.856  0.036   -5.905  1.00 30.51 ? 173 HOH A O     1 
HETATM 928  O  O     . HOH F 4 .  ? -1.838  9.582   18.619  1.00 37.73 ? 174 HOH A O     1 
HETATM 929  O  O     . HOH F 4 .  ? -6.903  -7.428  -5.769  1.00 30.57 ? 175 HOH A O     1 
HETATM 930  O  O     . HOH F 4 .  ? -5.553  -10.946 -2.397  1.00 43.16 ? 176 HOH A O     1 
HETATM 931  O  O     . HOH F 4 .  ? -15.645 15.808  4.564   1.00 35.92 ? 177 HOH A O     1 
HETATM 932  O  O     . HOH F 4 .  ? -10.395 20.766  10.681  1.00 29.96 ? 178 HOH A O     1 
HETATM 933  O  O     . HOH F 4 .  ? -5.881  -8.669  -3.768  1.00 31.82 ? 179 HOH A O     1 
HETATM 934  O  O     . HOH F 4 .  ? -7.419  -5.374  2.266   1.00 20.60 ? 180 HOH A O     1 
HETATM 935  O  O     . HOH F 4 .  ? -3.820  13.443  5.641   1.00 43.54 ? 181 HOH A O     1 
HETATM 936  O  O     . HOH F 4 .  ? -7.436  20.002  7.704   1.00 34.07 ? 182 HOH A O     1 
HETATM 937  O  O     . HOH F 4 .  ? -10.384 -5.370  4.731   1.00 21.69 ? 183 HOH A O     1 
HETATM 938  O  O     . HOH G 4 .  ? -18.881 1.247   6.641   1.00 25.67 ? 101 HOH B O     1 
HETATM 939  O  O     . HOH G 4 .  ? 5.917   18.558  6.505   1.00 27.64 ? 102 HOH B O     1 
HETATM 940  O  O     . HOH G 4 .  ? -3.668  21.803  17.488  1.00 35.51 ? 103 HOH B O     1 
HETATM 941  O  O     . HOH G 4 .  ? -3.963  1.595   11.611  1.00 15.88 ? 104 HOH B O     1 
HETATM 942  O  O     . HOH G 4 .  ? -18.110 3.687   13.203  1.00 28.54 ? 105 HOH B O     1 
HETATM 943  O  O     . HOH G 4 .  ? -20.627 2.764   5.529   1.00 29.37 ? 106 HOH B O     1 
HETATM 944  O  O     . HOH G 4 .  ? -9.917  7.109   -11.114 1.00 22.76 ? 107 HOH B O     1 
HETATM 945  O  O     . HOH G 4 .  ? -2.759  19.791  10.904  1.00 33.03 ? 108 HOH B O     1 
HETATM 946  O  O     . HOH G 4 .  ? -3.498  0.477   15.619  1.00 18.62 ? 109 HOH B O     1 
HETATM 947  O  O     . HOH G 4 .  ? -23.068 8.125   0.484   1.00 23.83 ? 110 HOH B O     1 
HETATM 948  O  O     . HOH G 4 .  ? -0.709  3.509   10.743  1.00 23.16 ? 111 HOH B O     1 
HETATM 949  O  O     . HOH G 4 .  ? 6.717   21.060  10.018  1.00 24.25 ? 112 HOH B O     1 
HETATM 950  O  O     . HOH G 4 .  ? 0.841   2.093   15.398  1.00 16.88 ? 113 HOH B O     1 
HETATM 951  O  O     . HOH G 4 .  ? -12.883 7.731   9.876   1.00 20.96 ? 114 HOH B O     1 
HETATM 952  O  O     . HOH G 4 .  ? -10.095 2.895   -15.882 1.00 28.36 ? 115 HOH B O     1 
HETATM 953  O  O     . HOH G 4 .  ? -4.811  9.079   16.531  1.00 30.42 ? 116 HOH B O     1 
HETATM 954  O  O     . HOH G 4 .  ? -12.234 9.409   -8.521  1.00 27.78 ? 117 HOH B O     1 
HETATM 955  O  O     . HOH G 4 .  ? 0.196   18.648  8.342   1.00 30.26 ? 118 HOH B O     1 
HETATM 956  O  O     . HOH G 4 .  ? -19.095 5.084   -6.222  1.00 24.15 ? 119 HOH B O     1 
HETATM 957  O  O     . HOH G 4 .  ? 1.917   6.864   8.979   1.00 28.17 ? 120 HOH B O     1 
HETATM 958  O  O     . HOH G 4 .  ? -12.797 -6.583  -7.886  1.00 23.90 ? 121 HOH B O     1 
HETATM 959  O  O     . HOH G 4 .  ? -8.252  3.250   19.574  1.00 31.49 ? 122 HOH B O     1 
HETATM 960  O  O     . HOH G 4 .  ? -3.924  11.445  7.133   1.00 26.32 ? 123 HOH B O     1 
HETATM 961  O  O     . HOH G 4 .  ? -6.720  0.349   17.647  1.00 20.90 ? 124 HOH B O     1 
HETATM 962  O  O     . HOH G 4 .  ? 2.368   13.835  14.711  1.00 19.10 ? 125 HOH B O     1 
HETATM 963  O  O     . HOH G 4 .  ? 2.853   19.910  5.203   1.00 28.21 ? 126 HOH B O     1 
HETATM 964  O  O     . HOH G 4 .  ? -8.857  9.204   15.036  1.00 20.76 ? 127 HOH B O     1 
HETATM 965  O  O     . HOH G 4 .  ? 0.153   10.188  16.249  1.00 23.34 ? 128 HOH B O     1 
HETATM 966  O  O     . HOH G 4 .  ? -3.081  1.618   9.001   1.00 20.85 ? 129 HOH B O     1 
HETATM 967  O  O     . HOH G 4 .  ? -18.861 0.773   -0.732  1.00 25.20 ? 130 HOH B O     1 
HETATM 968  O  O     . HOH G 4 .  ? 4.623   4.188   15.400  1.00 29.02 ? 131 HOH B O     1 
HETATM 969  O  O     . HOH G 4 .  ? -21.054 6.367   -2.858  1.00 23.22 ? 132 HOH B O     1 
HETATM 970  O  O     . HOH G 4 .  ? -1.314  14.506  8.565   1.00 31.55 ? 133 HOH B O     1 
HETATM 971  O  O     . HOH G 4 .  ? -14.232 7.946   6.236   1.00 17.49 ? 134 HOH B O     1 
HETATM 972  O  O     . HOH G 4 .  ? -11.965 5.917   -2.947  1.00 19.60 ? 135 HOH B O     1 
HETATM 973  O  O     . HOH G 4 .  ? -9.437  -1.130  15.824  1.00 20.41 ? 136 HOH B O     1 
HETATM 974  O  O     . HOH G 4 .  ? -19.956 0.237   -4.921  1.00 26.36 ? 137 HOH B O     1 
HETATM 975  O  O     . HOH G 4 .  ? 3.703   16.322  14.725  1.00 21.80 ? 138 HOH B O     1 
HETATM 976  O  O     . HOH G 4 .  ? -9.746  -6.170  -13.928 1.00 19.95 ? 139 HOH B O     1 
HETATM 977  O  O     . HOH G 4 .  ? -4.170  19.392  12.244  1.00 38.90 ? 140 HOH B O     1 
HETATM 978  O  O     . HOH G 4 .  ? -16.845 0.064   2.878   1.00 36.79 ? 141 HOH B O     1 
HETATM 979  O  O     . HOH G 4 .  ? -19.580 0.214   -10.098 1.00 22.10 ? 142 HOH B O     1 
HETATM 980  O  O     . HOH G 4 .  ? -14.317 9.584   0.876   1.00 27.72 ? 143 HOH B O     1 
HETATM 981  O  O     . HOH G 4 .  ? -16.208 6.660   14.149  1.00 31.24 ? 144 HOH B O     1 
HETATM 982  O  O     . HOH G 4 .  ? -3.127  15.910  9.383   1.00 29.08 ? 145 HOH B O     1 
HETATM 983  O  O     . HOH G 4 .  ? -16.948 1.481   5.527   1.00 25.14 ? 146 HOH B O     1 
HETATM 984  O  O     . HOH G 4 .  ? -10.724 1.343   -6.591  1.00 21.55 ? 147 HOH B O     1 
HETATM 985  O  O     . HOH G 4 .  ? -10.308 -1.850  -8.170  1.00 27.11 ? 148 HOH B O     1 
HETATM 986  O  O     . HOH G 4 .  ? -14.762 6.887   -13.406 1.00 33.55 ? 149 HOH B O     1 
HETATM 987  O  O     . HOH G 4 .  ? -13.574 8.667   -2.249  1.00 34.25 ? 150 HOH B O     1 
HETATM 988  O  O     . HOH G 4 .  ? 2.850   10.372  16.064  1.00 30.95 ? 151 HOH B O     1 
HETATM 989  O  O     . HOH G 4 .  ? -16.690 3.876   -10.543 1.00 30.14 ? 152 HOH B O     1 
HETATM 990  O  O     . HOH G 4 .  ? -12.045 10.382  -0.735  1.00 33.89 ? 153 HOH B O     1 
HETATM 991  O  O     . HOH G 4 .  ? -10.789 4.759   -13.555 1.00 27.51 ? 154 HOH B O     1 
HETATM 992  O  O     . HOH G 4 .  ? -7.214  8.506   17.316  1.00 27.37 ? 155 HOH B O     1 
HETATM 993  O  O     . HOH G 4 .  ? -8.982  2.539   -8.407  1.00 22.96 ? 156 HOH B O     1 
HETATM 994  O  O     . HOH G 4 .  ? -12.171 -7.623  -11.833 1.00 33.71 ? 157 HOH B O     1 
HETATM 995  O  O     . HOH G 4 .  ? -0.534  6.203   10.126  1.00 23.95 ? 158 HOH B O     1 
HETATM 996  O  O     . HOH G 4 .  ? 3.179   24.222  7.876   1.00 39.75 ? 159 HOH B O     1 
HETATM 997  O  O     . HOH G 4 .  ? -3.905  22.067  11.148  1.00 38.23 ? 160 HOH B O     1 
HETATM 998  O  O     . HOH G 4 .  ? -18.778 5.502   -8.978  1.00 28.01 ? 161 HOH B O     1 
HETATM 999  O  O     . HOH G 4 .  ? -17.528 1.681   -11.474 1.00 25.76 ? 162 HOH B O     1 
HETATM 1000 O  O     . HOH H 4 .  ? -10.069 13.196  -7.730  1.00 34.53 ? 301 HOH C O     1 
HETATM 1001 O  O     . HOH H 4 .  ? 2.585   -16.972 1.117   1.00 20.64 ? 302 HOH C O     1 
HETATM 1002 O  O     . HOH H 4 .  ? -6.375  12.446  -10.745 1.00 25.33 ? 303 HOH C O     1 
HETATM 1003 O  O     . HOH H 4 .  ? -9.072  2.602   -3.546  1.00 18.40 ? 304 HOH C O     1 
HETATM 1004 O  O     . HOH H 4 .  ? -3.419  18.522  -4.534  1.00 30.11 ? 305 HOH C O     1 
HETATM 1005 O  O     . HOH H 4 .  ? 4.393   -8.180  2.148   1.00 22.22 ? 306 HOH C O     1 
HETATM 1006 O  O     . HOH H 4 .  ? -0.793  -12.112 10.036  1.00 25.90 ? 307 HOH C O     1 
HETATM 1007 O  O     . HOH H 4 .  ? 5.614   -10.591 7.368   1.00 22.97 ? 308 HOH C O     1 
HETATM 1008 O  O     . HOH H 4 .  ? 7.652   -7.799  -10.260 1.00 23.08 ? 309 HOH C O     1 
HETATM 1009 O  O     . HOH H 4 .  ? 7.452   -9.880  -5.928  1.00 26.57 ? 310 HOH C O     1 
HETATM 1010 O  O     . HOH H 4 .  ? 9.021   -6.038  -4.037  1.00 24.77 ? 311 HOH C O     1 
HETATM 1011 O  O     . HOH H 4 .  ? -5.555  17.845  -4.794  1.00 30.33 ? 312 HOH C O     1 
HETATM 1012 O  O     . HOH H 4 .  ? 8.035   -2.872  0.854   1.00 20.84 ? 313 HOH C O     1 
HETATM 1013 O  O     . HOH H 4 .  ? 7.157   8.290   -1.790  1.00 24.47 ? 314 HOH C O     1 
HETATM 1014 O  O     . HOH H 4 .  ? -9.608  -2.667  19.768  1.00 26.37 ? 315 HOH C O     1 
HETATM 1015 O  O     . HOH H 4 .  ? -13.759 0.617   10.133  1.00 18.21 ? 316 HOH C O     1 
HETATM 1016 O  O     . HOH H 4 .  ? 0.773   -0.925  -4.348  1.00 11.04 ? 317 HOH C O     1 
HETATM 1017 O  O     . HOH H 4 .  ? 5.425   1.068   0.958   1.00 10.29 ? 318 HOH C O     1 
HETATM 1018 O  O     . HOH H 4 .  ? -6.637  3.181   -7.105  1.00 17.57 ? 319 HOH C O     1 
HETATM 1019 O  O     . HOH H 4 .  ? 5.136   -8.551  -8.747  1.00 23.50 ? 320 HOH C O     1 
HETATM 1020 O  O     . HOH H 4 .  ? 1.903   -5.108  -3.766  1.00 12.85 ? 321 HOH C O     1 
HETATM 1021 O  O     . HOH H 4 .  ? -3.453  -4.495  2.474   1.00 11.96 ? 322 HOH C O     1 
HETATM 1022 O  O     . HOH H 4 .  ? 4.277   2.706   3.713   1.00 13.83 ? 323 HOH C O     1 
HETATM 1023 O  O     . HOH H 4 .  ? 0.874   5.931   -9.732  1.00 24.61 ? 324 HOH C O     1 
HETATM 1024 O  O     . HOH H 4 .  ? -15.075 -0.889  8.387   1.00 23.79 ? 325 HOH C O     1 
HETATM 1025 O  O     . HOH H 4 .  ? 11.058  -1.774  -8.423  1.00 25.79 ? 326 HOH C O     1 
HETATM 1026 O  O     . HOH H 4 .  ? -0.305  2.245   3.928   1.00 12.49 ? 327 HOH C O     1 
HETATM 1027 O  O     . HOH H 4 .  ? 2.843   3.614   -13.668 1.00 32.59 ? 328 HOH C O     1 
HETATM 1028 O  O     . HOH H 4 .  ? 9.009   6.552   0.391   1.00 16.10 ? 329 HOH C O     1 
HETATM 1029 O  O     . HOH H 4 .  ? 8.197   1.418   1.129   1.00 13.65 ? 330 HOH C O     1 
HETATM 1030 O  O     . HOH H 4 .  ? -5.850  -3.344  5.838   1.00 20.09 ? 331 HOH C O     1 
HETATM 1031 O  O     . HOH H 4 .  ? 4.569   -11.241 9.189   1.00 27.83 ? 332 HOH C O     1 
HETATM 1032 O  O     . HOH H 4 .  ? -4.612  1.365   -7.713  1.00 17.82 ? 333 HOH C O     1 
HETATM 1033 O  O     . HOH H 4 .  ? -8.861  1.908   12.277  1.00 18.66 ? 334 HOH C O     1 
HETATM 1034 O  O     . HOH H 4 .  ? 5.652   -5.778  9.392   1.00 19.74 ? 335 HOH C O     1 
HETATM 1035 O  O     . HOH H 4 .  ? -2.527  6.776   8.287   1.00 21.05 ? 336 HOH C O     1 
HETATM 1036 O  O     . HOH H 4 .  ? 1.954   16.170  -4.735  1.00 19.43 ? 337 HOH C O     1 
HETATM 1037 O  O     . HOH H 4 .  ? 9.169   -4.909  -1.463  1.00 26.49 ? 338 HOH C O     1 
HETATM 1038 O  O     . HOH H 4 .  ? -1.995  -11.308 0.964   1.00 22.56 ? 339 HOH C O     1 
HETATM 1039 O  O     . HOH H 4 .  ? -7.711  -3.258  16.160  1.00 14.06 ? 340 HOH C O     1 
HETATM 1040 O  O     . HOH H 4 .  ? 7.981   11.069  -3.934  1.00 37.88 ? 341 HOH C O     1 
HETATM 1041 O  O     . HOH H 4 .  ? -0.233  -3.325  -5.051  1.00 20.92 ? 342 HOH C O     1 
HETATM 1042 O  O     . HOH H 4 .  ? 2.214   10.055  2.429   1.00 25.68 ? 343 HOH C O     1 
HETATM 1043 O  O     . HOH H 4 .  ? -3.317  12.349  -0.817  1.00 23.67 ? 344 HOH C O     1 
HETATM 1044 O  O     . HOH H 4 .  ? -0.337  13.480  -7.895  1.00 20.44 ? 345 HOH C O     1 
HETATM 1045 O  O     . HOH H 4 .  ? 1.257   4.491   7.096   1.00 26.95 ? 346 HOH C O     1 
HETATM 1046 O  O     . HOH H 4 .  ? 10.962  1.058   -5.378  1.00 21.58 ? 347 HOH C O     1 
HETATM 1047 O  O     . HOH H 4 .  ? -18.710 -0.139  16.256  1.00 27.28 ? 348 HOH C O     1 
HETATM 1048 O  O     . HOH H 4 .  ? 9.227   -4.495  -15.569 1.00 24.36 ? 349 HOH C O     1 
HETATM 1049 O  O     . HOH H 4 .  ? 0.462   -17.049 1.675   1.00 37.55 ? 350 HOH C O     1 
HETATM 1050 O  O     . HOH H 4 .  ? -7.336  -0.293  -13.990 1.00 37.20 ? 351 HOH C O     1 
HETATM 1051 O  O     . HOH H 4 .  ? -18.331 1.051   13.888  1.00 24.80 ? 352 HOH C O     1 
HETATM 1052 O  O     . HOH H 4 .  ? -0.675  10.483  -0.033  1.00 25.46 ? 353 HOH C O     1 
HETATM 1053 O  O     . HOH H 4 .  ? 2.928   11.238  -7.452  1.00 20.70 ? 354 HOH C O     1 
HETATM 1054 O  O     . HOH H 4 .  ? 2.650   2.980   13.346  1.00 23.27 ? 355 HOH C O     1 
HETATM 1055 O  O     . HOH H 4 .  ? -8.120  15.173  -8.915  1.00 32.56 ? 356 HOH C O     1 
HETATM 1056 O  O     . HOH H 4 .  ? 9.639   2.595   -9.826  1.00 27.27 ? 357 HOH C O     1 
HETATM 1057 O  O     . HOH H 4 .  ? 4.975   -10.945 -0.192  1.00 23.44 ? 358 HOH C O     1 
HETATM 1058 O  O     . HOH H 4 .  ? 9.930   -4.295  2.618   1.00 22.31 ? 359 HOH C O     1 
HETATM 1059 O  O     . HOH H 4 .  ? 7.567   4.232   -9.563  1.00 24.47 ? 360 HOH C O     1 
HETATM 1060 O  O     . HOH H 4 .  ? -4.582  -10.439 9.748   1.00 39.32 ? 361 HOH C O     1 
HETATM 1061 O  O     . HOH H 4 .  ? -2.648  -2.236  15.125  1.00 19.26 ? 362 HOH C O     1 
HETATM 1062 O  O     . HOH H 4 .  ? -11.514 15.479  -8.180  1.00 31.65 ? 363 HOH C O     1 
HETATM 1063 O  O     . HOH H 4 .  ? -3.724  -5.098  5.131   1.00 22.31 ? 364 HOH C O     1 
HETATM 1064 O  O     . HOH H 4 .  ? 10.551  -6.795  -6.570  1.00 44.48 ? 365 HOH C O     1 
HETATM 1065 O  O     . HOH H 4 .  ? -0.391  12.323  0.738   1.00 31.65 ? 366 HOH C O     1 
HETATM 1066 O  O     . HOH H 4 .  ? -0.301  7.166   6.196   1.00 32.59 ? 367 HOH C O     1 
HETATM 1067 O  O     . HOH H 4 .  ? -8.520  0.588   -9.921  1.00 30.66 ? 368 HOH C O     1 
HETATM 1068 O  O     . HOH H 4 .  ? -4.294  13.550  -7.246  1.00 34.98 ? 369 HOH C O     1 
HETATM 1069 O  O     . HOH H 4 .  ? -16.628 -3.983  18.202  1.00 40.69 ? 370 HOH C O     1 
HETATM 1070 O  O     . HOH H 4 .  ? -4.747  -7.860  5.725   1.00 31.26 ? 371 HOH C O     1 
HETATM 1071 O  O     . HOH H 4 .  ? 1.922   3.697   4.595   1.00 17.76 ? 372 HOH C O     1 
HETATM 1072 O  O     . HOH H 4 .  ? -16.244 -1.502  4.436   1.00 30.68 ? 373 HOH C O     1 
HETATM 1073 O  O     . HOH H 4 .  ? 0.503   6.082   3.869   1.00 27.87 ? 374 HOH C O     1 
HETATM 1074 O  O     . HOH H 4 .  ? -12.378 -3.810  5.787   1.00 20.48 ? 375 HOH C O     1 
HETATM 1075 O  O     . HOH H 4 .  ? -5.222  18.001  -6.944  1.00 35.17 ? 376 HOH C O     1 
HETATM 1076 O  O     . HOH H 4 .  ? -2.741  14.878  -7.826  1.00 27.08 ? 377 HOH C O     1 
HETATM 1077 O  O     . HOH H 4 .  ? -13.287 10.875  -7.366  1.00 40.06 ? 378 HOH C O     1 
HETATM 1078 O  O     . HOH H 4 .  ? 6.568   14.150  -8.303  1.00 25.76 ? 379 HOH C O     1 
HETATM 1079 O  O     . HOH H 4 .  ? 12.974  -0.006  -9.147  1.00 31.73 ? 380 HOH C O     1 
HETATM 1080 O  O     . HOH H 4 .  ? 5.973   -3.254  10.123  1.00 18.60 ? 381 HOH C O     1 
HETATM 1081 O  O     . HOH H 4 .  ? 0.899   7.703   2.057   1.00 26.46 ? 382 HOH C O     1 
HETATM 1082 O  O     . HOH H 4 .  ? -6.015  -1.112  -8.897  1.00 29.65 ? 383 HOH C O     1 
HETATM 1083 O  O     . HOH H 4 .  ? 2.452   6.174   -11.754 1.00 36.36 ? 384 HOH C O     1 
HETATM 1084 O  O     . HOH H 4 .  ? 8.825   5.287   -7.230  1.00 25.95 ? 385 HOH C O     1 
# 
loop_
_pdbx_poly_seq_scheme.asym_id 
_pdbx_poly_seq_scheme.entity_id 
_pdbx_poly_seq_scheme.seq_id 
_pdbx_poly_seq_scheme.mon_id 
_pdbx_poly_seq_scheme.ndb_seq_num 
_pdbx_poly_seq_scheme.pdb_seq_num 
_pdbx_poly_seq_scheme.auth_seq_num 
_pdbx_poly_seq_scheme.pdb_mon_id 
_pdbx_poly_seq_scheme.auth_mon_id 
_pdbx_poly_seq_scheme.pdb_strand_id 
_pdbx_poly_seq_scheme.pdb_ins_code 
_pdbx_poly_seq_scheme.hetero 
A 1 1  DG  1  1  1  DG  DG  A . n 
A 1 2  DA  2  2  2  DA  DA  A . n 
A 1 3  DA  3  3  3  DA  DA  A . n 
A 1 4  DT  4  4  4  DT  DT  A . n 
A 1 5  DC  5  5  5  DC  DC  A . n 
A 1 6  1CC 6  6  6  1CC 1CC A . n 
A 1 7  DG  7  7  7  DG  DG  A . n 
A 1 8  DG  8  8  8  DG  DG  A . n 
A 1 9  DA  9  9  9  DA  DA  A . n 
A 1 10 DT  10 10 10 DT  DT  A . n 
A 1 11 DT  11 11 11 DT  DT  A . n 
A 1 12 DC  12 12 12 DC  DC  A . n 
B 1 1  DG  1  1  1  DG  DG  B . n 
B 1 2  DA  2  2  2  DA  DA  B . n 
B 1 3  DA  3  3  3  DA  DA  B . n 
B 1 4  DT  4  4  4  DT  DT  B . n 
B 1 5  DC  5  5  5  DC  DC  B . n 
B 1 6  1CC 6  6  6  1CC 1CC B . n 
B 1 7  DG  7  7  7  DG  DG  B . n 
B 1 8  DG  8  8  8  DG  DG  B . n 
B 1 9  DA  9  9  9  DA  DA  B . n 
B 1 10 DT  10 10 10 DT  DT  B . n 
B 1 11 DT  11 11 11 DT  DT  B . n 
B 1 12 DC  12 12 12 DC  DC  B . n 
C 2 1  SER 1  50 ?  ?   ?   C . n 
C 2 2  ARG 2  51 ?  ?   ?   C . n 
C 2 3  LYS 3  52 52 LYS LYS C . n 
C 2 4  LYS 4  53 53 LYS LYS C . n 
C 2 5  ARG 5  54 54 ARG ARG C . n 
C 2 6  LYS 6  55 55 LYS LYS C . n 
C 2 7  ARG 7  56 56 ARG ARG C . n 
C 2 8  CYS 8  57 57 CYS CYS C . n 
C 2 9  GLY 9  58 58 GLY GLY C . n 
C 2 10 THR 10 59 59 THR THR C . n 
C 2 11 CYS 11 60 60 CYS CYS C . n 
C 2 12 ASP 12 61 61 ASP ASP C . n 
C 2 13 PRO 13 62 62 PRO PRO C . n 
C 2 14 CYS 14 63 63 CYS CYS C . n 
C 2 15 ARG 15 64 64 ARG ARG C . n 
C 2 16 ARG 16 65 65 ARG ARG C . n 
C 2 17 LEU 17 66 66 LEU LEU C . n 
C 2 18 GLU 18 67 67 GLU GLU C . n 
C 2 19 ASN 19 68 68 ASN ASN C . n 
C 2 20 CYS 20 69 69 CYS CYS C . n 
C 2 21 GLY 21 70 70 GLY GLY C . n 
C 2 22 SER 22 71 71 SER SER C . n 
C 2 23 CYS 23 72 72 CYS CYS C . n 
C 2 24 THR 24 73 73 THR THR C . n 
C 2 25 SER 25 74 74 SER SER C . n 
C 2 26 CYS 26 75 75 CYS CYS C . n 
C 2 27 THR 27 76 76 THR THR C . n 
C 2 28 ASN 28 77 77 ASN ASN C . n 
C 2 29 ARG 29 78 78 ARG ARG C . n 
C 2 30 ARG 30 79 79 ARG ARG C . n 
C 2 31 THR 31 80 80 THR THR C . n 
C 2 32 HIS 32 81 81 HIS HIS C . n 
C 2 33 GLN 33 82 82 GLN GLN C . n 
C 2 34 ILE 34 83 83 ILE ILE C . n 
C 2 35 CYS 35 84 84 CYS CYS C . n 
C 2 36 LYS 36 85 85 LYS LYS C . n 
C 2 37 LEU 37 86 86 LEU LEU C . n 
C 2 38 ARG 38 87 87 ARG ARG C . n 
C 2 39 LYS 39 88 88 LYS LYS C . n 
C 2 40 CYS 40 89 89 CYS CYS C . n 
C 2 41 GLU 41 90 90 GLU GLU C . n 
C 2 42 VAL 42 91 91 VAL VAL C . n 
C 2 43 LEU 43 92 92 LEU LEU C . n 
C 2 44 LYS 44 93 93 LYS LYS C . n 
C 2 45 LYS 45 94 94 LYS LYS C . n 
C 2 46 LYS 46 95 95 LYS LYS C . n 
C 2 47 ALA 47 96 96 ALA ALA C . n 
# 
loop_
_pdbx_nonpoly_scheme.asym_id 
_pdbx_nonpoly_scheme.entity_id 
_pdbx_nonpoly_scheme.mon_id 
_pdbx_nonpoly_scheme.ndb_seq_num 
_pdbx_nonpoly_scheme.pdb_seq_num 
_pdbx_nonpoly_scheme.auth_seq_num 
_pdbx_nonpoly_scheme.pdb_mon_id 
_pdbx_nonpoly_scheme.auth_mon_id 
_pdbx_nonpoly_scheme.pdb_strand_id 
_pdbx_nonpoly_scheme.pdb_ins_code 
D 3 ZN  1  201 201 ZN  ZN  C . 
E 3 ZN  1  202 202 ZN  ZN  C . 
F 4 HOH 1  101 152 HOH HOH A . 
F 4 HOH 2  102 158 HOH HOH A . 
F 4 HOH 3  103 195 HOH HOH A . 
F 4 HOH 4  104 159 HOH HOH A . 
F 4 HOH 5  105 101 HOH HOH A . 
F 4 HOH 6  106 155 HOH HOH A . 
F 4 HOH 7  107 131 HOH HOH A . 
F 4 HOH 8  108 180 HOH HOH A . 
F 4 HOH 9  109 12  HOH HOH A . 
F 4 HOH 10 110 121 HOH HOH A . 
F 4 HOH 11 111 160 HOH HOH A . 
F 4 HOH 12 112 228 HOH HOH A . 
F 4 HOH 13 113 18  HOH HOH A . 
F 4 HOH 14 114 89  HOH HOH A . 
F 4 HOH 15 115 23  HOH HOH A . 
F 4 HOH 16 116 144 HOH HOH A . 
F 4 HOH 17 117 198 HOH HOH A . 
F 4 HOH 18 118 11  HOH HOH A . 
F 4 HOH 19 119 1   HOH HOH A . 
F 4 HOH 20 120 94  HOH HOH A . 
F 4 HOH 21 121 9   HOH HOH A . 
F 4 HOH 22 122 114 HOH HOH A . 
F 4 HOH 23 123 169 HOH HOH A . 
F 4 HOH 24 124 43  HOH HOH A . 
F 4 HOH 25 125 41  HOH HOH A . 
F 4 HOH 26 126 141 HOH HOH A . 
F 4 HOH 27 127 117 HOH HOH A . 
F 4 HOH 28 128 84  HOH HOH A . 
F 4 HOH 29 129 75  HOH HOH A . 
F 4 HOH 30 130 22  HOH HOH A . 
F 4 HOH 31 131 50  HOH HOH A . 
F 4 HOH 32 132 8   HOH HOH A . 
F 4 HOH 33 133 45  HOH HOH A . 
F 4 HOH 34 134 215 HOH HOH A . 
F 4 HOH 35 135 88  HOH HOH A . 
F 4 HOH 36 136 223 HOH HOH A . 
F 4 HOH 37 137 37  HOH HOH A . 
F 4 HOH 38 138 38  HOH HOH A . 
F 4 HOH 39 139 145 HOH HOH A . 
F 4 HOH 40 140 79  HOH HOH A . 
F 4 HOH 41 141 35  HOH HOH A . 
F 4 HOH 42 142 24  HOH HOH A . 
F 4 HOH 43 143 13  HOH HOH A . 
F 4 HOH 44 144 16  HOH HOH A . 
F 4 HOH 45 145 181 HOH HOH A . 
F 4 HOH 46 146 165 HOH HOH A . 
F 4 HOH 47 147 112 HOH HOH A . 
F 4 HOH 48 148 67  HOH HOH A . 
F 4 HOH 49 149 46  HOH HOH A . 
F 4 HOH 50 150 107 HOH HOH A . 
F 4 HOH 51 151 33  HOH HOH A . 
F 4 HOH 52 152 124 HOH HOH A . 
F 4 HOH 53 153 185 HOH HOH A . 
F 4 HOH 54 154 162 HOH HOH A . 
F 4 HOH 55 155 127 HOH HOH A . 
F 4 HOH 56 156 166 HOH HOH A . 
F 4 HOH 57 157 110 HOH HOH A . 
F 4 HOH 58 158 216 HOH HOH A . 
F 4 HOH 59 159 217 HOH HOH A . 
F 4 HOH 60 160 214 HOH HOH A . 
F 4 HOH 61 161 115 HOH HOH A . 
F 4 HOH 62 162 93  HOH HOH A . 
F 4 HOH 63 163 219 HOH HOH A . 
F 4 HOH 64 164 149 HOH HOH A . 
F 4 HOH 65 165 175 HOH HOH A . 
F 4 HOH 66 166 190 HOH HOH A . 
F 4 HOH 67 167 188 HOH HOH A . 
F 4 HOH 68 168 208 HOH HOH A . 
F 4 HOH 69 169 30  HOH HOH A . 
F 4 HOH 70 170 200 HOH HOH A . 
F 4 HOH 71 171 68  HOH HOH A . 
F 4 HOH 72 172 203 HOH HOH A . 
F 4 HOH 73 173 187 HOH HOH A . 
F 4 HOH 74 174 230 HOH HOH A . 
F 4 HOH 75 175 91  HOH HOH A . 
F 4 HOH 76 176 222 HOH HOH A . 
F 4 HOH 77 177 179 HOH HOH A . 
F 4 HOH 78 178 138 HOH HOH A . 
F 4 HOH 79 179 74  HOH HOH A . 
F 4 HOH 80 180 82  HOH HOH A . 
F 4 HOH 81 181 205 HOH HOH A . 
F 4 HOH 82 182 163 HOH HOH A . 
F 4 HOH 83 183 55  HOH HOH A . 
G 4 HOH 1  101 157 HOH HOH B . 
G 4 HOH 2  102 99  HOH HOH B . 
G 4 HOH 3  103 202 HOH HOH B . 
G 4 HOH 4  104 31  HOH HOH B . 
G 4 HOH 5  105 224 HOH HOH B . 
G 4 HOH 6  106 192 HOH HOH B . 
G 4 HOH 7  107 28  HOH HOH B . 
G 4 HOH 8  108 189 HOH HOH B . 
G 4 HOH 9  109 17  HOH HOH B . 
G 4 HOH 10 110 108 HOH HOH B . 
G 4 HOH 11 111 54  HOH HOH B . 
G 4 HOH 12 112 49  HOH HOH B . 
G 4 HOH 13 113 21  HOH HOH B . 
G 4 HOH 14 114 87  HOH HOH B . 
G 4 HOH 15 115 167 HOH HOH B . 
G 4 HOH 16 116 154 HOH HOH B . 
G 4 HOH 17 117 142 HOH HOH B . 
G 4 HOH 18 118 57  HOH HOH B . 
G 4 HOH 19 119 64  HOH HOH B . 
G 4 HOH 20 120 177 HOH HOH B . 
G 4 HOH 21 121 53  HOH HOH B . 
G 4 HOH 22 122 48  HOH HOH B . 
G 4 HOH 23 123 102 HOH HOH B . 
G 4 HOH 24 124 95  HOH HOH B . 
G 4 HOH 25 125 14  HOH HOH B . 
G 4 HOH 26 126 199 HOH HOH B . 
G 4 HOH 27 127 29  HOH HOH B . 
G 4 HOH 28 128 105 HOH HOH B . 
G 4 HOH 29 129 123 HOH HOH B . 
G 4 HOH 30 130 77  HOH HOH B . 
G 4 HOH 31 131 143 HOH HOH B . 
G 4 HOH 32 132 42  HOH HOH B . 
G 4 HOH 33 133 170 HOH HOH B . 
G 4 HOH 34 134 32  HOH HOH B . 
G 4 HOH 35 135 51  HOH HOH B . 
G 4 HOH 36 136 128 HOH HOH B . 
G 4 HOH 37 137 129 HOH HOH B . 
G 4 HOH 38 138 72  HOH HOH B . 
G 4 HOH 39 139 20  HOH HOH B . 
G 4 HOH 40 140 204 HOH HOH B . 
G 4 HOH 41 141 58  HOH HOH B . 
G 4 HOH 42 142 27  HOH HOH B . 
G 4 HOH 43 143 69  HOH HOH B . 
G 4 HOH 44 144 133 HOH HOH B . 
G 4 HOH 45 145 161 HOH HOH B . 
G 4 HOH 46 146 113 HOH HOH B . 
G 4 HOH 47 147 147 HOH HOH B . 
G 4 HOH 48 148 59  HOH HOH B . 
G 4 HOH 49 149 116 HOH HOH B . 
G 4 HOH 50 150 207 HOH HOH B . 
G 4 HOH 51 151 210 HOH HOH B . 
G 4 HOH 52 152 132 HOH HOH B . 
G 4 HOH 53 153 191 HOH HOH B . 
G 4 HOH 54 154 183 HOH HOH B . 
G 4 HOH 55 155 73  HOH HOH B . 
G 4 HOH 56 156 39  HOH HOH B . 
G 4 HOH 57 157 153 HOH HOH B . 
G 4 HOH 58 158 164 HOH HOH B . 
G 4 HOH 59 159 209 HOH HOH B . 
G 4 HOH 60 160 229 HOH HOH B . 
G 4 HOH 61 161 140 HOH HOH B . 
G 4 HOH 62 162 137 HOH HOH B . 
H 4 HOH 1  301 173 HOH HOH C . 
H 4 HOH 2  302 86  HOH HOH C . 
H 4 HOH 3  303 150 HOH HOH C . 
H 4 HOH 4  304 26  HOH HOH C . 
H 4 HOH 5  305 109 HOH HOH C . 
H 4 HOH 6  306 92  HOH HOH C . 
H 4 HOH 7  307 171 HOH HOH C . 
H 4 HOH 8  308 103 HOH HOH C . 
H 4 HOH 9  309 176 HOH HOH C . 
H 4 HOH 10 310 134 HOH HOH C . 
H 4 HOH 11 311 85  HOH HOH C . 
H 4 HOH 12 312 96  HOH HOH C . 
H 4 HOH 13 313 104 HOH HOH C . 
H 4 HOH 14 314 156 HOH HOH C . 
H 4 HOH 15 315 60  HOH HOH C . 
H 4 HOH 16 316 15  HOH HOH C . 
H 4 HOH 17 317 3   HOH HOH C . 
H 4 HOH 18 318 2   HOH HOH C . 
H 4 HOH 19 319 90  HOH HOH C . 
H 4 HOH 20 320 148 HOH HOH C . 
H 4 HOH 21 321 5   HOH HOH C . 
H 4 HOH 22 322 4   HOH HOH C . 
H 4 HOH 23 323 7   HOH HOH C . 
H 4 HOH 24 324 44  HOH HOH C . 
H 4 HOH 25 325 56  HOH HOH C . 
H 4 HOH 26 326 178 HOH HOH C . 
H 4 HOH 27 327 10  HOH HOH C . 
H 4 HOH 28 328 174 HOH HOH C . 
H 4 HOH 29 329 76  HOH HOH C . 
H 4 HOH 30 330 6   HOH HOH C . 
H 4 HOH 31 331 126 HOH HOH C . 
H 4 HOH 32 332 71  HOH HOH C . 
H 4 HOH 33 333 19  HOH HOH C . 
H 4 HOH 34 334 196 HOH HOH C . 
H 4 HOH 35 335 83  HOH HOH C . 
H 4 HOH 36 336 40  HOH HOH C . 
H 4 HOH 37 337 36  HOH HOH C . 
H 4 HOH 38 338 146 HOH HOH C . 
H 4 HOH 39 339 122 HOH HOH C . 
H 4 HOH 40 340 52  HOH HOH C . 
H 4 HOH 41 341 226 HOH HOH C . 
H 4 HOH 42 342 120 HOH HOH C . 
H 4 HOH 43 343 100 HOH HOH C . 
H 4 HOH 44 344 47  HOH HOH C . 
H 4 HOH 45 345 34  HOH HOH C . 
H 4 HOH 46 346 139 HOH HOH C . 
H 4 HOH 47 347 80  HOH HOH C . 
H 4 HOH 48 348 111 HOH HOH C . 
H 4 HOH 49 349 66  HOH HOH C . 
H 4 HOH 50 350 206 HOH HOH C . 
H 4 HOH 51 351 213 HOH HOH C . 
H 4 HOH 52 352 63  HOH HOH C . 
H 4 HOH 53 353 172 HOH HOH C . 
H 4 HOH 54 354 97  HOH HOH C . 
H 4 HOH 55 355 65  HOH HOH C . 
H 4 HOH 56 356 182 HOH HOH C . 
H 4 HOH 57 357 151 HOH HOH C . 
H 4 HOH 58 358 62  HOH HOH C . 
H 4 HOH 59 359 218 HOH HOH C . 
H 4 HOH 60 360 125 HOH HOH C . 
H 4 HOH 61 361 225 HOH HOH C . 
H 4 HOH 62 362 25  HOH HOH C . 
H 4 HOH 63 363 186 HOH HOH C . 
H 4 HOH 64 364 119 HOH HOH C . 
H 4 HOH 65 365 194 HOH HOH C . 
H 4 HOH 66 366 211 HOH HOH C . 
H 4 HOH 67 367 221 HOH HOH C . 
H 4 HOH 68 368 227 HOH HOH C . 
H 4 HOH 69 369 193 HOH HOH C . 
H 4 HOH 70 370 184 HOH HOH C . 
H 4 HOH 71 371 220 HOH HOH C . 
H 4 HOH 72 372 78  HOH HOH C . 
H 4 HOH 73 373 70  HOH HOH C . 
H 4 HOH 74 374 106 HOH HOH C . 
H 4 HOH 75 375 61  HOH HOH C . 
H 4 HOH 76 376 168 HOH HOH C . 
H 4 HOH 77 377 118 HOH HOH C . 
H 4 HOH 78 378 130 HOH HOH C . 
H 4 HOH 79 379 197 HOH HOH C . 
H 4 HOH 80 380 201 HOH HOH C . 
H 4 HOH 81 381 81  HOH HOH C . 
H 4 HOH 82 382 135 HOH HOH C . 
H 4 HOH 83 383 98  HOH HOH C . 
H 4 HOH 84 384 212 HOH HOH C . 
H 4 HOH 85 385 136 HOH HOH C . 
# 
_pdbx_struct_assembly.id                   1 
_pdbx_struct_assembly.details              author_and_software_defined_assembly 
_pdbx_struct_assembly.method_details       PISA 
_pdbx_struct_assembly.oligomeric_details   trimeric 
_pdbx_struct_assembly.oligomeric_count     3 
# 
_pdbx_struct_assembly_gen.assembly_id       1 
_pdbx_struct_assembly_gen.oper_expression   1 
_pdbx_struct_assembly_gen.asym_id_list      A,B,C,D,E,F,G,H 
# 
loop_
_pdbx_struct_assembly_prop.biol_id 
_pdbx_struct_assembly_prop.type 
_pdbx_struct_assembly_prop.value 
_pdbx_struct_assembly_prop.details 
1 'ABSA (A^2)' 2870 ? 
1 MORE         -19  ? 
1 'SSA (A^2)'  7060 ? 
# 
_pdbx_struct_oper_list.id                   1 
_pdbx_struct_oper_list.type                 'identity operation' 
_pdbx_struct_oper_list.name                 1_555 
_pdbx_struct_oper_list.symmetry_operation   x,y,z 
_pdbx_struct_oper_list.matrix[1][1]         1.0000000000 
_pdbx_struct_oper_list.matrix[1][2]         0.0000000000 
_pdbx_struct_oper_list.matrix[1][3]         0.0000000000 
_pdbx_struct_oper_list.vector[1]            0.0000000000 
_pdbx_struct_oper_list.matrix[2][1]         0.0000000000 
_pdbx_struct_oper_list.matrix[2][2]         1.0000000000 
_pdbx_struct_oper_list.matrix[2][3]         0.0000000000 
_pdbx_struct_oper_list.vector[2]            0.0000000000 
_pdbx_struct_oper_list.matrix[3][1]         0.0000000000 
_pdbx_struct_oper_list.matrix[3][2]         0.0000000000 
_pdbx_struct_oper_list.matrix[3][3]         1.0000000000 
_pdbx_struct_oper_list.vector[3]            0.0000000000 
# 
loop_
_pdbx_struct_conn_angle.id 
_pdbx_struct_conn_angle.ptnr1_label_atom_id 
_pdbx_struct_conn_angle.ptnr1_label_alt_id 
_pdbx_struct_conn_angle.ptnr1_label_asym_id 
_pdbx_struct_conn_angle.ptnr1_label_comp_id 
_pdbx_struct_conn_angle.ptnr1_label_seq_id 
_pdbx_struct_conn_angle.ptnr1_auth_atom_id 
_pdbx_struct_conn_angle.ptnr1_auth_asym_id 
_pdbx_struct_conn_angle.ptnr1_auth_comp_id 
_pdbx_struct_conn_angle.ptnr1_auth_seq_id 
_pdbx_struct_conn_angle.ptnr1_PDB_ins_code 
_pdbx_struct_conn_angle.ptnr1_symmetry 
_pdbx_struct_conn_angle.ptnr2_label_atom_id 
_pdbx_struct_conn_angle.ptnr2_label_alt_id 
_pdbx_struct_conn_angle.ptnr2_label_asym_id 
_pdbx_struct_conn_angle.ptnr2_label_comp_id 
_pdbx_struct_conn_angle.ptnr2_label_seq_id 
_pdbx_struct_conn_angle.ptnr2_auth_atom_id 
_pdbx_struct_conn_angle.ptnr2_auth_asym_id 
_pdbx_struct_conn_angle.ptnr2_auth_comp_id 
_pdbx_struct_conn_angle.ptnr2_auth_seq_id 
_pdbx_struct_conn_angle.ptnr2_PDB_ins_code 
_pdbx_struct_conn_angle.ptnr2_symmetry 
_pdbx_struct_conn_angle.ptnr3_label_atom_id 
_pdbx_struct_conn_angle.ptnr3_label_alt_id 
_pdbx_struct_conn_angle.ptnr3_label_asym_id 
_pdbx_struct_conn_angle.ptnr3_label_comp_id 
_pdbx_struct_conn_angle.ptnr3_label_seq_id 
_pdbx_struct_conn_angle.ptnr3_auth_atom_id 
_pdbx_struct_conn_angle.ptnr3_auth_asym_id 
_pdbx_struct_conn_angle.ptnr3_auth_comp_id 
_pdbx_struct_conn_angle.ptnr3_auth_seq_id 
_pdbx_struct_conn_angle.ptnr3_PDB_ins_code 
_pdbx_struct_conn_angle.ptnr3_symmetry 
_pdbx_struct_conn_angle.value 
_pdbx_struct_conn_angle.value_esd 
1  SG ? C CYS 8  ? C CYS 57 ? 1_555 ZN ? D ZN . ? C ZN 201 ? 1_555 SG ? C CYS 11 ? C CYS 60 ? 1_555 110.4 ? 
2  SG ? C CYS 8  ? C CYS 57 ? 1_555 ZN ? D ZN . ? C ZN 201 ? 1_555 SG ? C CYS 14 ? C CYS 63 ? 1_555 119.1 ? 
3  SG ? C CYS 11 ? C CYS 60 ? 1_555 ZN ? D ZN . ? C ZN 201 ? 1_555 SG ? C CYS 14 ? C CYS 63 ? 1_555 101.5 ? 
4  SG ? C CYS 8  ? C CYS 57 ? 1_555 ZN ? D ZN . ? C ZN 201 ? 1_555 SG ? C CYS 40 ? C CYS 89 ? 1_555 104.4 ? 
5  SG ? C CYS 11 ? C CYS 60 ? 1_555 ZN ? D ZN . ? C ZN 201 ? 1_555 SG ? C CYS 40 ? C CYS 89 ? 1_555 119.7 ? 
6  SG ? C CYS 14 ? C CYS 63 ? 1_555 ZN ? D ZN . ? C ZN 201 ? 1_555 SG ? C CYS 40 ? C CYS 89 ? 1_555 102.4 ? 
7  SG ? C CYS 20 ? C CYS 69 ? 1_555 ZN ? E ZN . ? C ZN 202 ? 1_555 SG ? C CYS 23 ? C CYS 72 ? 1_555 105.3 ? 
8  SG ? C CYS 20 ? C CYS 69 ? 1_555 ZN ? E ZN . ? C ZN 202 ? 1_555 SG ? C CYS 26 ? C CYS 75 ? 1_555 118.4 ? 
9  SG ? C CYS 23 ? C CYS 72 ? 1_555 ZN ? E ZN . ? C ZN 202 ? 1_555 SG ? C CYS 26 ? C CYS 75 ? 1_555 105.3 ? 
10 SG ? C CYS 20 ? C CYS 69 ? 1_555 ZN ? E ZN . ? C ZN 202 ? 1_555 SG ? C CYS 35 ? C CYS 84 ? 1_555 106.5 ? 
11 SG ? C CYS 23 ? C CYS 72 ? 1_555 ZN ? E ZN . ? C ZN 202 ? 1_555 SG ? C CYS 35 ? C CYS 84 ? 1_555 116.6 ? 
12 SG ? C CYS 26 ? C CYS 75 ? 1_555 ZN ? E ZN . ? C ZN 202 ? 1_555 SG ? C CYS 35 ? C CYS 84 ? 1_555 105.4 ? 
# 
loop_
_pdbx_audit_revision_history.ordinal 
_pdbx_audit_revision_history.data_content_type 
_pdbx_audit_revision_history.major_revision 
_pdbx_audit_revision_history.minor_revision 
_pdbx_audit_revision_history.revision_date 
1 'Structure model' 1 0 2016-02-03 
2 'Structure model' 1 1 2016-02-10 
3 'Structure model' 1 2 2023-09-27 
# 
_pdbx_audit_revision_details.ordinal             1 
_pdbx_audit_revision_details.revision_ordinal    1 
_pdbx_audit_revision_details.data_content_type   'Structure model' 
_pdbx_audit_revision_details.provider            repository 
_pdbx_audit_revision_details.type                'Initial release' 
_pdbx_audit_revision_details.description         ? 
_pdbx_audit_revision_details.details             ? 
# 
loop_
_pdbx_audit_revision_group.ordinal 
_pdbx_audit_revision_group.revision_ordinal 
_pdbx_audit_revision_group.data_content_type 
_pdbx_audit_revision_group.group 
1 2 'Structure model' 'Database references'    
2 3 'Structure model' 'Data collection'        
3 3 'Structure model' 'Database references'    
4 3 'Structure model' 'Derived calculations'   
5 3 'Structure model' 'Refinement description' 
# 
loop_
_pdbx_audit_revision_category.ordinal 
_pdbx_audit_revision_category.revision_ordinal 
_pdbx_audit_revision_category.data_content_type 
_pdbx_audit_revision_category.category 
1 3 'Structure model' chem_comp_atom                
2 3 'Structure model' chem_comp_bond                
3 3 'Structure model' database_2                    
4 3 'Structure model' pdbx_initial_refinement_model 
5 3 'Structure model' pdbx_struct_oper_list         
# 
loop_
_pdbx_audit_revision_item.ordinal 
_pdbx_audit_revision_item.revision_ordinal 
_pdbx_audit_revision_item.data_content_type 
_pdbx_audit_revision_item.item 
1 3 'Structure model' '_database_2.pdbx_DOI'                      
2 3 'Structure model' '_database_2.pdbx_database_accession'       
3 3 'Structure model' '_pdbx_struct_oper_list.symmetry_operation' 
# 
loop_
_software.citation_id 
_software.classification 
_software.compiler_name 
_software.compiler_version 
_software.contact_author 
_software.contact_author_email 
_software.date 
_software.description 
_software.dependencies 
_software.hardware 
_software.language 
_software.location 
_software.mods 
_software.name 
_software.os 
_software.os_version 
_software.type 
_software.version 
_software.pdbx_ordinal 
? refinement       ? ? ? ? ? ? ? ? ? ? ? PHENIX   ? ? ? 1.8.1_1168 1 
? 'data scaling'   ? ? ? ? ? ? ? ? ? ? ? HKL-2000 ? ? ? .          2 
? 'model building' ? ? ? ? ? ? ? ? ? ? ? Coot     ? ? ? .          3 
? phasing          ? ? ? ? ? ? ? ? ? ? ? PHASER   ? ? ? .          4 
? 'data reduction' ? ? ? ? ? ? ? ? ? ? ? HKL-2000 ? ? ? .          5 
# 
loop_
_pdbx_validate_close_contact.id 
_pdbx_validate_close_contact.PDB_model_num 
_pdbx_validate_close_contact.auth_atom_id_1 
_pdbx_validate_close_contact.auth_asym_id_1 
_pdbx_validate_close_contact.auth_comp_id_1 
_pdbx_validate_close_contact.auth_seq_id_1 
_pdbx_validate_close_contact.PDB_ins_code_1 
_pdbx_validate_close_contact.label_alt_id_1 
_pdbx_validate_close_contact.auth_atom_id_2 
_pdbx_validate_close_contact.auth_asym_id_2 
_pdbx_validate_close_contact.auth_comp_id_2 
_pdbx_validate_close_contact.auth_seq_id_2 
_pdbx_validate_close_contact.PDB_ins_code_2 
_pdbx_validate_close_contact.label_alt_id_2 
_pdbx_validate_close_contact.dist 
1  1 O A HOH 131 ? ? O A HOH 181 ? ? 1.94 
2  1 O B HOH 108 ? ? O B HOH 140 ? ? 1.99 
3  1 O C HOH 353 ? ? O C HOH 366 ? ? 2.02 
4  1 O A HOH 134 ? ? O A HOH 160 ? ? 2.02 
5  1 O A HOH 156 ? ? O B HOH 145 ? ? 2.07 
6  1 O C HOH 369 ? ? O C HOH 377 ? ? 2.12 
7  1 O B HOH 117 ? ? O C HOH 378 ? ? 2.14 
8  1 O A HOH 163 ? ? O A HOH 170 ? ? 2.15 
9  1 O A HOH 166 ? ? O A HOH 173 ? ? 2.17 
10 1 O C HOH 312 ? ? O C HOH 376 ? ? 2.18 
# 
loop_
_pdbx_validate_symm_contact.id 
_pdbx_validate_symm_contact.PDB_model_num 
_pdbx_validate_symm_contact.auth_atom_id_1 
_pdbx_validate_symm_contact.auth_asym_id_1 
_pdbx_validate_symm_contact.auth_comp_id_1 
_pdbx_validate_symm_contact.auth_seq_id_1 
_pdbx_validate_symm_contact.PDB_ins_code_1 
_pdbx_validate_symm_contact.label_alt_id_1 
_pdbx_validate_symm_contact.site_symmetry_1 
_pdbx_validate_symm_contact.auth_atom_id_2 
_pdbx_validate_symm_contact.auth_asym_id_2 
_pdbx_validate_symm_contact.auth_comp_id_2 
_pdbx_validate_symm_contact.auth_seq_id_2 
_pdbx_validate_symm_contact.PDB_ins_code_2 
_pdbx_validate_symm_contact.label_alt_id_2 
_pdbx_validate_symm_contact.site_symmetry_2 
_pdbx_validate_symm_contact.dist 
1 1 O A HOH 177 ? ? 1_555 O C HOH 376 ? ? 4_545 1.84 
2 1 O A HOH 139 ? ? 1_555 O C HOH 302 ? ? 4_556 1.95 
3 1 O B HOH 151 ? ? 1_555 O C HOH 350 ? ? 4_556 2.15 
4 1 O C HOH 351 ? ? 1_555 O C HOH 365 ? ? 2_656 2.16 
# 
loop_
_pdbx_validate_rmsd_angle.id 
_pdbx_validate_rmsd_angle.PDB_model_num 
_pdbx_validate_rmsd_angle.auth_atom_id_1 
_pdbx_validate_rmsd_angle.auth_asym_id_1 
_pdbx_validate_rmsd_angle.auth_comp_id_1 
_pdbx_validate_rmsd_angle.auth_seq_id_1 
_pdbx_validate_rmsd_angle.PDB_ins_code_1 
_pdbx_validate_rmsd_angle.label_alt_id_1 
_pdbx_validate_rmsd_angle.auth_atom_id_2 
_pdbx_validate_rmsd_angle.auth_asym_id_2 
_pdbx_validate_rmsd_angle.auth_comp_id_2 
_pdbx_validate_rmsd_angle.auth_seq_id_2 
_pdbx_validate_rmsd_angle.PDB_ins_code_2 
_pdbx_validate_rmsd_angle.label_alt_id_2 
_pdbx_validate_rmsd_angle.auth_atom_id_3 
_pdbx_validate_rmsd_angle.auth_asym_id_3 
_pdbx_validate_rmsd_angle.auth_comp_id_3 
_pdbx_validate_rmsd_angle.auth_seq_id_3 
_pdbx_validate_rmsd_angle.PDB_ins_code_3 
_pdbx_validate_rmsd_angle.label_alt_id_3 
_pdbx_validate_rmsd_angle.angle_value 
_pdbx_validate_rmsd_angle.angle_target_value 
_pdbx_validate_rmsd_angle.angle_deviation 
_pdbx_validate_rmsd_angle.angle_standard_deviation 
_pdbx_validate_rmsd_angle.linker_flag 
1 1 "C3'" A DT 4  ? ? "C2'" A DT 4  ? ? "C1'" A DT 4  ? ? 97.39  102.40 -5.01 0.80 N 
2 1 "C3'" A DG 7  ? ? "C2'" A DG 7  ? ? "C1'" A DG 7  ? ? 97.31  102.40 -5.09 0.80 N 
3 1 "O4'" A DG 7  ? ? "C1'" A DG 7  ? ? N9    A DG 7  ? ? 111.60 108.30 3.30  0.30 N 
4 1 "O4'" A DT 10 ? ? "C1'" A DT 10 ? ? N1    A DT 10 ? ? 103.27 108.00 -4.73 0.70 N 
5 1 "O4'" B DC 12 ? ? "C4'" B DC 12 ? ? "C3'" B DC 12 ? ? 101.94 104.50 -2.56 0.40 N 
# 
_pdbx_validate_torsion.id              1 
_pdbx_validate_torsion.PDB_model_num   1 
_pdbx_validate_torsion.auth_comp_id    CYS 
_pdbx_validate_torsion.auth_asym_id    C 
_pdbx_validate_torsion.auth_seq_id     84 
_pdbx_validate_torsion.PDB_ins_code    ? 
_pdbx_validate_torsion.label_alt_id    ? 
_pdbx_validate_torsion.phi             -38.76 
_pdbx_validate_torsion.psi             128.93 
# 
loop_
_pdbx_unobs_or_zero_occ_atoms.id 
_pdbx_unobs_or_zero_occ_atoms.PDB_model_num 
_pdbx_unobs_or_zero_occ_atoms.polymer_flag 
_pdbx_unobs_or_zero_occ_atoms.occupancy_flag 
_pdbx_unobs_or_zero_occ_atoms.auth_asym_id 
_pdbx_unobs_or_zero_occ_atoms.auth_comp_id 
_pdbx_unobs_or_zero_occ_atoms.auth_seq_id 
_pdbx_unobs_or_zero_occ_atoms.PDB_ins_code 
_pdbx_unobs_or_zero_occ_atoms.auth_atom_id 
_pdbx_unobs_or_zero_occ_atoms.label_alt_id 
_pdbx_unobs_or_zero_occ_atoms.label_asym_id 
_pdbx_unobs_or_zero_occ_atoms.label_comp_id 
_pdbx_unobs_or_zero_occ_atoms.label_seq_id 
_pdbx_unobs_or_zero_occ_atoms.label_atom_id 
1 1 Y 1 B DG  1  ? "O5'" ? B DG  1 "O5'" 
2 1 Y 1 C LYS 52 ? CG    ? C LYS 3 CG    
3 1 Y 1 C LYS 52 ? CD    ? C LYS 3 CD    
4 1 Y 1 C LYS 52 ? CE    ? C LYS 3 CE    
5 1 Y 1 C LYS 52 ? NZ    ? C LYS 3 NZ    
# 
loop_
_pdbx_unobs_or_zero_occ_residues.id 
_pdbx_unobs_or_zero_occ_residues.PDB_model_num 
_pdbx_unobs_or_zero_occ_residues.polymer_flag 
_pdbx_unobs_or_zero_occ_residues.occupancy_flag 
_pdbx_unobs_or_zero_occ_residues.auth_asym_id 
_pdbx_unobs_or_zero_occ_residues.auth_comp_id 
_pdbx_unobs_or_zero_occ_residues.auth_seq_id 
_pdbx_unobs_or_zero_occ_residues.PDB_ins_code 
_pdbx_unobs_or_zero_occ_residues.label_asym_id 
_pdbx_unobs_or_zero_occ_residues.label_comp_id 
_pdbx_unobs_or_zero_occ_residues.label_seq_id 
1 1 Y 1 C SER 50 ? C SER 1 
2 1 Y 1 C ARG 51 ? C ARG 2 
# 
loop_
_chem_comp_atom.comp_id 
_chem_comp_atom.atom_id 
_chem_comp_atom.type_symbol 
_chem_comp_atom.pdbx_aromatic_flag 
_chem_comp_atom.pdbx_stereo_config 
_chem_comp_atom.pdbx_ordinal 
1CC P      P  N N 1   
1CC OP1    O  N N 2   
1CC OP2    O  N N 3   
1CC "O5'"  O  N N 4   
1CC "C5'"  C  N N 5   
1CC "C4'"  C  N R 6   
1CC "C3'"  C  N S 7   
1CC "C2'"  C  N N 8   
1CC "C1'"  C  N R 9   
1CC "O4'"  O  N N 10  
1CC N1     N  N N 11  
1CC C6     C  N N 12  
1CC C5     C  N N 13  
1CC C4     C  N N 14  
1CC N4     N  N N 15  
1CC N3     N  N N 16  
1CC C2     C  N N 17  
1CC O2     O  N N 18  
1CC C21    C  N N 19  
1CC O22    O  N N 20  
1CC O23    O  N N 21  
1CC "O3'"  O  N N 22  
1CC HOP2   H  N N 23  
1CC "H5''" H  N N 24  
1CC "H5'"  H  N N 25  
1CC "H4'"  H  N N 26  
1CC "H3'"  H  N N 27  
1CC "H2''" H  N N 28  
1CC "H2'"  H  N N 29  
1CC "H1'"  H  N N 30  
1CC H6     H  N N 31  
1CC H42    H  N N 32  
1CC H41    H  N N 33  
1CC H5     H  N N 34  
1CC "HO3'" H  N N 35  
1CC OP3    O  N N 36  
1CC HOP3   H  N N 37  
ALA N      N  N N 38  
ALA CA     C  N S 39  
ALA C      C  N N 40  
ALA O      O  N N 41  
ALA CB     C  N N 42  
ALA OXT    O  N N 43  
ALA H      H  N N 44  
ALA H2     H  N N 45  
ALA HA     H  N N 46  
ALA HB1    H  N N 47  
ALA HB2    H  N N 48  
ALA HB3    H  N N 49  
ALA HXT    H  N N 50  
ARG N      N  N N 51  
ARG CA     C  N S 52  
ARG C      C  N N 53  
ARG O      O  N N 54  
ARG CB     C  N N 55  
ARG CG     C  N N 56  
ARG CD     C  N N 57  
ARG NE     N  N N 58  
ARG CZ     C  N N 59  
ARG NH1    N  N N 60  
ARG NH2    N  N N 61  
ARG OXT    O  N N 62  
ARG H      H  N N 63  
ARG H2     H  N N 64  
ARG HA     H  N N 65  
ARG HB2    H  N N 66  
ARG HB3    H  N N 67  
ARG HG2    H  N N 68  
ARG HG3    H  N N 69  
ARG HD2    H  N N 70  
ARG HD3    H  N N 71  
ARG HE     H  N N 72  
ARG HH11   H  N N 73  
ARG HH12   H  N N 74  
ARG HH21   H  N N 75  
ARG HH22   H  N N 76  
ARG HXT    H  N N 77  
ASN N      N  N N 78  
ASN CA     C  N S 79  
ASN C      C  N N 80  
ASN O      O  N N 81  
ASN CB     C  N N 82  
ASN CG     C  N N 83  
ASN OD1    O  N N 84  
ASN ND2    N  N N 85  
ASN OXT    O  N N 86  
ASN H      H  N N 87  
ASN H2     H  N N 88  
ASN HA     H  N N 89  
ASN HB2    H  N N 90  
ASN HB3    H  N N 91  
ASN HD21   H  N N 92  
ASN HD22   H  N N 93  
ASN HXT    H  N N 94  
ASP N      N  N N 95  
ASP CA     C  N S 96  
ASP C      C  N N 97  
ASP O      O  N N 98  
ASP CB     C  N N 99  
ASP CG     C  N N 100 
ASP OD1    O  N N 101 
ASP OD2    O  N N 102 
ASP OXT    O  N N 103 
ASP H      H  N N 104 
ASP H2     H  N N 105 
ASP HA     H  N N 106 
ASP HB2    H  N N 107 
ASP HB3    H  N N 108 
ASP HD2    H  N N 109 
ASP HXT    H  N N 110 
CYS N      N  N N 111 
CYS CA     C  N R 112 
CYS C      C  N N 113 
CYS O      O  N N 114 
CYS CB     C  N N 115 
CYS SG     S  N N 116 
CYS OXT    O  N N 117 
CYS H      H  N N 118 
CYS H2     H  N N 119 
CYS HA     H  N N 120 
CYS HB2    H  N N 121 
CYS HB3    H  N N 122 
CYS HG     H  N N 123 
CYS HXT    H  N N 124 
DA  OP3    O  N N 125 
DA  P      P  N N 126 
DA  OP1    O  N N 127 
DA  OP2    O  N N 128 
DA  "O5'"  O  N N 129 
DA  "C5'"  C  N N 130 
DA  "C4'"  C  N R 131 
DA  "O4'"  O  N N 132 
DA  "C3'"  C  N S 133 
DA  "O3'"  O  N N 134 
DA  "C2'"  C  N N 135 
DA  "C1'"  C  N R 136 
DA  N9     N  Y N 137 
DA  C8     C  Y N 138 
DA  N7     N  Y N 139 
DA  C5     C  Y N 140 
DA  C6     C  Y N 141 
DA  N6     N  N N 142 
DA  N1     N  Y N 143 
DA  C2     C  Y N 144 
DA  N3     N  Y N 145 
DA  C4     C  Y N 146 
DA  HOP3   H  N N 147 
DA  HOP2   H  N N 148 
DA  "H5'"  H  N N 149 
DA  "H5''" H  N N 150 
DA  "H4'"  H  N N 151 
DA  "H3'"  H  N N 152 
DA  "HO3'" H  N N 153 
DA  "H2'"  H  N N 154 
DA  "H2''" H  N N 155 
DA  "H1'"  H  N N 156 
DA  H8     H  N N 157 
DA  H61    H  N N 158 
DA  H62    H  N N 159 
DA  H2     H  N N 160 
DC  OP3    O  N N 161 
DC  P      P  N N 162 
DC  OP1    O  N N 163 
DC  OP2    O  N N 164 
DC  "O5'"  O  N N 165 
DC  "C5'"  C  N N 166 
DC  "C4'"  C  N R 167 
DC  "O4'"  O  N N 168 
DC  "C3'"  C  N S 169 
DC  "O3'"  O  N N 170 
DC  "C2'"  C  N N 171 
DC  "C1'"  C  N R 172 
DC  N1     N  N N 173 
DC  C2     C  N N 174 
DC  O2     O  N N 175 
DC  N3     N  N N 176 
DC  C4     C  N N 177 
DC  N4     N  N N 178 
DC  C5     C  N N 179 
DC  C6     C  N N 180 
DC  HOP3   H  N N 181 
DC  HOP2   H  N N 182 
DC  "H5'"  H  N N 183 
DC  "H5''" H  N N 184 
DC  "H4'"  H  N N 185 
DC  "H3'"  H  N N 186 
DC  "HO3'" H  N N 187 
DC  "H2'"  H  N N 188 
DC  "H2''" H  N N 189 
DC  "H1'"  H  N N 190 
DC  H41    H  N N 191 
DC  H42    H  N N 192 
DC  H5     H  N N 193 
DC  H6     H  N N 194 
DG  OP3    O  N N 195 
DG  P      P  N N 196 
DG  OP1    O  N N 197 
DG  OP2    O  N N 198 
DG  "O5'"  O  N N 199 
DG  "C5'"  C  N N 200 
DG  "C4'"  C  N R 201 
DG  "O4'"  O  N N 202 
DG  "C3'"  C  N S 203 
DG  "O3'"  O  N N 204 
DG  "C2'"  C  N N 205 
DG  "C1'"  C  N R 206 
DG  N9     N  Y N 207 
DG  C8     C  Y N 208 
DG  N7     N  Y N 209 
DG  C5     C  Y N 210 
DG  C6     C  N N 211 
DG  O6     O  N N 212 
DG  N1     N  N N 213 
DG  C2     C  N N 214 
DG  N2     N  N N 215 
DG  N3     N  N N 216 
DG  C4     C  Y N 217 
DG  HOP3   H  N N 218 
DG  HOP2   H  N N 219 
DG  "H5'"  H  N N 220 
DG  "H5''" H  N N 221 
DG  "H4'"  H  N N 222 
DG  "H3'"  H  N N 223 
DG  "HO3'" H  N N 224 
DG  "H2'"  H  N N 225 
DG  "H2''" H  N N 226 
DG  "H1'"  H  N N 227 
DG  H8     H  N N 228 
DG  H1     H  N N 229 
DG  H21    H  N N 230 
DG  H22    H  N N 231 
DT  OP3    O  N N 232 
DT  P      P  N N 233 
DT  OP1    O  N N 234 
DT  OP2    O  N N 235 
DT  "O5'"  O  N N 236 
DT  "C5'"  C  N N 237 
DT  "C4'"  C  N R 238 
DT  "O4'"  O  N N 239 
DT  "C3'"  C  N S 240 
DT  "O3'"  O  N N 241 
DT  "C2'"  C  N N 242 
DT  "C1'"  C  N R 243 
DT  N1     N  N N 244 
DT  C2     C  N N 245 
DT  O2     O  N N 246 
DT  N3     N  N N 247 
DT  C4     C  N N 248 
DT  O4     O  N N 249 
DT  C5     C  N N 250 
DT  C7     C  N N 251 
DT  C6     C  N N 252 
DT  HOP3   H  N N 253 
DT  HOP2   H  N N 254 
DT  "H5'"  H  N N 255 
DT  "H5''" H  N N 256 
DT  "H4'"  H  N N 257 
DT  "H3'"  H  N N 258 
DT  "HO3'" H  N N 259 
DT  "H2'"  H  N N 260 
DT  "H2''" H  N N 261 
DT  "H1'"  H  N N 262 
DT  H3     H  N N 263 
DT  H71    H  N N 264 
DT  H72    H  N N 265 
DT  H73    H  N N 266 
DT  H6     H  N N 267 
GLN N      N  N N 268 
GLN CA     C  N S 269 
GLN C      C  N N 270 
GLN O      O  N N 271 
GLN CB     C  N N 272 
GLN CG     C  N N 273 
GLN CD     C  N N 274 
GLN OE1    O  N N 275 
GLN NE2    N  N N 276 
GLN OXT    O  N N 277 
GLN H      H  N N 278 
GLN H2     H  N N 279 
GLN HA     H  N N 280 
GLN HB2    H  N N 281 
GLN HB3    H  N N 282 
GLN HG2    H  N N 283 
GLN HG3    H  N N 284 
GLN HE21   H  N N 285 
GLN HE22   H  N N 286 
GLN HXT    H  N N 287 
GLU N      N  N N 288 
GLU CA     C  N S 289 
GLU C      C  N N 290 
GLU O      O  N N 291 
GLU CB     C  N N 292 
GLU CG     C  N N 293 
GLU CD     C  N N 294 
GLU OE1    O  N N 295 
GLU OE2    O  N N 296 
GLU OXT    O  N N 297 
GLU H      H  N N 298 
GLU H2     H  N N 299 
GLU HA     H  N N 300 
GLU HB2    H  N N 301 
GLU HB3    H  N N 302 
GLU HG2    H  N N 303 
GLU HG3    H  N N 304 
GLU HE2    H  N N 305 
GLU HXT    H  N N 306 
GLY N      N  N N 307 
GLY CA     C  N N 308 
GLY C      C  N N 309 
GLY O      O  N N 310 
GLY OXT    O  N N 311 
GLY H      H  N N 312 
GLY H2     H  N N 313 
GLY HA2    H  N N 314 
GLY HA3    H  N N 315 
GLY HXT    H  N N 316 
HIS N      N  N N 317 
HIS CA     C  N S 318 
HIS C      C  N N 319 
HIS O      O  N N 320 
HIS CB     C  N N 321 
HIS CG     C  Y N 322 
HIS ND1    N  Y N 323 
HIS CD2    C  Y N 324 
HIS CE1    C  Y N 325 
HIS NE2    N  Y N 326 
HIS OXT    O  N N 327 
HIS H      H  N N 328 
HIS H2     H  N N 329 
HIS HA     H  N N 330 
HIS HB2    H  N N 331 
HIS HB3    H  N N 332 
HIS HD1    H  N N 333 
HIS HD2    H  N N 334 
HIS HE1    H  N N 335 
HIS HE2    H  N N 336 
HIS HXT    H  N N 337 
HOH O      O  N N 338 
HOH H1     H  N N 339 
HOH H2     H  N N 340 
ILE N      N  N N 341 
ILE CA     C  N S 342 
ILE C      C  N N 343 
ILE O      O  N N 344 
ILE CB     C  N S 345 
ILE CG1    C  N N 346 
ILE CG2    C  N N 347 
ILE CD1    C  N N 348 
ILE OXT    O  N N 349 
ILE H      H  N N 350 
ILE H2     H  N N 351 
ILE HA     H  N N 352 
ILE HB     H  N N 353 
ILE HG12   H  N N 354 
ILE HG13   H  N N 355 
ILE HG21   H  N N 356 
ILE HG22   H  N N 357 
ILE HG23   H  N N 358 
ILE HD11   H  N N 359 
ILE HD12   H  N N 360 
ILE HD13   H  N N 361 
ILE HXT    H  N N 362 
LEU N      N  N N 363 
LEU CA     C  N S 364 
LEU C      C  N N 365 
LEU O      O  N N 366 
LEU CB     C  N N 367 
LEU CG     C  N N 368 
LEU CD1    C  N N 369 
LEU CD2    C  N N 370 
LEU OXT    O  N N 371 
LEU H      H  N N 372 
LEU H2     H  N N 373 
LEU HA     H  N N 374 
LEU HB2    H  N N 375 
LEU HB3    H  N N 376 
LEU HG     H  N N 377 
LEU HD11   H  N N 378 
LEU HD12   H  N N 379 
LEU HD13   H  N N 380 
LEU HD21   H  N N 381 
LEU HD22   H  N N 382 
LEU HD23   H  N N 383 
LEU HXT    H  N N 384 
LYS N      N  N N 385 
LYS CA     C  N S 386 
LYS C      C  N N 387 
LYS O      O  N N 388 
LYS CB     C  N N 389 
LYS CG     C  N N 390 
LYS CD     C  N N 391 
LYS CE     C  N N 392 
LYS NZ     N  N N 393 
LYS OXT    O  N N 394 
LYS H      H  N N 395 
LYS H2     H  N N 396 
LYS HA     H  N N 397 
LYS HB2    H  N N 398 
LYS HB3    H  N N 399 
LYS HG2    H  N N 400 
LYS HG3    H  N N 401 
LYS HD2    H  N N 402 
LYS HD3    H  N N 403 
LYS HE2    H  N N 404 
LYS HE3    H  N N 405 
LYS HZ1    H  N N 406 
LYS HZ2    H  N N 407 
LYS HZ3    H  N N 408 
LYS HXT    H  N N 409 
PRO N      N  N N 410 
PRO CA     C  N S 411 
PRO C      C  N N 412 
PRO O      O  N N 413 
PRO CB     C  N N 414 
PRO CG     C  N N 415 
PRO CD     C  N N 416 
PRO OXT    O  N N 417 
PRO H      H  N N 418 
PRO HA     H  N N 419 
PRO HB2    H  N N 420 
PRO HB3    H  N N 421 
PRO HG2    H  N N 422 
PRO HG3    H  N N 423 
PRO HD2    H  N N 424 
PRO HD3    H  N N 425 
PRO HXT    H  N N 426 
SER N      N  N N 427 
SER CA     C  N S 428 
SER C      C  N N 429 
SER O      O  N N 430 
SER CB     C  N N 431 
SER OG     O  N N 432 
SER OXT    O  N N 433 
SER H      H  N N 434 
SER H2     H  N N 435 
SER HA     H  N N 436 
SER HB2    H  N N 437 
SER HB3    H  N N 438 
SER HG     H  N N 439 
SER HXT    H  N N 440 
THR N      N  N N 441 
THR CA     C  N S 442 
THR C      C  N N 443 
THR O      O  N N 444 
THR CB     C  N R 445 
THR OG1    O  N N 446 
THR CG2    C  N N 447 
THR OXT    O  N N 448 
THR H      H  N N 449 
THR H2     H  N N 450 
THR HA     H  N N 451 
THR HB     H  N N 452 
THR HG1    H  N N 453 
THR HG21   H  N N 454 
THR HG22   H  N N 455 
THR HG23   H  N N 456 
THR HXT    H  N N 457 
VAL N      N  N N 458 
VAL CA     C  N S 459 
VAL C      C  N N 460 
VAL O      O  N N 461 
VAL CB     C  N N 462 
VAL CG1    C  N N 463 
VAL CG2    C  N N 464 
VAL OXT    O  N N 465 
VAL H      H  N N 466 
VAL H2     H  N N 467 
VAL HA     H  N N 468 
VAL HB     H  N N 469 
VAL HG11   H  N N 470 
VAL HG12   H  N N 471 
VAL HG13   H  N N 472 
VAL HG21   H  N N 473 
VAL HG22   H  N N 474 
VAL HG23   H  N N 475 
VAL HXT    H  N N 476 
ZN  ZN     ZN N N 477 
# 
loop_
_chem_comp_bond.comp_id 
_chem_comp_bond.atom_id_1 
_chem_comp_bond.atom_id_2 
_chem_comp_bond.value_order 
_chem_comp_bond.pdbx_aromatic_flag 
_chem_comp_bond.pdbx_stereo_config 
_chem_comp_bond.pdbx_ordinal 
1CC O22   C21    doub N N 1   
1CC N4    C4     sing N N 2   
1CC C21   O23    sing N N 3   
1CC C21   C5     sing N N 4   
1CC OP1   P      doub N N 5   
1CC C4    C5     sing N N 6   
1CC C4    N3     doub N N 7   
1CC C5    C6     doub N N 8   
1CC N3    C2     sing N N 9   
1CC OP2   P      sing N N 10  
1CC C6    N1     sing N N 11  
1CC P     "O5'"  sing N N 12  
1CC C2    N1     sing N N 13  
1CC C2    O2     doub N N 14  
1CC N1    "C1'"  sing N N 15  
1CC "O5'" "C5'"  sing N N 16  
1CC "C5'" "C4'"  sing N N 17  
1CC "C2'" "C1'"  sing N N 18  
1CC "C2'" "C3'"  sing N N 19  
1CC "C1'" "O4'"  sing N N 20  
1CC "C3'" "C4'"  sing N N 21  
1CC "C3'" "O3'"  sing N N 22  
1CC "O4'" "C4'"  sing N N 23  
1CC OP2   HOP2   sing N N 24  
1CC "C5'" "H5''" sing N N 25  
1CC "C5'" "H5'"  sing N N 26  
1CC "C4'" "H4'"  sing N N 27  
1CC "C3'" "H3'"  sing N N 28  
1CC "C2'" "H2''" sing N N 29  
1CC "C2'" "H2'"  sing N N 30  
1CC "C1'" "H1'"  sing N N 31  
1CC C6    H6     sing N N 32  
1CC N4    H42    sing N N 33  
1CC N4    H41    sing N N 34  
1CC O23   H5     sing N N 35  
1CC "O3'" "HO3'" sing N N 36  
1CC P     OP3    sing N N 37  
1CC OP3   HOP3   sing N N 38  
ALA N     CA     sing N N 39  
ALA N     H      sing N N 40  
ALA N     H2     sing N N 41  
ALA CA    C      sing N N 42  
ALA CA    CB     sing N N 43  
ALA CA    HA     sing N N 44  
ALA C     O      doub N N 45  
ALA C     OXT    sing N N 46  
ALA CB    HB1    sing N N 47  
ALA CB    HB2    sing N N 48  
ALA CB    HB3    sing N N 49  
ALA OXT   HXT    sing N N 50  
ARG N     CA     sing N N 51  
ARG N     H      sing N N 52  
ARG N     H2     sing N N 53  
ARG CA    C      sing N N 54  
ARG CA    CB     sing N N 55  
ARG CA    HA     sing N N 56  
ARG C     O      doub N N 57  
ARG C     OXT    sing N N 58  
ARG CB    CG     sing N N 59  
ARG CB    HB2    sing N N 60  
ARG CB    HB3    sing N N 61  
ARG CG    CD     sing N N 62  
ARG CG    HG2    sing N N 63  
ARG CG    HG3    sing N N 64  
ARG CD    NE     sing N N 65  
ARG CD    HD2    sing N N 66  
ARG CD    HD3    sing N N 67  
ARG NE    CZ     sing N N 68  
ARG NE    HE     sing N N 69  
ARG CZ    NH1    sing N N 70  
ARG CZ    NH2    doub N N 71  
ARG NH1   HH11   sing N N 72  
ARG NH1   HH12   sing N N 73  
ARG NH2   HH21   sing N N 74  
ARG NH2   HH22   sing N N 75  
ARG OXT   HXT    sing N N 76  
ASN N     CA     sing N N 77  
ASN N     H      sing N N 78  
ASN N     H2     sing N N 79  
ASN CA    C      sing N N 80  
ASN CA    CB     sing N N 81  
ASN CA    HA     sing N N 82  
ASN C     O      doub N N 83  
ASN C     OXT    sing N N 84  
ASN CB    CG     sing N N 85  
ASN CB    HB2    sing N N 86  
ASN CB    HB3    sing N N 87  
ASN CG    OD1    doub N N 88  
ASN CG    ND2    sing N N 89  
ASN ND2   HD21   sing N N 90  
ASN ND2   HD22   sing N N 91  
ASN OXT   HXT    sing N N 92  
ASP N     CA     sing N N 93  
ASP N     H      sing N N 94  
ASP N     H2     sing N N 95  
ASP CA    C      sing N N 96  
ASP CA    CB     sing N N 97  
ASP CA    HA     sing N N 98  
ASP C     O      doub N N 99  
ASP C     OXT    sing N N 100 
ASP CB    CG     sing N N 101 
ASP CB    HB2    sing N N 102 
ASP CB    HB3    sing N N 103 
ASP CG    OD1    doub N N 104 
ASP CG    OD2    sing N N 105 
ASP OD2   HD2    sing N N 106 
ASP OXT   HXT    sing N N 107 
CYS N     CA     sing N N 108 
CYS N     H      sing N N 109 
CYS N     H2     sing N N 110 
CYS CA    C      sing N N 111 
CYS CA    CB     sing N N 112 
CYS CA    HA     sing N N 113 
CYS C     O      doub N N 114 
CYS C     OXT    sing N N 115 
CYS CB    SG     sing N N 116 
CYS CB    HB2    sing N N 117 
CYS CB    HB3    sing N N 118 
CYS SG    HG     sing N N 119 
CYS OXT   HXT    sing N N 120 
DA  OP3   P      sing N N 121 
DA  OP3   HOP3   sing N N 122 
DA  P     OP1    doub N N 123 
DA  P     OP2    sing N N 124 
DA  P     "O5'"  sing N N 125 
DA  OP2   HOP2   sing N N 126 
DA  "O5'" "C5'"  sing N N 127 
DA  "C5'" "C4'"  sing N N 128 
DA  "C5'" "H5'"  sing N N 129 
DA  "C5'" "H5''" sing N N 130 
DA  "C4'" "O4'"  sing N N 131 
DA  "C4'" "C3'"  sing N N 132 
DA  "C4'" "H4'"  sing N N 133 
DA  "O4'" "C1'"  sing N N 134 
DA  "C3'" "O3'"  sing N N 135 
DA  "C3'" "C2'"  sing N N 136 
DA  "C3'" "H3'"  sing N N 137 
DA  "O3'" "HO3'" sing N N 138 
DA  "C2'" "C1'"  sing N N 139 
DA  "C2'" "H2'"  sing N N 140 
DA  "C2'" "H2''" sing N N 141 
DA  "C1'" N9     sing N N 142 
DA  "C1'" "H1'"  sing N N 143 
DA  N9    C8     sing Y N 144 
DA  N9    C4     sing Y N 145 
DA  C8    N7     doub Y N 146 
DA  C8    H8     sing N N 147 
DA  N7    C5     sing Y N 148 
DA  C5    C6     sing Y N 149 
DA  C5    C4     doub Y N 150 
DA  C6    N6     sing N N 151 
DA  C6    N1     doub Y N 152 
DA  N6    H61    sing N N 153 
DA  N6    H62    sing N N 154 
DA  N1    C2     sing Y N 155 
DA  C2    N3     doub Y N 156 
DA  C2    H2     sing N N 157 
DA  N3    C4     sing Y N 158 
DC  OP3   P      sing N N 159 
DC  OP3   HOP3   sing N N 160 
DC  P     OP1    doub N N 161 
DC  P     OP2    sing N N 162 
DC  P     "O5'"  sing N N 163 
DC  OP2   HOP2   sing N N 164 
DC  "O5'" "C5'"  sing N N 165 
DC  "C5'" "C4'"  sing N N 166 
DC  "C5'" "H5'"  sing N N 167 
DC  "C5'" "H5''" sing N N 168 
DC  "C4'" "O4'"  sing N N 169 
DC  "C4'" "C3'"  sing N N 170 
DC  "C4'" "H4'"  sing N N 171 
DC  "O4'" "C1'"  sing N N 172 
DC  "C3'" "O3'"  sing N N 173 
DC  "C3'" "C2'"  sing N N 174 
DC  "C3'" "H3'"  sing N N 175 
DC  "O3'" "HO3'" sing N N 176 
DC  "C2'" "C1'"  sing N N 177 
DC  "C2'" "H2'"  sing N N 178 
DC  "C2'" "H2''" sing N N 179 
DC  "C1'" N1     sing N N 180 
DC  "C1'" "H1'"  sing N N 181 
DC  N1    C2     sing N N 182 
DC  N1    C6     sing N N 183 
DC  C2    O2     doub N N 184 
DC  C2    N3     sing N N 185 
DC  N3    C4     doub N N 186 
DC  C4    N4     sing N N 187 
DC  C4    C5     sing N N 188 
DC  N4    H41    sing N N 189 
DC  N4    H42    sing N N 190 
DC  C5    C6     doub N N 191 
DC  C5    H5     sing N N 192 
DC  C6    H6     sing N N 193 
DG  OP3   P      sing N N 194 
DG  OP3   HOP3   sing N N 195 
DG  P     OP1    doub N N 196 
DG  P     OP2    sing N N 197 
DG  P     "O5'"  sing N N 198 
DG  OP2   HOP2   sing N N 199 
DG  "O5'" "C5'"  sing N N 200 
DG  "C5'" "C4'"  sing N N 201 
DG  "C5'" "H5'"  sing N N 202 
DG  "C5'" "H5''" sing N N 203 
DG  "C4'" "O4'"  sing N N 204 
DG  "C4'" "C3'"  sing N N 205 
DG  "C4'" "H4'"  sing N N 206 
DG  "O4'" "C1'"  sing N N 207 
DG  "C3'" "O3'"  sing N N 208 
DG  "C3'" "C2'"  sing N N 209 
DG  "C3'" "H3'"  sing N N 210 
DG  "O3'" "HO3'" sing N N 211 
DG  "C2'" "C1'"  sing N N 212 
DG  "C2'" "H2'"  sing N N 213 
DG  "C2'" "H2''" sing N N 214 
DG  "C1'" N9     sing N N 215 
DG  "C1'" "H1'"  sing N N 216 
DG  N9    C8     sing Y N 217 
DG  N9    C4     sing Y N 218 
DG  C8    N7     doub Y N 219 
DG  C8    H8     sing N N 220 
DG  N7    C5     sing Y N 221 
DG  C5    C6     sing N N 222 
DG  C5    C4     doub Y N 223 
DG  C6    O6     doub N N 224 
DG  C6    N1     sing N N 225 
DG  N1    C2     sing N N 226 
DG  N1    H1     sing N N 227 
DG  C2    N2     sing N N 228 
DG  C2    N3     doub N N 229 
DG  N2    H21    sing N N 230 
DG  N2    H22    sing N N 231 
DG  N3    C4     sing N N 232 
DT  OP3   P      sing N N 233 
DT  OP3   HOP3   sing N N 234 
DT  P     OP1    doub N N 235 
DT  P     OP2    sing N N 236 
DT  P     "O5'"  sing N N 237 
DT  OP2   HOP2   sing N N 238 
DT  "O5'" "C5'"  sing N N 239 
DT  "C5'" "C4'"  sing N N 240 
DT  "C5'" "H5'"  sing N N 241 
DT  "C5'" "H5''" sing N N 242 
DT  "C4'" "O4'"  sing N N 243 
DT  "C4'" "C3'"  sing N N 244 
DT  "C4'" "H4'"  sing N N 245 
DT  "O4'" "C1'"  sing N N 246 
DT  "C3'" "O3'"  sing N N 247 
DT  "C3'" "C2'"  sing N N 248 
DT  "C3'" "H3'"  sing N N 249 
DT  "O3'" "HO3'" sing N N 250 
DT  "C2'" "C1'"  sing N N 251 
DT  "C2'" "H2'"  sing N N 252 
DT  "C2'" "H2''" sing N N 253 
DT  "C1'" N1     sing N N 254 
DT  "C1'" "H1'"  sing N N 255 
DT  N1    C2     sing N N 256 
DT  N1    C6     sing N N 257 
DT  C2    O2     doub N N 258 
DT  C2    N3     sing N N 259 
DT  N3    C4     sing N N 260 
DT  N3    H3     sing N N 261 
DT  C4    O4     doub N N 262 
DT  C4    C5     sing N N 263 
DT  C5    C7     sing N N 264 
DT  C5    C6     doub N N 265 
DT  C7    H71    sing N N 266 
DT  C7    H72    sing N N 267 
DT  C7    H73    sing N N 268 
DT  C6    H6     sing N N 269 
GLN N     CA     sing N N 270 
GLN N     H      sing N N 271 
GLN N     H2     sing N N 272 
GLN CA    C      sing N N 273 
GLN CA    CB     sing N N 274 
GLN CA    HA     sing N N 275 
GLN C     O      doub N N 276 
GLN C     OXT    sing N N 277 
GLN CB    CG     sing N N 278 
GLN CB    HB2    sing N N 279 
GLN CB    HB3    sing N N 280 
GLN CG    CD     sing N N 281 
GLN CG    HG2    sing N N 282 
GLN CG    HG3    sing N N 283 
GLN CD    OE1    doub N N 284 
GLN CD    NE2    sing N N 285 
GLN NE2   HE21   sing N N 286 
GLN NE2   HE22   sing N N 287 
GLN OXT   HXT    sing N N 288 
GLU N     CA     sing N N 289 
GLU N     H      sing N N 290 
GLU N     H2     sing N N 291 
GLU CA    C      sing N N 292 
GLU CA    CB     sing N N 293 
GLU CA    HA     sing N N 294 
GLU C     O      doub N N 295 
GLU C     OXT    sing N N 296 
GLU CB    CG     sing N N 297 
GLU CB    HB2    sing N N 298 
GLU CB    HB3    sing N N 299 
GLU CG    CD     sing N N 300 
GLU CG    HG2    sing N N 301 
GLU CG    HG3    sing N N 302 
GLU CD    OE1    doub N N 303 
GLU CD    OE2    sing N N 304 
GLU OE2   HE2    sing N N 305 
GLU OXT   HXT    sing N N 306 
GLY N     CA     sing N N 307 
GLY N     H      sing N N 308 
GLY N     H2     sing N N 309 
GLY CA    C      sing N N 310 
GLY CA    HA2    sing N N 311 
GLY CA    HA3    sing N N 312 
GLY C     O      doub N N 313 
GLY C     OXT    sing N N 314 
GLY OXT   HXT    sing N N 315 
HIS N     CA     sing N N 316 
HIS N     H      sing N N 317 
HIS N     H2     sing N N 318 
HIS CA    C      sing N N 319 
HIS CA    CB     sing N N 320 
HIS CA    HA     sing N N 321 
HIS C     O      doub N N 322 
HIS C     OXT    sing N N 323 
HIS CB    CG     sing N N 324 
HIS CB    HB2    sing N N 325 
HIS CB    HB3    sing N N 326 
HIS CG    ND1    sing Y N 327 
HIS CG    CD2    doub Y N 328 
HIS ND1   CE1    doub Y N 329 
HIS ND1   HD1    sing N N 330 
HIS CD2   NE2    sing Y N 331 
HIS CD2   HD2    sing N N 332 
HIS CE1   NE2    sing Y N 333 
HIS CE1   HE1    sing N N 334 
HIS NE2   HE2    sing N N 335 
HIS OXT   HXT    sing N N 336 
HOH O     H1     sing N N 337 
HOH O     H2     sing N N 338 
ILE N     CA     sing N N 339 
ILE N     H      sing N N 340 
ILE N     H2     sing N N 341 
ILE CA    C      sing N N 342 
ILE CA    CB     sing N N 343 
ILE CA    HA     sing N N 344 
ILE C     O      doub N N 345 
ILE C     OXT    sing N N 346 
ILE CB    CG1    sing N N 347 
ILE CB    CG2    sing N N 348 
ILE CB    HB     sing N N 349 
ILE CG1   CD1    sing N N 350 
ILE CG1   HG12   sing N N 351 
ILE CG1   HG13   sing N N 352 
ILE CG2   HG21   sing N N 353 
ILE CG2   HG22   sing N N 354 
ILE CG2   HG23   sing N N 355 
ILE CD1   HD11   sing N N 356 
ILE CD1   HD12   sing N N 357 
ILE CD1   HD13   sing N N 358 
ILE OXT   HXT    sing N N 359 
LEU N     CA     sing N N 360 
LEU N     H      sing N N 361 
LEU N     H2     sing N N 362 
LEU CA    C      sing N N 363 
LEU CA    CB     sing N N 364 
LEU CA    HA     sing N N 365 
LEU C     O      doub N N 366 
LEU C     OXT    sing N N 367 
LEU CB    CG     sing N N 368 
LEU CB    HB2    sing N N 369 
LEU CB    HB3    sing N N 370 
LEU CG    CD1    sing N N 371 
LEU CG    CD2    sing N N 372 
LEU CG    HG     sing N N 373 
LEU CD1   HD11   sing N N 374 
LEU CD1   HD12   sing N N 375 
LEU CD1   HD13   sing N N 376 
LEU CD2   HD21   sing N N 377 
LEU CD2   HD22   sing N N 378 
LEU CD2   HD23   sing N N 379 
LEU OXT   HXT    sing N N 380 
LYS N     CA     sing N N 381 
LYS N     H      sing N N 382 
LYS N     H2     sing N N 383 
LYS CA    C      sing N N 384 
LYS CA    CB     sing N N 385 
LYS CA    HA     sing N N 386 
LYS C     O      doub N N 387 
LYS C     OXT    sing N N 388 
LYS CB    CG     sing N N 389 
LYS CB    HB2    sing N N 390 
LYS CB    HB3    sing N N 391 
LYS CG    CD     sing N N 392 
LYS CG    HG2    sing N N 393 
LYS CG    HG3    sing N N 394 
LYS CD    CE     sing N N 395 
LYS CD    HD2    sing N N 396 
LYS CD    HD3    sing N N 397 
LYS CE    NZ     sing N N 398 
LYS CE    HE2    sing N N 399 
LYS CE    HE3    sing N N 400 
LYS NZ    HZ1    sing N N 401 
LYS NZ    HZ2    sing N N 402 
LYS NZ    HZ3    sing N N 403 
LYS OXT   HXT    sing N N 404 
PRO N     CA     sing N N 405 
PRO N     CD     sing N N 406 
PRO N     H      sing N N 407 
PRO CA    C      sing N N 408 
PRO CA    CB     sing N N 409 
PRO CA    HA     sing N N 410 
PRO C     O      doub N N 411 
PRO C     OXT    sing N N 412 
PRO CB    CG     sing N N 413 
PRO CB    HB2    sing N N 414 
PRO CB    HB3    sing N N 415 
PRO CG    CD     sing N N 416 
PRO CG    HG2    sing N N 417 
PRO CG    HG3    sing N N 418 
PRO CD    HD2    sing N N 419 
PRO CD    HD3    sing N N 420 
PRO OXT   HXT    sing N N 421 
SER N     CA     sing N N 422 
SER N     H      sing N N 423 
SER N     H2     sing N N 424 
SER CA    C      sing N N 425 
SER CA    CB     sing N N 426 
SER CA    HA     sing N N 427 
SER C     O      doub N N 428 
SER C     OXT    sing N N 429 
SER CB    OG     sing N N 430 
SER CB    HB2    sing N N 431 
SER CB    HB3    sing N N 432 
SER OG    HG     sing N N 433 
SER OXT   HXT    sing N N 434 
THR N     CA     sing N N 435 
THR N     H      sing N N 436 
THR N     H2     sing N N 437 
THR CA    C      sing N N 438 
THR CA    CB     sing N N 439 
THR CA    HA     sing N N 440 
THR C     O      doub N N 441 
THR C     OXT    sing N N 442 
THR CB    OG1    sing N N 443 
THR CB    CG2    sing N N 444 
THR CB    HB     sing N N 445 
THR OG1   HG1    sing N N 446 
THR CG2   HG21   sing N N 447 
THR CG2   HG22   sing N N 448 
THR CG2   HG23   sing N N 449 
THR OXT   HXT    sing N N 450 
VAL N     CA     sing N N 451 
VAL N     H      sing N N 452 
VAL N     H2     sing N N 453 
VAL CA    C      sing N N 454 
VAL CA    CB     sing N N 455 
VAL CA    HA     sing N N 456 
VAL C     O      doub N N 457 
VAL C     OXT    sing N N 458 
VAL CB    CG1    sing N N 459 
VAL CB    CG2    sing N N 460 
VAL CB    HB     sing N N 461 
VAL CG1   HG11   sing N N 462 
VAL CG1   HG12   sing N N 463 
VAL CG1   HG13   sing N N 464 
VAL CG2   HG21   sing N N 465 
VAL CG2   HG22   sing N N 466 
VAL CG2   HG23   sing N N 467 
VAL OXT   HXT    sing N N 468 
# 
_ndb_struct_conf_na.entry_id   5EXH 
_ndb_struct_conf_na.feature    'b-form double helix' 
# 
loop_
_ndb_struct_na_base_pair.model_number 
_ndb_struct_na_base_pair.i_label_asym_id 
_ndb_struct_na_base_pair.i_label_comp_id 
_ndb_struct_na_base_pair.i_label_seq_id 
_ndb_struct_na_base_pair.i_symmetry 
_ndb_struct_na_base_pair.j_label_asym_id 
_ndb_struct_na_base_pair.j_label_comp_id 
_ndb_struct_na_base_pair.j_label_seq_id 
_ndb_struct_na_base_pair.j_symmetry 
_ndb_struct_na_base_pair.shear 
_ndb_struct_na_base_pair.stretch 
_ndb_struct_na_base_pair.stagger 
_ndb_struct_na_base_pair.buckle 
_ndb_struct_na_base_pair.propeller 
_ndb_struct_na_base_pair.opening 
_ndb_struct_na_base_pair.pair_number 
_ndb_struct_na_base_pair.pair_name 
_ndb_struct_na_base_pair.i_auth_asym_id 
_ndb_struct_na_base_pair.i_auth_seq_id 
_ndb_struct_na_base_pair.i_PDB_ins_code 
_ndb_struct_na_base_pair.j_auth_asym_id 
_ndb_struct_na_base_pair.j_auth_seq_id 
_ndb_struct_na_base_pair.j_PDB_ins_code 
_ndb_struct_na_base_pair.hbond_type_28 
_ndb_struct_na_base_pair.hbond_type_12 
1 A DG  1  1_555 B DC  12 1_555 -0.237 -0.156 -0.220 0.894  -8.682  0.594  1  A_DG1:DC12_B A 1  ? B 12 ? 19 1 
1 A DA  2  1_555 B DT  11 1_555 -0.008 -0.140 -0.162 -4.745 -11.581 -0.427 2  A_DA2:DT11_B A 2  ? B 11 ? 20 1 
1 A DA  3  1_555 B DT  10 1_555 0.115  -0.143 0.088  -1.702 -10.965 1.801  3  A_DA3:DT10_B A 3  ? B 10 ? 20 1 
1 A DT  4  1_555 B DA  9  1_555 0.060  -0.149 -0.016 5.879  -2.491  4.534  4  A_DT4:DA9_B  A 4  ? B 9  ? 20 1 
1 A DC  5  1_555 B DG  8  1_555 0.065  -0.154 0.046  2.385  -15.765 -3.623 5  A_DC5:DG8_B  A 5  ? B 8  ? 19 1 
1 A 1CC 6  1_555 B DG  7  1_555 0.081  -0.156 0.078  -4.752 -3.687  -0.886 6  A_1CC6:DG7_B A 6  ? B 7  ? 19 1 
1 A DG  7  1_555 B 1CC 6  1_555 -0.235 -0.132 0.366  19.622 1.728   -1.859 7  A_DG7:1CC6_B A 7  ? B 6  ? 19 1 
1 A DG  8  1_555 B DC  5  1_555 -0.210 -0.123 -0.167 7.861  -9.287  0.240  8  A_DG8:DC5_B  A 8  ? B 5  ? 19 1 
1 A DA  9  1_555 B DT  4  1_555 0.075  -0.185 -0.093 -0.183 -15.424 3.854  9  A_DA9:DT4_B  A 9  ? B 4  ? 20 1 
1 A DT  10 1_555 B DA  3  1_555 -0.135 -0.073 0.050  -5.018 -16.865 1.855  10 A_DT10:DA3_B A 10 ? B 3  ? 20 1 
1 A DT  11 1_555 B DA  2  1_555 -0.117 -0.126 -0.107 -5.478 -7.800  -0.170 11 A_DT11:DA2_B A 11 ? B 2  ? 20 1 
1 A DC  12 1_555 B DG  1  1_555 0.229  -0.162 -0.185 -2.759 -7.458  -0.278 12 A_DC12:DG1_B A 12 ? B 1  ? 19 1 
# 
loop_
_ndb_struct_na_base_pair_step.model_number 
_ndb_struct_na_base_pair_step.i_label_asym_id_1 
_ndb_struct_na_base_pair_step.i_label_comp_id_1 
_ndb_struct_na_base_pair_step.i_label_seq_id_1 
_ndb_struct_na_base_pair_step.i_symmetry_1 
_ndb_struct_na_base_pair_step.j_label_asym_id_1 
_ndb_struct_na_base_pair_step.j_label_comp_id_1 
_ndb_struct_na_base_pair_step.j_label_seq_id_1 
_ndb_struct_na_base_pair_step.j_symmetry_1 
_ndb_struct_na_base_pair_step.i_label_asym_id_2 
_ndb_struct_na_base_pair_step.i_label_comp_id_2 
_ndb_struct_na_base_pair_step.i_label_seq_id_2 
_ndb_struct_na_base_pair_step.i_symmetry_2 
_ndb_struct_na_base_pair_step.j_label_asym_id_2 
_ndb_struct_na_base_pair_step.j_label_comp_id_2 
_ndb_struct_na_base_pair_step.j_label_seq_id_2 
_ndb_struct_na_base_pair_step.j_symmetry_2 
_ndb_struct_na_base_pair_step.shift 
_ndb_struct_na_base_pair_step.slide 
_ndb_struct_na_base_pair_step.rise 
_ndb_struct_na_base_pair_step.tilt 
_ndb_struct_na_base_pair_step.roll 
_ndb_struct_na_base_pair_step.twist 
_ndb_struct_na_base_pair_step.x_displacement 
_ndb_struct_na_base_pair_step.y_displacement 
_ndb_struct_na_base_pair_step.helical_rise 
_ndb_struct_na_base_pair_step.inclination 
_ndb_struct_na_base_pair_step.tip 
_ndb_struct_na_base_pair_step.helical_twist 
_ndb_struct_na_base_pair_step.step_number 
_ndb_struct_na_base_pair_step.step_name 
_ndb_struct_na_base_pair_step.i_auth_asym_id_1 
_ndb_struct_na_base_pair_step.i_auth_seq_id_1 
_ndb_struct_na_base_pair_step.i_PDB_ins_code_1 
_ndb_struct_na_base_pair_step.j_auth_asym_id_1 
_ndb_struct_na_base_pair_step.j_auth_seq_id_1 
_ndb_struct_na_base_pair_step.j_PDB_ins_code_1 
_ndb_struct_na_base_pair_step.i_auth_asym_id_2 
_ndb_struct_na_base_pair_step.i_auth_seq_id_2 
_ndb_struct_na_base_pair_step.i_PDB_ins_code_2 
_ndb_struct_na_base_pair_step.j_auth_asym_id_2 
_ndb_struct_na_base_pair_step.j_auth_seq_id_2 
_ndb_struct_na_base_pair_step.j_PDB_ins_code_2 
1 A DG  1  1_555 B DC  12 1_555 A DA  2  1_555 B DT  11 1_555 -0.904 0.074  3.372 -4.120 2.075  39.554 -0.143 0.828  3.445 3.053  
6.062  39.812 1  AA_DG1DA2:DT11DC12_BB A 1  ? B 12 ? A 2  ? B 11 ? 
1 A DA  2  1_555 B DT  11 1_555 A DA  3  1_555 B DT  10 1_555 0.154  0.064  3.199 -2.410 2.691  33.462 -0.318 -0.651 3.176 4.657  
4.170  33.651 2  AA_DA2DA3:DT10DT11_BB A 2  ? B 11 ? A 3  ? B 10 ? 
1 A DA  3  1_555 B DT  10 1_555 A DT  4  1_555 B DA  9  1_555 0.938  -0.050 3.207 1.244  4.578  28.065 -1.136 -1.627 3.197 9.356  
-2.542 28.455 3  AA_DA3DT4:DA9DT10_BB  A 3  ? B 10 ? A 4  ? B 9  ? 
1 A DT  4  1_555 B DA  9  1_555 A DC  5  1_555 B DG  8  1_555 -1.239 0.362  3.306 -1.818 -1.774 44.013 0.652  1.477  3.336 -2.364 
2.423  44.083 4  AA_DT4DC5:DG8DA9_BB   A 4  ? B 9  ? A 5  ? B 8  ? 
1 A DC  5  1_555 B DG  8  1_555 A 1CC 6  1_555 B DG  7  1_555 1.613  0.224  3.546 2.877  -1.824 37.226 0.614  -2.100 3.642 -2.850 
-4.495 37.376 5  AA_DC51CC6:DG7DG8_BB  A 5  ? B 8  ? A 6  ? B 7  ? 
1 A 1CC 6  1_555 B DG  7  1_555 A DG  7  1_555 B 1CC 6  1_555 -0.024 0.196  2.887 -2.737 2.613  27.286 -0.155 -0.543 2.882 5.505  
5.766  27.542 6  AA_1CC6DG7:1CC6DG7_BB A 6  ? B 7  ? A 7  ? B 6  ? 
1 A DG  7  1_555 B 1CC 6  1_555 A DG  8  1_555 B DC  5  1_555 -1.063 -0.459 3.609 -0.346 5.837  35.181 -1.676 1.681  3.501 9.575  
0.568  35.649 7  AA_DG7DG8:DC51CC6_BB  A 7  ? B 6  ? A 8  ? B 5  ? 
1 A DG  8  1_555 B DC  5  1_555 A DA  9  1_555 B DT  4  1_555 -0.086 0.042  3.412 -1.837 4.133  42.727 -0.370 -0.072 3.402 5.654  
2.513  42.954 8  AA_DG8DA9:DT4DC5_BB   A 8  ? B 5  ? A 9  ? B 4  ? 
1 A DA  9  1_555 B DT  4  1_555 A DT  10 1_555 B DA  3  1_555 -0.249 -0.354 3.368 -0.647 -4.782 33.322 0.199  0.321  3.389 -8.285 
1.121  33.660 9  AA_DA9DT10:DA3DT4_BB  A 9  ? B 4  ? A 10 ? B 3  ? 
1 A DT  10 1_555 B DA  3  1_555 A DT  11 1_555 B DA  2  1_555 0.989  0.419  3.270 4.193  0.655  38.153 0.555  -0.972 3.362 0.998  
-6.390 38.380 10 AA_DT10DT11:DA2DA3_BB A 10 ? B 3  ? A 11 ? B 2  ? 
1 A DT  11 1_555 B DA  2  1_555 A DC  12 1_555 B DG  1  1_555 0.285  -0.131 3.230 1.302  1.596  31.708 -0.528 -0.284 3.228 2.916  
-2.379 31.773 11 AA_DT11DC12:DG1DA2_BB A 11 ? B 2  ? A 12 ? B 1  ? 
# 
loop_
_pdbx_entity_nonpoly.entity_id 
_pdbx_entity_nonpoly.name 
_pdbx_entity_nonpoly.comp_id 
3 'ZINC ION' ZN  
4 water      HOH 
# 
_pdbx_initial_refinement_model.id               1 
_pdbx_initial_refinement_model.entity_id_list   ? 
_pdbx_initial_refinement_model.type             'experimental model' 
_pdbx_initial_refinement_model.source_name      PDB 
_pdbx_initial_refinement_model.accession_code   4HP1 
_pdbx_initial_refinement_model.details          ? 
# 
